data_9LGY
#
_entry.id   9LGY
#
_cell.length_a   1.00
_cell.length_b   1.00
_cell.length_c   1.00
_cell.angle_alpha   90.00
_cell.angle_beta   90.00
_cell.angle_gamma   90.00
#
_symmetry.space_group_name_H-M   'P 1'
#
loop_
_entity.id
_entity.type
_entity.pdbx_description
1 polymer 'CsCER2 like1'
2 polymer '3-ketoacyl-CoA synthase'
3 non-polymer DODECANE
4 non-polymer HEXADECANE
#
loop_
_entity_poly.entity_id
_entity_poly.type
_entity_poly.pdbx_seq_one_letter_code
_entity_poly.pdbx_strand_id
1 'polypeptide(L)'
;MASWSHPQFEKGGGARGGSGGGSWSHPQFEKGSMVNDLLIHSIRLSSVGPGKATGSDVVHELSGMDLAMKLHYLKGFYIF
RSHAVQGLSVKLIKESTFYLFNNYYWTCARLRRSDSGRPYLKCNDCGARFVEAQCDKTVDELLEMGDYSSFPNLLVYHQP
IGPDLAFSPPIYLQVTWFKCGGMSLGMSWAHILGDAFSACEFINKMGQVLTAIKANGPPTCAKSISPGKIVKLEMSSSFF
KPKDPISIKWVDPVGDHWVTANNSKMDTFSFHLTDSRISHLQSNFRNHHQIPVFESLCAIIWQCVAKIRDGFGPNNVTIC
KKGSHIRENGNLSNGQIISAFQADFSVMEADLEKLAKVLCYEAVEDERSRIEETMEKGNGVADYIVYGANLTFVNWEDAD
VYGLELNGEKADFASFSIQGVGDEGAVLVLPGGKGRILKIILPEDQILKLKTELKMNGVL
;
A,C
2 'polypeptide(L)'
;MDYKDDDDKGDYKDDDDKIDYKDDDDKGSMPQTLPDFSNSVKLKYVKLGYQYLVNHILYLLLVPIMVAILIEVLRLGPDE
ILNLWKSLHFDLVQILCSSFLIIFIATVYFMSKPRHVYLVDYACYKPPVTCRVPFATFMEHSRLILKNNPKSVEFQMRIL
ERSGLGEETCLPPAIHYIPPTPTMEAARGEAELVIFSAMDSLLQKTGLKPKDIDILIVNCSLFSPTPSLSAMVINKYKLR
SNIKSFNLSGMGCSAGLISIDLARDLLQVHPNSNAVVVSTEIITPNYYQGNERAMLLPNCLFRMGGAAILLSNRRRNRSR
AKYRLVHVVRTHKGADDKAYRCVFEEEDKEGKVGISLSKDLMAIAGEALKSNITTIGPLVLPASEQLLFLMTLIGRKIFN
PKWKPYIPDFKQAFEHFCIHAGGRAVIDELQKNLQLSAEQVEASRMTLHRFGNTSSSSLWYEMSYIEEKGRMKKGDRVWQ
IAFGSGFKCNSAVWKCNKTIKTTTDNPWSDCIDRYPVHIPEIVKL
;
B,E
#
# COMPACT_ATOMS: atom_id res chain seq x y z
N LEU A 39 -17.79 -21.74 15.29
CA LEU A 39 -17.91 -22.96 14.51
C LEU A 39 -17.52 -22.72 13.05
N ILE A 40 -18.02 -21.63 12.48
CA ILE A 40 -17.75 -21.26 11.09
C ILE A 40 -17.06 -19.90 11.09
N HIS A 41 -15.92 -19.82 10.41
CA HIS A 41 -15.11 -18.61 10.39
C HIS A 41 -14.56 -18.40 8.99
N SER A 42 -14.02 -17.21 8.75
CA SER A 42 -13.37 -16.88 7.48
C SER A 42 -14.37 -16.93 6.33
N ILE A 43 -15.49 -16.22 6.50
CA ILE A 43 -16.53 -16.20 5.48
C ILE A 43 -16.21 -15.14 4.45
N ARG A 44 -16.17 -15.53 3.19
CA ARG A 44 -15.88 -14.64 2.07
C ARG A 44 -17.02 -14.69 1.08
N LEU A 45 -17.49 -13.52 0.65
CA LEU A 45 -18.59 -13.40 -0.29
C LEU A 45 -18.07 -12.99 -1.66
N SER A 46 -18.75 -13.46 -2.69
CA SER A 46 -18.46 -13.07 -4.07
C SER A 46 -19.69 -13.43 -4.91
N SER A 47 -19.56 -13.29 -6.22
CA SER A 47 -20.67 -13.56 -7.12
C SER A 47 -20.24 -14.52 -8.21
N VAL A 48 -21.18 -15.36 -8.63
CA VAL A 48 -21.02 -16.21 -9.81
C VAL A 48 -22.20 -15.93 -10.73
N GLY A 49 -22.13 -16.46 -11.94
CA GLY A 49 -23.19 -16.26 -12.90
C GLY A 49 -22.86 -16.88 -14.23
N PRO A 50 -23.72 -16.65 -15.22
CA PRO A 50 -23.48 -17.23 -16.55
C PRO A 50 -22.17 -16.73 -17.13
N GLY A 51 -21.49 -17.62 -17.85
CA GLY A 51 -20.32 -17.20 -18.60
C GLY A 51 -20.63 -16.55 -19.93
N LYS A 52 -21.86 -16.66 -20.39
CA LYS A 52 -22.30 -16.09 -21.65
C LYS A 52 -23.39 -15.06 -21.37
N ALA A 53 -23.25 -13.87 -21.95
CA ALA A 53 -24.28 -12.86 -21.82
C ALA A 53 -25.56 -13.33 -22.50
N THR A 54 -26.69 -13.10 -21.83
CA THR A 54 -27.98 -13.57 -22.33
C THR A 54 -28.67 -12.58 -23.25
N GLY A 55 -28.13 -11.37 -23.40
CA GLY A 55 -28.76 -10.38 -24.25
C GLY A 55 -29.75 -9.52 -23.49
N SER A 56 -29.83 -8.24 -23.84
CA SER A 56 -30.74 -7.34 -23.16
C SER A 56 -32.19 -7.64 -23.56
N ASP A 57 -33.11 -7.20 -22.73
CA ASP A 57 -34.56 -7.30 -22.91
C ASP A 57 -35.08 -8.70 -22.60
N VAL A 58 -34.24 -9.66 -22.22
CA VAL A 58 -34.71 -10.99 -21.88
C VAL A 58 -35.32 -10.96 -20.48
N VAL A 59 -36.53 -11.51 -20.36
CA VAL A 59 -37.24 -11.60 -19.10
C VAL A 59 -37.67 -13.05 -18.90
N HIS A 60 -38.31 -13.30 -17.76
CA HIS A 60 -38.74 -14.66 -17.40
C HIS A 60 -39.98 -14.53 -16.54
N GLU A 61 -41.12 -14.90 -17.10
CA GLU A 61 -42.39 -14.72 -16.40
C GLU A 61 -42.54 -15.71 -15.26
N LEU A 62 -43.10 -15.23 -14.14
CA LEU A 62 -43.42 -16.06 -13.00
C LEU A 62 -44.89 -16.44 -13.06
N SER A 63 -45.18 -17.73 -13.04
CA SER A 63 -46.55 -18.21 -13.11
C SER A 63 -47.24 -18.07 -11.76
N GLY A 64 -48.50 -18.46 -11.70
CA GLY A 64 -49.25 -18.37 -10.46
C GLY A 64 -48.66 -19.23 -9.37
N MET A 65 -48.22 -20.44 -9.72
CA MET A 65 -47.60 -21.31 -8.73
C MET A 65 -46.33 -20.69 -8.19
N ASP A 66 -45.53 -20.08 -9.07
CA ASP A 66 -44.31 -19.42 -8.62
C ASP A 66 -44.61 -18.30 -7.64
N LEU A 67 -45.63 -17.50 -7.92
CA LEU A 67 -45.96 -16.38 -7.04
C LEU A 67 -46.56 -16.85 -5.73
N ALA A 68 -47.29 -17.97 -5.75
CA ALA A 68 -47.84 -18.50 -4.51
C ALA A 68 -46.77 -19.06 -3.59
N MET A 69 -45.58 -19.36 -4.12
CA MET A 69 -44.47 -19.90 -3.34
C MET A 69 -43.39 -18.85 -3.09
N LYS A 70 -43.66 -17.59 -3.38
CA LYS A 70 -42.63 -16.56 -3.31
C LYS A 70 -42.15 -16.29 -1.89
N LEU A 71 -42.87 -16.75 -0.88
CA LEU A 71 -42.50 -16.53 0.52
C LEU A 71 -41.76 -17.71 1.12
N HIS A 72 -41.43 -18.73 0.32
CA HIS A 72 -40.80 -19.94 0.81
C HIS A 72 -39.42 -20.11 0.16
N TYR A 73 -38.54 -20.81 0.87
CA TYR A 73 -37.20 -21.07 0.38
C TYR A 73 -36.82 -22.50 0.70
N LEU A 74 -35.85 -23.02 -0.06
CA LEU A 74 -35.33 -24.36 0.14
C LEU A 74 -33.89 -24.27 0.60
N LYS A 75 -33.55 -25.04 1.63
CA LYS A 75 -32.19 -25.13 2.14
C LYS A 75 -31.72 -26.57 1.97
N GLY A 76 -30.66 -26.75 1.19
CA GLY A 76 -30.14 -28.10 0.99
C GLY A 76 -28.64 -28.17 1.10
N PHE A 77 -28.13 -29.06 1.95
CA PHE A 77 -26.70 -29.15 2.17
C PHE A 77 -26.20 -30.58 1.98
N TYR A 78 -25.02 -30.71 1.39
CA TYR A 78 -24.35 -31.98 1.16
C TYR A 78 -22.99 -31.92 1.84
N ILE A 79 -22.59 -33.03 2.46
CA ILE A 79 -21.33 -33.14 3.17
C ILE A 79 -20.57 -34.33 2.61
N PHE A 80 -19.36 -34.08 2.12
CA PHE A 80 -18.46 -35.07 1.55
C PHE A 80 -17.20 -35.15 2.38
N ARG A 81 -16.61 -36.35 2.43
CA ARG A 81 -15.31 -36.53 3.06
C ARG A 81 -14.19 -36.21 2.08
N SER A 82 -12.99 -36.05 2.63
CA SER A 82 -11.86 -35.59 1.82
C SER A 82 -11.60 -36.51 0.63
N HIS A 83 -11.99 -37.78 0.73
CA HIS A 83 -11.72 -38.70 -0.36
C HIS A 83 -12.45 -38.28 -1.63
N ALA A 84 -13.71 -37.87 -1.51
CA ALA A 84 -14.50 -37.49 -2.68
C ALA A 84 -14.09 -36.13 -3.22
N VAL A 85 -13.68 -35.21 -2.36
CA VAL A 85 -13.41 -33.83 -2.76
C VAL A 85 -11.93 -33.66 -3.10
N GLN A 86 -11.22 -34.78 -3.26
CA GLN A 86 -9.80 -34.71 -3.59
C GLN A 86 -9.62 -34.05 -4.95
N GLY A 87 -8.71 -33.09 -5.02
CA GLY A 87 -8.41 -32.40 -6.25
C GLY A 87 -9.30 -31.21 -6.55
N LEU A 88 -10.31 -30.95 -5.73
CA LEU A 88 -11.22 -29.84 -5.95
C LEU A 88 -10.75 -28.60 -5.18
N SER A 89 -10.86 -27.45 -5.82
CA SER A 89 -10.59 -26.16 -5.21
C SER A 89 -11.74 -25.21 -5.52
N VAL A 90 -11.79 -24.10 -4.79
CA VAL A 90 -12.86 -23.13 -5.02
C VAL A 90 -12.84 -22.65 -6.47
N LYS A 91 -11.66 -22.57 -7.09
CA LYS A 91 -11.57 -22.14 -8.47
C LYS A 91 -12.35 -23.07 -9.39
N LEU A 92 -12.20 -24.38 -9.20
CA LEU A 92 -12.88 -25.34 -10.05
C LEU A 92 -14.39 -25.28 -9.86
N ILE A 93 -14.84 -25.16 -8.61
CA ILE A 93 -16.27 -25.07 -8.35
C ILE A 93 -16.84 -23.80 -8.98
N LYS A 94 -16.11 -22.69 -8.87
CA LYS A 94 -16.57 -21.45 -9.47
C LYS A 94 -16.66 -21.56 -10.98
N GLU A 95 -15.65 -22.19 -11.60
CA GLU A 95 -15.70 -22.38 -13.06
C GLU A 95 -16.89 -23.23 -13.45
N SER A 96 -17.14 -24.32 -12.72
CA SER A 96 -18.27 -25.17 -13.04
C SER A 96 -19.59 -24.42 -12.88
N THR A 97 -19.70 -23.58 -11.85
CA THR A 97 -20.92 -22.79 -11.69
C THR A 97 -21.08 -21.79 -12.84
N PHE A 98 -19.99 -21.19 -13.29
CA PHE A 98 -20.07 -20.27 -14.42
C PHE A 98 -20.59 -20.98 -15.66
N TYR A 99 -20.14 -22.21 -15.90
CA TYR A 99 -20.65 -22.96 -17.04
C TYR A 99 -22.03 -23.54 -16.81
N LEU A 100 -22.45 -23.72 -15.55
CA LEU A 100 -23.77 -24.25 -15.25
C LEU A 100 -24.86 -23.21 -15.46
N PHE A 101 -24.61 -21.96 -15.06
CA PHE A 101 -25.64 -20.93 -15.12
C PHE A 101 -25.97 -20.51 -16.54
N ASN A 102 -25.20 -20.95 -17.54
CA ASN A 102 -25.57 -20.69 -18.93
C ASN A 102 -26.92 -21.33 -19.24
N ASN A 103 -27.16 -22.53 -18.71
CA ASN A 103 -28.44 -23.20 -18.90
C ASN A 103 -29.51 -22.69 -17.95
N TYR A 104 -29.11 -22.08 -16.83
CA TYR A 104 -30.05 -21.59 -15.83
C TYR A 104 -29.86 -20.10 -15.61
N TYR A 105 -29.75 -19.34 -16.69
CA TYR A 105 -29.45 -17.91 -16.56
C TYR A 105 -30.52 -17.18 -15.77
N TRP A 106 -31.78 -17.61 -15.85
CA TRP A 106 -32.85 -16.92 -15.15
C TRP A 106 -32.76 -17.08 -13.63
N THR A 107 -32.06 -18.10 -13.15
CA THR A 107 -31.78 -18.20 -11.72
C THR A 107 -30.80 -17.13 -11.26
N CYS A 108 -30.14 -16.44 -12.18
CA CYS A 108 -29.29 -15.31 -11.86
C CYS A 108 -29.96 -13.98 -12.12
N ALA A 109 -31.24 -13.99 -12.49
CA ALA A 109 -31.99 -12.79 -12.77
C ALA A 109 -32.34 -12.07 -11.47
N ARG A 110 -32.90 -10.87 -11.58
CA ARG A 110 -33.34 -10.10 -10.43
C ARG A 110 -34.81 -9.75 -10.58
N LEU A 111 -35.50 -9.60 -9.46
CA LEU A 111 -36.94 -9.38 -9.49
C LEU A 111 -37.26 -7.92 -9.78
N ARG A 112 -38.13 -7.71 -10.76
CA ARG A 112 -38.72 -6.41 -11.06
C ARG A 112 -40.22 -6.53 -10.95
N ARG A 113 -40.91 -5.38 -10.96
CA ARG A 113 -42.36 -5.33 -10.93
C ARG A 113 -42.86 -4.64 -12.18
N SER A 114 -43.84 -5.24 -12.85
CA SER A 114 -44.44 -4.64 -14.02
C SER A 114 -45.33 -3.46 -13.60
N ASP A 115 -45.93 -2.82 -14.60
CA ASP A 115 -46.82 -1.69 -14.30
C ASP A 115 -48.01 -2.13 -13.46
N SER A 116 -48.60 -3.28 -13.80
CA SER A 116 -49.72 -3.81 -13.03
C SER A 116 -49.32 -4.28 -11.64
N GLY A 117 -48.03 -4.40 -11.37
CA GLY A 117 -47.55 -4.84 -10.07
C GLY A 117 -47.21 -6.31 -9.97
N ARG A 118 -47.33 -7.06 -11.05
CA ARG A 118 -46.96 -8.48 -11.03
C ARG A 118 -45.45 -8.62 -11.14
N PRO A 119 -44.78 -9.25 -10.18
CA PRO A 119 -43.33 -9.39 -10.28
C PRO A 119 -42.92 -10.37 -11.38
N TYR A 120 -41.70 -10.16 -11.88
CA TYR A 120 -41.11 -11.02 -12.88
C TYR A 120 -39.60 -10.97 -12.73
N LEU A 121 -38.91 -11.87 -13.44
CA LEU A 121 -37.46 -11.97 -13.38
C LEU A 121 -36.85 -11.31 -14.60
N LYS A 122 -36.05 -10.26 -14.38
CA LYS A 122 -35.28 -9.62 -15.42
C LYS A 122 -33.90 -10.25 -15.45
N CYS A 123 -33.53 -10.81 -16.60
CA CYS A 123 -32.30 -11.60 -16.73
C CYS A 123 -31.16 -10.66 -17.09
N ASN A 124 -30.68 -9.95 -16.09
CA ASN A 124 -29.54 -9.05 -16.23
C ASN A 124 -28.22 -9.72 -15.90
N ASP A 125 -28.24 -11.02 -15.62
CA ASP A 125 -27.02 -11.77 -15.32
C ASP A 125 -26.30 -11.22 -14.09
N CYS A 126 -27.09 -10.76 -13.12
CA CYS A 126 -26.49 -10.25 -11.88
C CYS A 126 -25.76 -11.36 -11.15
N GLY A 127 -26.30 -12.57 -11.17
CA GLY A 127 -25.60 -13.74 -10.66
C GLY A 127 -26.23 -14.29 -9.40
N ALA A 128 -25.56 -15.30 -8.87
CA ALA A 128 -25.88 -15.90 -7.59
C ALA A 128 -24.77 -15.58 -6.59
N ARG A 129 -25.11 -15.56 -5.31
CA ARG A 129 -24.12 -15.25 -4.30
C ARG A 129 -23.32 -16.51 -3.95
N PHE A 130 -22.01 -16.34 -3.82
CA PHE A 130 -21.10 -17.43 -3.52
C PHE A 130 -20.38 -17.13 -2.21
N VAL A 131 -20.31 -18.12 -1.33
CA VAL A 131 -19.76 -17.97 0.01
C VAL A 131 -18.72 -19.05 0.22
N GLU A 132 -17.58 -18.66 0.78
CA GLU A 132 -16.52 -19.59 1.16
C GLU A 132 -16.34 -19.53 2.67
N ALA A 133 -16.31 -20.69 3.31
CA ALA A 133 -16.25 -20.75 4.77
C ALA A 133 -15.28 -21.83 5.21
N GLN A 134 -14.83 -21.69 6.44
CA GLN A 134 -13.89 -22.62 7.08
C GLN A 134 -14.48 -23.13 8.38
N CYS A 135 -14.28 -24.41 8.67
CA CYS A 135 -14.73 -25.03 9.91
C CYS A 135 -13.54 -25.67 10.60
N ASP A 136 -13.38 -25.38 11.89
CA ASP A 136 -12.26 -25.94 12.64
C ASP A 136 -12.45 -27.41 12.97
N LYS A 137 -13.67 -27.93 12.82
CA LYS A 137 -13.91 -29.34 13.08
C LYS A 137 -13.59 -30.16 11.84
N THR A 138 -13.84 -31.47 11.93
CA THR A 138 -13.68 -32.39 10.83
C THR A 138 -15.04 -32.94 10.45
N VAL A 139 -15.11 -33.61 9.29
CA VAL A 139 -16.37 -34.21 8.86
C VAL A 139 -16.78 -35.32 9.81
N ASP A 140 -15.83 -36.15 10.23
CA ASP A 140 -16.14 -37.23 11.17
C ASP A 140 -16.69 -36.67 12.47
N GLU A 141 -16.03 -35.64 13.01
CA GLU A 141 -16.52 -35.03 14.24
C GLU A 141 -17.89 -34.40 14.04
N LEU A 142 -18.09 -33.72 12.91
CA LEU A 142 -19.34 -33.02 12.66
C LEU A 142 -20.50 -34.01 12.56
N LEU A 143 -20.27 -35.15 11.92
CA LEU A 143 -21.32 -36.15 11.80
C LEU A 143 -21.53 -36.95 13.08
N GLU A 144 -20.59 -36.88 14.03
CA GLU A 144 -20.74 -37.54 15.32
C GLU A 144 -21.20 -36.54 16.38
N MET A 145 -22.40 -36.00 16.16
CA MET A 145 -22.99 -35.06 17.11
C MET A 145 -24.44 -35.41 17.43
N GLY A 146 -25.12 -36.06 16.49
CA GLY A 146 -26.53 -36.37 16.67
C GLY A 146 -27.47 -35.21 16.43
N ASP A 147 -27.13 -34.03 16.97
CA ASP A 147 -27.95 -32.83 16.81
C ASP A 147 -27.58 -32.17 15.49
N TYR A 148 -28.19 -32.66 14.42
CA TYR A 148 -28.02 -32.10 13.08
C TYR A 148 -28.92 -30.90 12.82
N SER A 149 -29.73 -30.50 13.80
CA SER A 149 -30.70 -29.42 13.57
C SER A 149 -30.03 -28.10 13.24
N SER A 150 -28.77 -27.92 13.63
CA SER A 150 -28.06 -26.67 13.37
C SER A 150 -27.34 -26.67 12.03
N PHE A 151 -27.28 -27.80 11.34
CA PHE A 151 -26.60 -27.84 10.04
C PHE A 151 -27.22 -26.89 9.02
N PRO A 152 -28.55 -26.82 8.87
CA PRO A 152 -29.12 -25.90 7.88
C PRO A 152 -28.73 -24.44 8.11
N ASN A 153 -28.45 -24.06 9.35
CA ASN A 153 -28.18 -22.66 9.67
C ASN A 153 -26.71 -22.28 9.55
N LEU A 154 -25.80 -23.25 9.64
CA LEU A 154 -24.37 -22.96 9.61
C LEU A 154 -23.71 -23.31 8.29
N LEU A 155 -24.19 -24.35 7.61
CA LEU A 155 -23.62 -24.79 6.35
C LEU A 155 -24.34 -24.23 5.14
N VAL A 156 -25.43 -23.49 5.34
CA VAL A 156 -26.19 -22.87 4.26
C VAL A 156 -26.31 -21.38 4.56
N TYR A 157 -25.99 -20.55 3.58
CA TYR A 157 -26.10 -19.10 3.70
C TYR A 157 -27.43 -18.68 3.07
N HIS A 158 -28.28 -18.03 3.86
CA HIS A 158 -29.61 -17.67 3.43
C HIS A 158 -29.92 -16.23 3.79
N GLN A 159 -30.50 -15.50 2.83
CA GLN A 159 -31.04 -14.17 3.06
C GLN A 159 -32.35 -14.11 2.28
N PRO A 160 -33.44 -13.63 2.87
CA PRO A 160 -34.70 -13.56 2.11
C PRO A 160 -34.62 -12.53 0.99
N ILE A 161 -35.45 -12.76 -0.03
CA ILE A 161 -35.67 -11.74 -1.04
C ILE A 161 -36.29 -10.52 -0.38
N GLY A 162 -35.76 -9.35 -0.69
CA GLY A 162 -36.22 -8.12 -0.08
C GLY A 162 -35.30 -7.66 1.03
N PRO A 163 -35.62 -6.53 1.66
CA PRO A 163 -36.80 -5.67 1.42
C PRO A 163 -36.73 -4.92 0.09
N ASP A 164 -35.59 -5.00 -0.61
CA ASP A 164 -35.43 -4.41 -1.93
C ASP A 164 -35.26 -5.55 -2.94
N LEU A 165 -36.29 -5.76 -3.76
CA LEU A 165 -36.28 -6.88 -4.69
C LEU A 165 -35.16 -6.78 -5.71
N ALA A 166 -34.82 -5.57 -6.12
CA ALA A 166 -33.93 -5.37 -7.27
C ALA A 166 -32.49 -5.81 -7.00
N PHE A 167 -32.12 -6.09 -5.74
CA PHE A 167 -30.76 -6.44 -5.41
C PHE A 167 -30.70 -7.65 -4.48
N SER A 168 -31.64 -8.57 -4.62
CA SER A 168 -31.68 -9.78 -3.80
C SER A 168 -31.47 -11.00 -4.69
N PRO A 169 -30.33 -11.67 -4.65
CA PRO A 169 -30.15 -12.88 -5.45
C PRO A 169 -31.11 -13.97 -4.99
N PRO A 170 -31.64 -14.76 -5.92
CA PRO A 170 -32.48 -15.90 -5.51
C PRO A 170 -31.69 -17.15 -5.13
N ILE A 171 -30.40 -17.23 -5.41
CA ILE A 171 -29.59 -18.40 -5.09
C ILE A 171 -28.37 -17.98 -4.29
N TYR A 172 -28.16 -18.65 -3.15
CA TYR A 172 -26.93 -18.58 -2.39
C TYR A 172 -26.28 -19.94 -2.37
N LEU A 173 -25.00 -20.01 -2.73
CA LEU A 173 -24.21 -21.23 -2.65
C LEU A 173 -23.10 -21.01 -1.64
N GLN A 174 -22.90 -21.97 -0.75
CA GLN A 174 -21.84 -21.91 0.24
C GLN A 174 -20.99 -23.17 0.15
N VAL A 175 -19.67 -22.98 0.13
CA VAL A 175 -18.70 -24.07 0.17
C VAL A 175 -17.91 -23.92 1.46
N THR A 176 -17.94 -24.95 2.29
CA THR A 176 -17.26 -24.97 3.58
C THR A 176 -16.17 -26.03 3.56
N TRP A 177 -14.98 -25.63 3.98
CA TRP A 177 -13.82 -26.53 4.01
C TRP A 177 -13.56 -26.95 5.45
N PHE A 178 -13.34 -28.25 5.65
CA PHE A 178 -13.10 -28.81 6.97
C PHE A 178 -11.63 -29.18 7.13
N LYS A 179 -11.22 -29.39 8.38
CA LYS A 179 -9.82 -29.65 8.68
C LYS A 179 -9.35 -30.93 8.00
N CYS A 180 -10.16 -31.99 8.05
CA CYS A 180 -9.78 -33.26 7.45
C CYS A 180 -9.71 -33.20 5.93
N GLY A 181 -10.20 -32.13 5.32
CA GLY A 181 -10.22 -32.00 3.88
C GLY A 181 -11.59 -32.19 3.26
N GLY A 182 -12.57 -32.65 4.03
CA GLY A 182 -13.92 -32.78 3.50
C GLY A 182 -14.53 -31.43 3.19
N MET A 183 -15.66 -31.46 2.50
CA MET A 183 -16.26 -30.24 1.99
C MET A 183 -17.78 -30.32 2.10
N SER A 184 -18.38 -29.18 2.45
CA SER A 184 -19.82 -29.04 2.50
C SER A 184 -20.27 -28.06 1.43
N LEU A 185 -21.39 -28.38 0.77
CA LEU A 185 -22.00 -27.53 -0.24
C LEU A 185 -23.45 -27.28 0.16
N GLY A 186 -23.77 -26.04 0.46
CA GLY A 186 -25.13 -25.65 0.86
C GLY A 186 -25.74 -24.71 -0.14
N MET A 187 -27.03 -24.85 -0.38
CA MET A 187 -27.78 -23.99 -1.29
C MET A 187 -29.02 -23.46 -0.61
N SER A 188 -29.18 -22.14 -0.66
CA SER A 188 -30.45 -21.49 -0.40
C SER A 188 -31.07 -21.11 -1.74
N TRP A 189 -32.31 -21.56 -1.96
CA TRP A 189 -32.94 -21.54 -3.28
C TRP A 189 -34.33 -20.96 -3.13
N ALA A 190 -34.58 -19.83 -3.80
CA ALA A 190 -35.89 -19.20 -3.74
C ALA A 190 -36.92 -20.06 -4.45
N HIS A 191 -38.07 -20.27 -3.80
CA HIS A 191 -39.08 -21.18 -4.35
C HIS A 191 -39.74 -20.64 -5.61
N ILE A 192 -39.55 -19.37 -5.95
CA ILE A 192 -40.04 -18.87 -7.24
C ILE A 192 -39.34 -19.60 -8.37
N LEU A 193 -38.07 -19.98 -8.17
CA LEU A 193 -37.32 -20.64 -9.22
C LEU A 193 -37.86 -22.04 -9.51
N GLY A 194 -38.37 -22.74 -8.49
CA GLY A 194 -38.88 -24.07 -8.69
C GLY A 194 -39.06 -24.78 -7.36
N ASP A 195 -39.35 -26.06 -7.46
CA ASP A 195 -39.61 -26.91 -6.30
C ASP A 195 -38.35 -27.68 -5.91
N ALA A 196 -38.50 -28.58 -4.93
CA ALA A 196 -37.35 -29.29 -4.41
C ALA A 196 -36.68 -30.14 -5.47
N PHE A 197 -37.48 -30.80 -6.32
CA PHE A 197 -36.91 -31.64 -7.36
C PHE A 197 -36.12 -30.80 -8.36
N SER A 198 -36.60 -29.59 -8.66
CA SER A 198 -35.85 -28.70 -9.54
C SER A 198 -34.51 -28.30 -8.91
N ALA A 199 -34.50 -28.03 -7.60
CA ALA A 199 -33.26 -27.68 -6.94
C ALA A 199 -32.28 -28.85 -6.94
N CYS A 200 -32.79 -30.06 -6.71
CA CYS A 200 -31.93 -31.24 -6.75
C CYS A 200 -31.36 -31.44 -8.15
N GLU A 201 -32.19 -31.24 -9.18
CA GLU A 201 -31.69 -31.32 -10.55
C GLU A 201 -30.61 -30.28 -10.80
N PHE A 202 -30.80 -29.07 -10.28
CA PHE A 202 -29.80 -28.01 -10.43
C PHE A 202 -28.47 -28.42 -9.81
N ILE A 203 -28.52 -28.97 -8.60
CA ILE A 203 -27.28 -29.37 -7.93
C ILE A 203 -26.61 -30.53 -8.66
N ASN A 204 -27.41 -31.50 -9.11
CA ASN A 204 -26.85 -32.61 -9.88
C ASN A 204 -26.19 -32.12 -11.16
N LYS A 205 -26.81 -31.15 -11.83
CA LYS A 205 -26.20 -30.57 -13.02
C LYS A 205 -24.89 -29.87 -12.68
N MET A 206 -24.83 -29.18 -11.53
CA MET A 206 -23.58 -28.57 -11.11
C MET A 206 -22.49 -29.63 -10.97
N GLY A 207 -22.81 -30.73 -10.29
CA GLY A 207 -21.83 -31.79 -10.13
C GLY A 207 -21.39 -32.39 -11.45
N GLN A 208 -22.35 -32.62 -12.35
CA GLN A 208 -22.02 -33.19 -13.65
C GLN A 208 -21.12 -32.24 -14.44
N VAL A 209 -21.41 -30.95 -14.41
CA VAL A 209 -20.59 -29.97 -15.11
C VAL A 209 -19.18 -29.94 -14.53
N LEU A 210 -19.07 -30.03 -13.20
CA LEU A 210 -17.76 -30.06 -12.57
C LEU A 210 -16.95 -31.27 -13.05
N THR A 211 -17.59 -32.45 -13.05
CA THR A 211 -16.91 -33.66 -13.52
C THR A 211 -16.51 -33.53 -14.98
N ALA A 212 -17.41 -32.99 -15.81
CA ALA A 212 -17.12 -32.85 -17.23
C ALA A 212 -15.95 -31.91 -17.46
N ILE A 213 -15.89 -30.80 -16.72
CA ILE A 213 -14.76 -29.89 -16.84
C ILE A 213 -13.48 -30.59 -16.42
N LYS A 214 -13.53 -31.34 -15.32
CA LYS A 214 -12.32 -32.02 -14.85
C LYS A 214 -11.81 -33.02 -15.87
N ALA A 215 -12.72 -33.75 -16.52
CA ALA A 215 -12.31 -34.84 -17.40
C ALA A 215 -12.01 -34.39 -18.82
N ASN A 216 -12.85 -33.55 -19.42
CA ASN A 216 -12.75 -33.21 -20.84
C ASN A 216 -12.33 -31.78 -21.10
N GLY A 217 -12.19 -30.95 -20.09
CA GLY A 217 -11.93 -29.54 -20.27
C GLY A 217 -13.21 -28.74 -20.34
N PRO A 218 -13.09 -27.42 -20.41
CA PRO A 218 -14.29 -26.56 -20.40
C PRO A 218 -15.22 -26.91 -21.55
N PRO A 219 -16.54 -26.86 -21.33
CA PRO A 219 -17.49 -27.15 -22.41
C PRO A 219 -17.29 -26.26 -23.64
N ASP A 244 -62.44 -21.74 -5.32
CA ASP A 244 -61.45 -21.18 -4.42
C ASP A 244 -60.57 -22.28 -3.83
N PRO A 245 -59.24 -22.14 -3.97
CA PRO A 245 -58.34 -23.15 -3.41
C PRO A 245 -58.33 -23.11 -1.88
N ILE A 246 -57.97 -24.24 -1.30
CA ILE A 246 -57.80 -24.35 0.14
C ILE A 246 -56.34 -24.48 0.54
N SER A 247 -55.47 -24.98 -0.33
CA SER A 247 -54.08 -25.24 0.03
C SER A 247 -53.28 -23.97 0.26
N ILE A 248 -53.81 -22.80 -0.11
CA ILE A 248 -53.12 -21.53 0.10
C ILE A 248 -53.93 -20.68 1.05
N LYS A 249 -53.23 -19.85 1.83
CA LYS A 249 -53.85 -18.97 2.81
C LYS A 249 -53.37 -17.55 2.56
N TRP A 250 -54.31 -16.61 2.50
CA TRP A 250 -53.97 -15.21 2.31
C TRP A 250 -53.37 -14.65 3.58
N VAL A 251 -52.27 -13.92 3.44
CA VAL A 251 -51.58 -13.31 4.57
C VAL A 251 -51.54 -11.80 4.35
N ASP A 252 -51.24 -11.08 5.43
CA ASP A 252 -51.15 -9.64 5.35
C ASP A 252 -50.02 -9.25 4.40
N PRO A 253 -50.21 -8.25 3.54
CA PRO A 253 -49.18 -7.93 2.54
C PRO A 253 -47.81 -7.72 3.17
N VAL A 254 -46.80 -8.32 2.56
CA VAL A 254 -45.42 -8.20 3.04
C VAL A 254 -44.62 -7.21 2.20
N GLY A 255 -45.27 -6.50 1.29
CA GLY A 255 -44.56 -5.53 0.47
C GLY A 255 -43.48 -6.21 -0.35
N ASP A 256 -42.28 -5.65 -0.31
CA ASP A 256 -41.15 -6.19 -1.05
C ASP A 256 -40.25 -7.08 -0.20
N HIS A 257 -40.62 -7.33 1.05
CA HIS A 257 -39.89 -8.25 1.92
C HIS A 257 -40.64 -9.57 1.93
N TRP A 258 -40.14 -10.54 1.16
CA TRP A 258 -40.82 -11.82 0.99
C TRP A 258 -40.38 -12.77 2.10
N VAL A 259 -41.07 -12.70 3.23
CA VAL A 259 -40.78 -13.55 4.39
C VAL A 259 -42.10 -14.00 4.99
N THR A 260 -42.16 -15.27 5.39
CA THR A 260 -43.34 -15.83 6.02
C THR A 260 -43.39 -15.39 7.48
N ALA A 261 -44.46 -14.69 7.87
CA ALA A 261 -44.64 -14.22 9.22
C ALA A 261 -45.25 -15.32 10.08
N ASN A 262 -44.71 -15.49 11.29
CA ASN A 262 -45.16 -16.53 12.21
C ASN A 262 -45.44 -15.90 13.56
N ASN A 263 -46.63 -16.18 14.10
CA ASN A 263 -46.97 -15.68 15.44
C ASN A 263 -46.06 -16.30 16.49
N SER A 264 -45.79 -17.60 16.38
CA SER A 264 -44.96 -18.32 17.34
C SER A 264 -43.57 -18.59 16.75
N LYS A 265 -42.68 -19.05 17.62
CA LYS A 265 -41.31 -19.38 17.22
C LYS A 265 -41.31 -20.81 16.69
N MET A 266 -41.26 -20.95 15.37
CA MET A 266 -41.29 -22.26 14.75
C MET A 266 -39.99 -23.01 15.04
N ASP A 267 -40.10 -24.33 15.20
CA ASP A 267 -38.98 -25.20 15.47
C ASP A 267 -39.15 -26.49 14.69
N THR A 268 -38.01 -27.07 14.30
CA THR A 268 -37.96 -28.29 13.50
C THR A 268 -37.35 -29.41 14.32
N PHE A 269 -37.95 -30.60 14.22
CA PHE A 269 -37.44 -31.80 14.86
C PHE A 269 -37.49 -32.94 13.84
N SER A 270 -36.38 -33.64 13.67
CA SER A 270 -36.25 -34.66 12.66
C SER A 270 -35.82 -35.98 13.28
N PHE A 271 -36.26 -37.08 12.66
CA PHE A 271 -35.91 -38.41 13.14
C PHE A 271 -36.00 -39.40 11.98
N HIS A 272 -35.19 -40.44 12.05
CA HIS A 272 -35.16 -41.48 11.03
C HIS A 272 -35.98 -42.68 11.48
N LEU A 273 -36.72 -43.26 10.53
CA LEU A 273 -37.46 -44.50 10.75
C LEU A 273 -36.95 -45.55 9.78
N THR A 274 -36.79 -46.77 10.27
CA THR A 274 -36.27 -47.86 9.47
C THR A 274 -37.42 -48.61 8.79
N ASP A 275 -37.08 -49.60 7.98
CA ASP A 275 -38.10 -50.41 7.32
C ASP A 275 -38.96 -51.16 8.32
N SER A 276 -38.34 -51.69 9.38
CA SER A 276 -39.09 -52.43 10.38
C SER A 276 -40.11 -51.55 11.07
N ARG A 277 -39.72 -50.32 11.43
CA ARG A 277 -40.65 -49.42 12.09
C ARG A 277 -41.83 -49.07 11.18
N ILE A 278 -41.55 -48.82 9.90
CA ILE A 278 -42.63 -48.49 8.96
C ILE A 278 -43.57 -49.68 8.82
N SER A 279 -43.01 -50.88 8.67
CA SER A 279 -43.86 -52.07 8.51
C SER A 279 -44.72 -52.30 9.74
N HIS A 280 -44.15 -52.11 10.93
CA HIS A 280 -44.93 -52.28 12.16
C HIS A 280 -46.03 -51.23 12.25
N LEU A 281 -45.73 -49.98 11.94
CA LEU A 281 -46.74 -48.94 11.99
C LEU A 281 -47.82 -49.16 10.94
N GLN A 282 -47.48 -49.86 9.85
CA GLN A 282 -48.42 -50.13 8.77
C GLN A 282 -49.37 -51.29 9.08
N SER A 283 -49.49 -51.68 10.36
CA SER A 283 -50.35 -52.81 10.71
C SER A 283 -51.77 -52.59 10.22
N ASN A 284 -52.27 -51.36 10.31
CA ASN A 284 -53.62 -51.05 9.86
C ASN A 284 -53.69 -51.03 8.35
N ILE A 291 -46.46 -46.52 -2.11
CA ILE A 291 -47.67 -45.72 -2.13
C ILE A 291 -48.28 -45.64 -0.72
N PRO A 292 -48.62 -46.77 -0.12
CA PRO A 292 -49.27 -46.73 1.20
C PRO A 292 -48.35 -46.28 2.32
N VAL A 293 -47.03 -46.33 2.14
CA VAL A 293 -46.12 -45.96 3.23
C VAL A 293 -46.27 -44.48 3.56
N PHE A 294 -46.23 -43.63 2.52
CA PHE A 294 -46.35 -42.19 2.76
C PHE A 294 -47.71 -41.85 3.35
N GLU A 295 -48.77 -42.45 2.83
CA GLU A 295 -50.11 -42.17 3.34
C GLU A 295 -50.24 -42.61 4.79
N SER A 296 -49.72 -43.79 5.13
CA SER A 296 -49.82 -44.29 6.49
C SER A 296 -49.03 -43.42 7.46
N LEU A 297 -47.82 -43.01 7.08
CA LEU A 297 -47.04 -42.12 7.94
C LEU A 297 -47.74 -40.77 8.11
N CYS A 298 -48.29 -40.24 7.03
CA CYS A 298 -49.03 -38.99 7.14
C CYS A 298 -50.20 -39.13 8.10
N ALA A 299 -50.91 -40.27 8.01
CA ALA A 299 -52.02 -40.51 8.91
C ALA A 299 -51.55 -40.59 10.37
N ILE A 300 -50.44 -41.29 10.61
CA ILE A 300 -49.94 -41.41 11.98
C ILE A 300 -49.65 -40.03 12.55
N ILE A 301 -48.86 -39.24 11.82
CA ILE A 301 -48.48 -37.92 12.33
C ILE A 301 -49.68 -37.00 12.43
N TRP A 302 -50.64 -37.11 11.51
CA TRP A 302 -51.85 -36.30 11.59
C TRP A 302 -52.64 -36.63 12.85
N GLN A 303 -52.77 -37.92 13.16
CA GLN A 303 -53.50 -38.32 14.36
C GLN A 303 -52.78 -37.84 15.62
N CYS A 304 -51.45 -37.98 15.67
CA CYS A 304 -50.72 -37.52 16.84
C CYS A 304 -50.82 -36.01 17.00
N VAL A 305 -50.76 -35.28 15.90
CA VAL A 305 -50.87 -33.82 15.97
C VAL A 305 -52.21 -33.42 16.55
N ALA A 306 -53.26 -34.16 16.21
CA ALA A 306 -54.60 -33.88 16.72
C ALA A 306 -54.64 -34.05 18.24
N ASN A 315 -58.52 -28.92 11.19
CA ASN A 315 -59.12 -29.92 10.30
C ASN A 315 -58.50 -29.88 8.92
N ASN A 316 -58.34 -28.67 8.38
CA ASN A 316 -57.82 -28.52 7.02
C ASN A 316 -56.46 -29.19 6.91
N VAL A 317 -56.29 -29.99 5.86
CA VAL A 317 -55.04 -30.69 5.61
C VAL A 317 -54.64 -30.46 4.16
N THR A 318 -53.34 -30.28 3.94
CA THR A 318 -52.78 -30.11 2.62
C THR A 318 -51.73 -31.19 2.38
N ILE A 319 -51.70 -31.71 1.16
CA ILE A 319 -50.69 -32.68 0.73
C ILE A 319 -49.99 -32.12 -0.50
N CYS A 320 -48.72 -32.44 -0.64
CA CYS A 320 -47.88 -31.83 -1.68
C CYS A 320 -46.87 -32.89 -2.13
N LYS A 321 -47.10 -33.46 -3.32
CA LYS A 321 -46.30 -34.55 -3.84
C LYS A 321 -45.67 -34.17 -5.17
N LYS A 322 -44.92 -35.11 -5.75
CA LYS A 322 -44.24 -34.86 -7.00
C LYS A 322 -45.22 -34.83 -8.16
N GLY A 323 -44.85 -34.12 -9.22
CA GLY A 323 -45.64 -34.04 -10.43
C GLY A 323 -45.24 -35.06 -11.45
N SER A 324 -45.53 -34.75 -12.71
CA SER A 324 -45.21 -35.65 -13.83
C SER A 324 -44.49 -34.89 -14.93
N GLY A 330 -32.95 -30.95 -15.80
CA GLY A 330 -33.53 -30.35 -16.99
C GLY A 330 -34.25 -29.05 -16.70
N ASN A 331 -35.48 -28.93 -17.19
CA ASN A 331 -36.26 -27.72 -16.99
C ASN A 331 -36.54 -27.51 -15.51
N LEU A 332 -36.56 -26.24 -15.11
CA LEU A 332 -36.88 -25.84 -13.74
C LEU A 332 -38.32 -25.36 -13.69
N SER A 333 -39.10 -25.94 -12.78
CA SER A 333 -40.51 -25.57 -12.67
C SER A 333 -41.04 -26.00 -11.31
N ASN A 334 -42.18 -25.43 -10.95
CA ASN A 334 -42.92 -25.84 -9.75
C ASN A 334 -43.93 -26.92 -10.08
N GLY A 335 -43.47 -27.99 -10.72
CA GLY A 335 -44.34 -29.07 -11.12
C GLY A 335 -44.64 -30.01 -9.97
N GLN A 336 -45.43 -29.54 -9.00
CA GLN A 336 -45.72 -30.28 -7.78
C GLN A 336 -47.23 -30.35 -7.60
N ILE A 337 -47.72 -31.54 -7.27
CA ILE A 337 -49.16 -31.73 -7.12
C ILE A 337 -49.57 -31.30 -5.72
N ILE A 338 -50.43 -30.29 -5.65
CA ILE A 338 -50.93 -29.74 -4.40
C ILE A 338 -52.39 -30.11 -4.26
N SER A 339 -52.76 -30.64 -3.10
CA SER A 339 -54.14 -31.03 -2.85
C SER A 339 -54.49 -30.65 -1.42
N ALA A 340 -55.79 -30.51 -1.16
CA ALA A 340 -56.26 -30.12 0.16
C ALA A 340 -57.58 -30.81 0.45
N PHE A 341 -57.85 -31.03 1.74
CA PHE A 341 -59.09 -31.64 2.20
C PHE A 341 -59.54 -30.94 3.46
N GLN A 342 -60.84 -30.66 3.55
CA GLN A 342 -61.45 -30.02 4.72
C GLN A 342 -62.35 -31.05 5.38
N ALA A 343 -62.12 -31.29 6.67
CA ALA A 343 -62.75 -32.40 7.39
C ALA A 343 -63.59 -31.85 8.54
N ASP A 344 -64.91 -31.91 8.38
CA ASP A 344 -65.83 -31.53 9.46
C ASP A 344 -66.17 -32.78 10.26
N PHE A 345 -65.16 -33.34 10.92
CA PHE A 345 -65.34 -34.49 11.79
C PHE A 345 -64.28 -34.43 12.88
N SER A 346 -64.34 -35.40 13.80
CA SER A 346 -63.44 -35.42 14.95
C SER A 346 -62.18 -36.21 14.61
N VAL A 347 -61.15 -35.47 14.19
CA VAL A 347 -59.84 -36.04 13.93
C VAL A 347 -59.24 -36.52 15.24
N MET A 348 -59.62 -35.86 16.34
CA MET A 348 -59.06 -36.21 17.64
C MET A 348 -59.33 -37.68 17.97
N GLU A 349 -60.56 -38.13 17.78
CA GLU A 349 -60.96 -39.51 18.02
C GLU A 349 -61.45 -40.07 16.69
N ALA A 350 -60.53 -40.65 15.92
CA ALA A 350 -60.84 -41.25 14.63
C ALA A 350 -59.94 -42.45 14.40
N ASP A 351 -60.49 -43.48 13.76
CA ASP A 351 -59.70 -44.65 13.43
C ASP A 351 -58.62 -44.29 12.43
N LEU A 352 -57.50 -45.03 12.46
CA LEU A 352 -56.42 -44.75 11.54
C LEU A 352 -56.84 -44.96 10.10
N GLU A 353 -57.57 -46.05 9.82
CA GLU A 353 -58.02 -46.30 8.47
C GLU A 353 -58.90 -45.15 7.96
N LYS A 354 -59.61 -44.48 8.87
CA LYS A 354 -60.40 -43.31 8.49
C LYS A 354 -59.51 -42.23 7.88
N LEU A 355 -58.46 -41.84 8.59
CA LEU A 355 -57.56 -40.80 8.09
C LEU A 355 -56.78 -41.26 6.87
N ALA A 356 -56.44 -42.55 6.81
CA ALA A 356 -55.74 -43.06 5.64
C ALA A 356 -56.61 -42.98 4.39
N LYS A 357 -57.85 -43.44 4.48
CA LYS A 357 -58.78 -43.33 3.37
C LYS A 357 -59.02 -41.87 3.02
N VAL A 358 -59.05 -41.00 4.02
CA VAL A 358 -59.16 -39.57 3.77
C VAL A 358 -57.99 -39.08 2.91
N LEU A 359 -56.78 -39.42 3.31
CA LEU A 359 -55.61 -38.87 2.65
C LEU A 359 -55.45 -39.42 1.23
N CYS A 360 -55.68 -40.72 1.04
CA CYS A 360 -55.55 -41.32 -0.28
C CYS A 360 -56.84 -41.28 -1.08
N TYR A 361 -57.89 -40.64 -0.57
CA TYR A 361 -59.14 -40.51 -1.31
C TYR A 361 -59.71 -39.10 -1.14
N ASP A 366 -55.62 -32.23 -7.77
CA ASP A 366 -54.69 -31.15 -8.09
C ASP A 366 -55.40 -29.80 -8.05
N GLU A 367 -54.84 -28.87 -7.29
CA GLU A 367 -55.40 -27.53 -7.13
C GLU A 367 -54.59 -26.47 -7.87
N ARG A 368 -53.82 -26.88 -8.89
CA ARG A 368 -53.03 -25.91 -9.65
C ARG A 368 -53.93 -24.90 -10.33
N SER A 369 -55.04 -25.34 -10.92
CA SER A 369 -55.91 -24.43 -11.64
C SER A 369 -56.50 -23.38 -10.71
N ARG A 370 -56.98 -23.80 -9.54
CA ARG A 370 -57.59 -22.85 -8.61
C ARG A 370 -56.58 -21.80 -8.16
N ILE A 371 -55.37 -22.24 -7.81
CA ILE A 371 -54.34 -21.30 -7.39
C ILE A 371 -53.98 -20.35 -8.52
N GLU A 372 -53.87 -20.87 -9.74
CA GLU A 372 -53.56 -20.04 -10.88
C GLU A 372 -54.62 -18.95 -11.07
N GLU A 373 -55.89 -19.33 -11.01
CA GLU A 373 -56.96 -18.33 -11.17
C GLU A 373 -56.94 -17.32 -10.04
N THR A 374 -56.73 -17.77 -8.80
CA THR A 374 -56.71 -16.85 -7.68
C THR A 374 -55.58 -15.83 -7.82
N MET A 375 -54.39 -16.28 -8.22
CA MET A 375 -53.28 -15.36 -8.40
C MET A 375 -53.43 -14.49 -9.63
N GLU A 376 -54.17 -14.95 -10.64
CA GLU A 376 -54.43 -14.12 -11.81
C GLU A 376 -55.45 -13.03 -11.51
N LYS A 377 -56.45 -13.32 -10.67
CA LYS A 377 -57.45 -12.32 -10.34
C LYS A 377 -56.89 -11.18 -9.48
N GLY A 378 -55.76 -11.42 -8.82
CA GLY A 378 -55.11 -10.39 -8.03
C GLY A 378 -53.98 -9.67 -8.72
N ASN A 379 -53.69 -10.00 -9.98
CA ASN A 379 -52.57 -9.43 -10.73
C ASN A 379 -51.23 -9.72 -10.06
N GLY A 380 -51.17 -10.76 -9.23
CA GLY A 380 -49.92 -11.12 -8.59
C GLY A 380 -49.50 -10.21 -7.46
N VAL A 381 -50.38 -9.35 -6.98
CA VAL A 381 -50.02 -8.43 -5.90
C VAL A 381 -50.33 -9.02 -4.54
N ALA A 382 -51.45 -9.74 -4.40
CA ALA A 382 -51.78 -10.38 -3.14
C ALA A 382 -50.76 -11.46 -2.81
N ASP A 383 -50.56 -11.70 -1.52
CA ASP A 383 -49.55 -12.63 -1.03
C ASP A 383 -50.22 -13.83 -0.38
N TYR A 384 -49.74 -15.02 -0.72
CA TYR A 384 -50.25 -16.27 -0.17
C TYR A 384 -49.08 -17.16 0.24
N ILE A 385 -49.33 -18.01 1.23
CA ILE A 385 -48.37 -19.01 1.68
C ILE A 385 -48.95 -20.39 1.44
N VAL A 386 -48.11 -21.32 0.99
CA VAL A 386 -48.52 -22.70 0.78
C VAL A 386 -48.12 -23.53 2.00
N TYR A 387 -46.82 -23.62 2.25
CA TYR A 387 -46.35 -24.40 3.39
C TYR A 387 -46.78 -23.75 4.70
N GLY A 388 -47.27 -24.58 5.62
CA GLY A 388 -47.83 -24.10 6.86
C GLY A 388 -49.21 -23.49 6.74
N ALA A 389 -49.88 -23.66 5.60
CA ALA A 389 -51.24 -23.16 5.47
C ALA A 389 -52.22 -24.04 6.25
N ASN A 390 -52.30 -25.32 5.90
CA ASN A 390 -53.07 -26.31 6.66
C ASN A 390 -52.22 -27.58 6.80
N LEU A 391 -51.36 -27.58 7.82
CA LEU A 391 -50.60 -28.76 8.22
C LEU A 391 -50.09 -29.52 6.99
N THR A 392 -49.24 -28.84 6.22
CA THR A 392 -48.77 -29.37 4.95
C THR A 392 -48.03 -30.69 5.13
N PHE A 393 -48.25 -31.60 4.20
CA PHE A 393 -47.50 -32.85 4.10
C PHE A 393 -46.71 -32.82 2.79
N VAL A 394 -45.44 -33.16 2.85
CA VAL A 394 -44.53 -33.05 1.72
C VAL A 394 -43.91 -34.41 1.46
N ASN A 395 -43.89 -34.81 0.20
CA ASN A 395 -43.37 -36.11 -0.23
C ASN A 395 -42.14 -35.87 -1.09
N TRP A 396 -40.96 -35.95 -0.46
CA TRP A 396 -39.69 -35.81 -1.17
C TRP A 396 -38.92 -37.12 -1.23
N GLU A 397 -39.58 -38.24 -0.96
CA GLU A 397 -38.91 -39.54 -1.08
C GLU A 397 -38.43 -39.79 -2.50
N ASP A 398 -39.05 -39.14 -3.49
CA ASP A 398 -38.60 -39.25 -4.88
C ASP A 398 -37.54 -38.22 -5.24
N ALA A 399 -37.27 -37.25 -4.36
CA ALA A 399 -36.24 -36.26 -4.62
C ALA A 399 -34.87 -36.92 -4.68
N ASP A 400 -34.02 -36.43 -5.58
CA ASP A 400 -32.65 -36.93 -5.72
C ASP A 400 -31.73 -36.15 -4.78
N VAL A 401 -31.99 -36.29 -3.48
CA VAL A 401 -31.21 -35.60 -2.47
C VAL A 401 -29.76 -36.08 -2.47
N TYR A 402 -29.50 -37.28 -2.98
CA TYR A 402 -28.15 -37.85 -3.03
C TYR A 402 -27.66 -38.01 -4.46
N GLY A 403 -28.14 -37.15 -5.36
CA GLY A 403 -27.70 -37.20 -6.74
C GLY A 403 -26.39 -36.50 -7.03
N LEU A 404 -25.88 -35.72 -6.09
CA LEU A 404 -24.62 -34.99 -6.28
C LEU A 404 -23.47 -35.96 -6.05
N GLU A 405 -22.71 -36.25 -7.10
CA GLU A 405 -21.57 -37.16 -7.04
C GLU A 405 -20.32 -36.39 -7.43
N LEU A 406 -19.44 -36.16 -6.47
CA LEU A 406 -18.14 -35.53 -6.71
C LEU A 406 -17.09 -36.63 -6.85
N ASN A 407 -16.43 -36.66 -8.01
CA ASN A 407 -15.48 -37.73 -8.31
C ASN A 407 -16.15 -39.10 -8.19
N GLY A 408 -17.38 -39.19 -8.68
CA GLY A 408 -18.11 -40.45 -8.67
C GLY A 408 -18.36 -40.99 -7.28
N GLU A 409 -18.61 -40.13 -6.32
CA GLU A 409 -18.91 -40.55 -4.95
C GLU A 409 -20.05 -39.70 -4.41
N LYS A 410 -21.08 -40.37 -3.90
CA LYS A 410 -22.21 -39.65 -3.33
C LYS A 410 -21.84 -39.01 -2.00
N ALA A 411 -22.61 -37.99 -1.62
CA ALA A 411 -22.30 -37.24 -0.41
C ALA A 411 -22.41 -38.15 0.81
N ASP A 412 -21.52 -37.93 1.78
CA ASP A 412 -21.62 -38.65 3.05
C ASP A 412 -22.95 -38.35 3.73
N PHE A 413 -23.39 -37.10 3.71
CA PHE A 413 -24.69 -36.78 4.29
C PHE A 413 -25.31 -35.60 3.57
N ALA A 414 -26.48 -35.79 2.97
CA ALA A 414 -27.20 -34.73 2.27
C ALA A 414 -28.60 -34.61 2.84
N SER A 415 -29.06 -33.37 2.99
CA SER A 415 -30.37 -33.13 3.56
C SER A 415 -30.97 -31.87 2.95
N PHE A 416 -32.31 -31.79 3.01
CA PHE A 416 -33.08 -30.67 2.49
C PHE A 416 -34.14 -30.28 3.50
N SER A 417 -34.58 -29.02 3.43
CA SER A 417 -35.58 -28.50 4.34
C SER A 417 -36.21 -27.24 3.75
N ILE A 418 -37.33 -26.84 4.33
CA ILE A 418 -38.04 -25.63 3.94
C ILE A 418 -37.72 -24.52 4.94
N GLN A 419 -37.32 -23.37 4.42
CA GLN A 419 -37.18 -22.14 5.20
C GLN A 419 -38.41 -21.28 4.94
N GLY A 420 -39.18 -21.04 6.00
CA GLY A 420 -40.43 -20.30 5.89
C GLY A 420 -41.62 -21.23 5.90
N VAL A 421 -42.27 -21.37 7.05
CA VAL A 421 -43.43 -22.22 7.20
C VAL A 421 -44.44 -21.53 8.10
N GLY A 422 -45.70 -21.54 7.69
CA GLY A 422 -46.77 -20.92 8.44
C GLY A 422 -46.95 -21.55 9.81
N ASP A 423 -47.92 -21.01 10.55
CA ASP A 423 -48.14 -21.44 11.93
C ASP A 423 -48.54 -22.91 12.00
N GLU A 424 -49.38 -23.36 11.07
CA GLU A 424 -49.86 -24.74 11.10
C GLU A 424 -48.71 -25.74 10.99
N GLY A 425 -47.55 -25.33 10.49
CA GLY A 425 -46.41 -26.21 10.41
C GLY A 425 -46.48 -27.16 9.24
N ALA A 426 -45.51 -28.07 9.20
CA ALA A 426 -45.40 -28.97 8.06
C ALA A 426 -44.70 -30.26 8.47
N VAL A 427 -44.85 -31.27 7.63
CA VAL A 427 -44.20 -32.57 7.79
C VAL A 427 -43.56 -32.93 6.46
N LEU A 428 -42.29 -33.32 6.50
CA LEU A 428 -41.50 -33.63 5.32
C LEU A 428 -40.99 -35.05 5.42
N VAL A 429 -41.17 -35.82 4.35
CA VAL A 429 -40.65 -37.17 4.23
C VAL A 429 -39.50 -37.14 3.24
N LEU A 430 -38.35 -37.68 3.65
CA LEU A 430 -37.16 -37.69 2.83
C LEU A 430 -36.63 -39.11 2.70
N PRO A 431 -35.95 -39.42 1.59
CA PRO A 431 -35.48 -40.79 1.35
C PRO A 431 -34.24 -41.08 2.18
N GLY A 432 -34.41 -41.92 3.21
CA GLY A 432 -33.29 -42.33 4.03
C GLY A 432 -32.63 -43.56 3.47
N GLY A 433 -32.44 -44.57 4.30
CA GLY A 433 -31.90 -45.84 3.84
C GLY A 433 -33.01 -46.83 3.56
N LYS A 434 -33.12 -47.86 4.41
CA LYS A 434 -34.23 -48.80 4.29
C LYS A 434 -35.58 -48.16 4.62
N GLY A 435 -35.58 -46.98 5.25
CA GLY A 435 -36.80 -46.30 5.64
C GLY A 435 -36.81 -44.86 5.17
N ARG A 436 -37.33 -43.98 6.02
CA ARG A 436 -37.54 -42.59 5.66
C ARG A 436 -37.15 -41.66 6.81
N ILE A 437 -36.77 -40.44 6.46
CA ILE A 437 -36.43 -39.42 7.44
C ILE A 437 -37.60 -38.44 7.52
N LEU A 438 -38.17 -38.29 8.70
CA LEU A 438 -39.31 -37.40 8.92
C LEU A 438 -38.82 -36.14 9.61
N LYS A 439 -39.08 -34.99 8.98
CA LYS A 439 -38.86 -33.68 9.59
C LYS A 439 -40.21 -33.07 9.91
N ILE A 440 -40.33 -32.45 11.06
CA ILE A 440 -41.60 -31.91 11.53
C ILE A 440 -41.36 -30.49 12.05
N ILE A 441 -42.13 -29.54 11.53
CA ILE A 441 -41.95 -28.12 11.85
C ILE A 441 -43.24 -27.64 12.50
N LEU A 442 -43.17 -27.29 13.78
CA LEU A 442 -44.31 -26.78 14.54
C LEU A 442 -43.82 -25.74 15.52
N PRO A 443 -44.73 -25.03 16.19
CA PRO A 443 -44.31 -24.20 17.32
C PRO A 443 -43.66 -25.05 18.40
N GLU A 444 -42.78 -24.42 19.18
CA GLU A 444 -41.94 -25.18 20.10
C GLU A 444 -42.78 -25.97 21.11
N ASP A 445 -43.82 -25.36 21.66
CA ASP A 445 -44.67 -26.07 22.61
C ASP A 445 -45.28 -27.31 21.97
N GLN A 446 -45.77 -27.18 20.74
CA GLN A 446 -46.29 -28.34 20.02
C GLN A 446 -45.19 -29.35 19.75
N ILE A 447 -43.95 -28.89 19.57
CA ILE A 447 -42.84 -29.83 19.37
C ILE A 447 -42.62 -30.65 20.61
N LEU A 448 -42.63 -30.02 21.79
CA LEU A 448 -42.49 -30.75 23.04
C LEU A 448 -43.65 -31.72 23.23
N LYS A 449 -44.87 -31.26 22.93
CA LYS A 449 -46.03 -32.14 23.06
C LYS A 449 -45.91 -33.36 22.15
N LEU A 450 -45.45 -33.15 20.91
CA LEU A 450 -45.29 -34.26 19.98
C LEU A 450 -44.19 -35.22 20.45
N LYS A 451 -43.10 -34.68 20.99
CA LYS A 451 -42.05 -35.55 21.52
C LYS A 451 -42.58 -36.39 22.66
N THR A 452 -43.39 -35.79 23.55
CA THR A 452 -44.01 -36.57 24.62
C THR A 452 -44.94 -37.63 24.04
N GLU A 453 -45.71 -37.28 23.01
CA GLU A 453 -46.67 -38.22 22.43
C GLU A 453 -45.95 -39.40 21.80
N LEU A 454 -44.81 -39.16 21.17
CA LEU A 454 -44.03 -40.21 20.52
C LEU A 454 -43.09 -40.93 21.48
N LYS A 455 -43.03 -40.52 22.74
CA LYS A 455 -42.14 -41.16 23.69
C LYS A 455 -42.50 -42.62 23.93
N MET A 456 -43.74 -43.02 23.60
CA MET A 456 -44.19 -44.39 23.81
C MET A 456 -44.83 -45.01 22.57
N ASN A 457 -44.97 -44.27 21.48
CA ASN A 457 -45.56 -44.80 20.26
C ASN A 457 -44.49 -45.14 19.23
N LEU B 39 -7.29 16.54 26.89
CA LEU B 39 -6.95 17.83 26.31
C LEU B 39 -5.94 17.66 25.17
N ILE B 40 -4.92 16.83 25.42
CA ILE B 40 -3.80 16.64 24.49
C ILE B 40 -4.03 15.37 23.70
N HIS B 41 -3.86 15.45 22.39
CA HIS B 41 -4.10 14.32 21.51
C HIS B 41 -3.11 14.38 20.34
N SER B 42 -3.07 13.29 19.57
CA SER B 42 -2.21 13.21 18.39
C SER B 42 -0.75 13.38 18.77
N ILE B 43 -0.29 12.52 19.68
CA ILE B 43 1.07 12.57 20.18
C ILE B 43 1.97 11.74 19.27
N ARG B 44 3.03 12.35 18.76
CA ARG B 44 3.99 11.68 17.87
C ARG B 44 5.38 11.78 18.49
N LEU B 45 6.07 10.64 18.58
CA LEU B 45 7.40 10.58 19.15
C LEU B 45 8.45 10.52 18.05
N SER B 46 9.62 11.05 18.36
CA SER B 46 10.74 11.11 17.42
C SER B 46 12.01 11.32 18.22
N SER B 47 13.14 11.41 17.53
CA SER B 47 14.41 11.65 18.18
C SER B 47 15.15 12.79 17.48
N VAL B 48 15.87 13.58 18.27
CA VAL B 48 16.78 14.60 17.76
C VAL B 48 18.14 14.36 18.40
N GLY B 49 19.12 15.12 17.95
CA GLY B 49 20.46 14.97 18.48
C GLY B 49 21.46 15.86 17.77
N PRO B 50 22.73 15.72 18.12
CA PRO B 50 23.76 16.56 17.50
C PRO B 50 23.80 16.35 15.99
N GLY B 51 24.04 17.43 15.25
CA GLY B 51 24.23 17.31 13.82
C GLY B 51 25.58 16.74 13.43
N LYS B 52 26.56 16.81 14.31
CA LYS B 52 27.91 16.34 14.05
C LYS B 52 28.24 15.17 14.95
N ALA B 53 28.84 14.13 14.37
CA ALA B 53 29.25 12.98 15.15
C ALA B 53 30.26 13.39 16.22
N THR B 54 30.04 12.91 17.44
CA THR B 54 30.93 13.28 18.54
C THR B 54 32.27 12.58 18.44
N GLY B 55 32.29 11.38 17.92
CA GLY B 55 33.51 10.59 17.85
C GLY B 55 33.48 9.44 18.83
N SER B 56 34.23 8.40 18.52
CA SER B 56 34.24 7.20 19.34
C SER B 56 35.02 7.43 20.63
N ASP B 57 34.67 6.66 21.66
CA ASP B 57 35.35 6.64 22.95
C ASP B 57 35.19 7.92 23.74
N VAL B 58 34.31 8.83 23.33
CA VAL B 58 34.06 10.04 24.10
C VAL B 58 33.08 9.71 25.22
N VAL B 59 33.41 10.13 26.43
CA VAL B 59 32.56 9.95 27.61
C VAL B 59 32.45 11.29 28.32
N HIS B 60 31.62 11.30 29.36
CA HIS B 60 31.37 12.49 30.15
C HIS B 60 31.16 12.07 31.60
N GLU B 61 32.00 12.57 32.49
CA GLU B 61 31.99 12.12 33.88
C GLU B 61 30.93 12.85 34.69
N LEU B 62 30.29 12.12 35.58
CA LEU B 62 29.28 12.67 36.49
C LEU B 62 29.93 12.87 37.85
N SER B 63 29.88 14.10 38.36
CA SER B 63 30.50 14.42 39.63
C SER B 63 29.67 13.88 40.79
N GLY B 64 30.12 14.17 42.00
CA GLY B 64 29.37 13.76 43.18
C GLY B 64 28.02 14.44 43.27
N MET B 65 27.97 15.73 42.94
CA MET B 65 26.70 16.46 42.93
C MET B 65 25.75 15.87 41.90
N ASP B 66 26.26 15.53 40.71
CA ASP B 66 25.41 14.96 39.67
C ASP B 66 24.81 13.64 40.14
N LEU B 67 25.62 12.79 40.77
CA LEU B 67 25.10 11.52 41.27
C LEU B 67 24.11 11.74 42.40
N ALA B 68 24.35 12.71 43.27
CA ALA B 68 23.39 13.03 44.32
C ALA B 68 22.09 13.59 43.76
N MET B 69 22.11 14.14 42.55
CA MET B 69 20.93 14.73 41.93
C MET B 69 20.17 13.77 41.03
N LYS B 70 20.62 12.52 40.92
CA LYS B 70 20.16 11.66 39.83
C LYS B 70 18.72 11.19 39.98
N LEU B 71 18.10 11.34 41.15
CA LEU B 71 16.72 10.93 41.33
C LEU B 71 15.72 12.07 41.11
N HIS B 72 16.20 13.25 40.70
CA HIS B 72 15.34 14.41 40.50
C HIS B 72 15.32 14.80 39.03
N TYR B 73 14.25 15.47 38.62
CA TYR B 73 14.10 15.93 37.25
C TYR B 73 13.48 17.32 37.29
N LEU B 74 13.73 18.10 36.23
CA LEU B 74 13.20 19.45 36.12
C LEU B 74 12.21 19.49 34.97
N LYS B 75 11.00 19.96 35.24
CA LYS B 75 9.96 20.13 34.24
C LYS B 75 9.76 21.63 34.02
N GLY B 76 9.99 22.08 32.81
CA GLY B 76 9.74 23.46 32.45
C GLY B 76 8.82 23.53 31.24
N PHE B 77 8.08 24.62 31.14
CA PHE B 77 7.24 24.80 29.97
C PHE B 77 7.00 26.28 29.73
N TYR B 78 6.89 26.62 28.44
CA TYR B 78 6.66 27.97 27.96
C TYR B 78 5.48 27.95 27.00
N ILE B 79 4.63 28.97 27.09
CA ILE B 79 3.44 29.09 26.26
C ILE B 79 3.48 30.44 25.57
N PHE B 80 3.41 30.42 24.23
CA PHE B 80 3.41 31.60 23.39
C PHE B 80 2.09 31.68 22.64
N ARG B 81 1.62 32.91 22.41
CA ARG B 81 0.44 33.14 21.60
C ARG B 81 0.79 32.99 20.11
N SER B 82 -0.25 33.00 19.28
CA SER B 82 -0.07 32.75 17.86
C SER B 82 0.83 33.78 17.18
N HIS B 83 1.00 34.96 17.78
CA HIS B 83 1.80 35.99 17.14
C HIS B 83 3.28 35.66 17.19
N ALA B 84 3.77 35.21 18.35
CA ALA B 84 5.20 34.98 18.52
C ALA B 84 5.70 33.83 17.65
N VAL B 85 4.87 32.82 17.44
CA VAL B 85 5.30 31.61 16.75
C VAL B 85 4.80 31.58 15.30
N GLN B 86 4.49 32.74 14.73
CA GLN B 86 4.09 32.79 13.33
C GLN B 86 5.25 32.36 12.44
N GLY B 87 4.93 31.57 11.41
CA GLY B 87 5.96 31.10 10.51
C GLY B 87 6.99 30.22 11.18
N LEU B 88 6.54 29.33 12.06
CA LEU B 88 7.43 28.45 12.81
C LEU B 88 6.83 27.05 12.79
N SER B 89 7.45 26.15 12.01
CA SER B 89 6.98 24.79 11.87
C SER B 89 7.82 23.85 12.74
N VAL B 90 7.42 22.59 12.80
CA VAL B 90 8.19 21.60 13.54
C VAL B 90 9.54 21.37 12.90
N LYS B 91 9.62 21.47 11.57
CA LYS B 91 10.90 21.27 10.89
C LYS B 91 11.95 22.26 11.39
N LEU B 92 11.57 23.53 11.53
CA LEU B 92 12.52 24.54 11.97
C LEU B 92 12.98 24.29 13.40
N ILE B 93 12.06 23.90 14.28
CA ILE B 93 12.44 23.61 15.67
C ILE B 93 13.38 22.42 15.71
N LYS B 94 13.09 21.38 14.92
CA LYS B 94 13.96 20.22 14.88
C LYS B 94 15.35 20.58 14.37
N GLU B 95 15.41 21.43 13.33
CA GLU B 95 16.72 21.86 12.83
C GLU B 95 17.48 22.64 13.88
N SER B 96 16.80 23.54 14.60
CA SER B 96 17.47 24.31 15.63
C SER B 96 17.97 23.40 16.75
N THR B 97 17.21 22.37 17.11
CA THR B 97 17.70 21.43 18.12
C THR B 97 18.90 20.64 17.59
N PHE B 98 18.88 20.27 16.32
CA PHE B 98 20.02 19.55 15.75
C PHE B 98 21.29 20.39 15.83
N TYR B 99 21.17 21.70 15.58
CA TYR B 99 22.35 22.56 15.67
C TYR B 99 22.68 22.94 17.11
N LEU B 100 21.73 22.88 18.03
CA LEU B 100 22.00 23.21 19.43
C LEU B 100 22.77 22.09 20.11
N PHE B 101 22.42 20.83 19.83
CA PHE B 101 23.00 19.70 20.53
C PHE B 101 24.46 19.48 20.16
N ASN B 102 24.97 20.17 19.15
CA ASN B 102 26.41 20.12 18.87
C ASN B 102 27.20 20.66 20.06
N ASN B 103 26.72 21.74 20.68
CA ASN B 103 27.37 22.28 21.87
C ASN B 103 27.08 21.43 23.10
N TYR B 104 25.94 20.75 23.13
CA TYR B 104 25.53 19.99 24.29
C TYR B 104 25.38 18.51 23.95
N TYR B 105 26.37 17.95 23.25
CA TYR B 105 26.26 16.58 22.78
C TYR B 105 26.07 15.59 23.93
N TRP B 106 26.65 15.89 25.10
CA TRP B 106 26.55 14.96 26.21
C TRP B 106 25.15 14.88 26.80
N THR B 107 24.29 15.87 26.53
CA THR B 107 22.89 15.74 26.91
C THR B 107 22.16 14.71 26.06
N CYS B 108 22.75 14.27 24.95
CA CYS B 108 22.21 13.19 24.14
C CYS B 108 22.90 11.87 24.42
N ALA B 109 23.77 11.82 25.43
CA ALA B 109 24.49 10.61 25.78
C ALA B 109 23.57 9.64 26.51
N ARG B 110 24.07 8.42 26.74
CA ARG B 110 23.33 7.40 27.47
C ARG B 110 24.15 6.92 28.66
N LEU B 111 23.46 6.53 29.72
CA LEU B 111 24.13 6.17 30.96
C LEU B 111 24.71 4.77 30.89
N ARG B 112 25.94 4.64 31.38
CA ARG B 112 26.62 3.37 31.53
C ARG B 112 27.20 3.30 32.94
N ARG B 113 27.58 2.09 33.35
CA ARG B 113 28.21 1.88 34.64
C ARG B 113 29.62 1.35 34.43
N SER B 114 30.58 1.91 35.15
CA SER B 114 31.98 1.51 35.02
C SER B 114 32.21 0.21 35.79
N ASP B 115 33.47 -0.22 35.86
CA ASP B 115 33.79 -1.46 36.55
C ASP B 115 33.40 -1.41 38.01
N SER B 116 33.67 -0.28 38.68
CA SER B 116 33.30 -0.12 40.08
C SER B 116 31.80 0.10 40.26
N GLY B 117 31.08 0.41 39.19
CA GLY B 117 29.66 0.70 39.29
C GLY B 117 29.30 2.17 39.34
N ARG B 118 30.25 3.06 39.11
CA ARG B 118 29.96 4.49 39.10
C ARG B 118 29.35 4.87 37.76
N PRO B 119 28.14 5.46 37.73
CA PRO B 119 27.54 5.84 36.45
C PRO B 119 28.34 6.92 35.75
N TYR B 120 28.29 6.89 34.42
CA TYR B 120 28.84 7.95 33.58
C TYR B 120 28.03 8.01 32.30
N LEU B 121 28.30 9.01 31.48
CA LEU B 121 27.56 9.27 30.25
C LEU B 121 28.42 8.93 29.05
N LYS B 122 28.07 7.85 28.34
CA LYS B 122 28.69 7.54 27.07
C LYS B 122 28.06 8.40 25.99
N CYS B 123 28.87 9.21 25.32
CA CYS B 123 28.38 10.16 24.32
C CYS B 123 28.31 9.46 22.96
N ASN B 124 27.31 8.60 22.83
CA ASN B 124 27.05 7.87 21.60
C ASN B 124 26.04 8.57 20.70
N ASP B 125 25.61 9.78 21.06
CA ASP B 125 24.71 10.58 20.25
C ASP B 125 23.38 9.85 20.01
N CYS B 126 22.89 9.17 21.04
CA CYS B 126 21.61 8.47 20.91
C CYS B 126 20.45 9.46 20.79
N GLY B 127 20.62 10.67 21.32
CA GLY B 127 19.69 11.75 21.07
C GLY B 127 18.80 12.05 22.27
N ALA B 128 17.93 13.03 22.06
CA ALA B 128 16.88 13.40 23.00
C ALA B 128 15.53 13.11 22.37
N ARG B 129 14.54 12.82 23.21
CA ARG B 129 13.22 12.49 22.69
C ARG B 129 12.47 13.75 22.32
N PHE B 130 11.78 13.71 21.19
CA PHE B 130 10.99 14.82 20.69
C PHE B 130 9.53 14.39 20.57
N VAL B 131 8.61 15.25 21.00
CA VAL B 131 7.19 14.93 21.05
C VAL B 131 6.44 16.05 20.36
N GLU B 132 5.45 15.67 19.54
CA GLU B 132 4.56 16.61 18.88
C GLU B 132 3.14 16.32 19.33
N ALA B 133 2.43 17.36 19.77
CA ALA B 133 1.09 17.18 20.30
C ALA B 133 0.18 18.28 19.79
N GLN B 134 -1.13 18.01 19.84
CA GLN B 134 -2.15 18.95 19.44
C GLN B 134 -3.12 19.16 20.59
N CYS B 135 -3.56 20.40 20.78
CA CYS B 135 -4.52 20.76 21.81
C CYS B 135 -5.71 21.46 21.17
N ASP B 136 -6.92 20.95 21.46
CA ASP B 136 -8.12 21.58 20.93
C ASP B 136 -8.30 22.99 21.47
N LYS B 137 -8.00 23.19 22.74
CA LYS B 137 -8.16 24.50 23.35
C LYS B 137 -7.27 25.53 22.65
N THR B 138 -7.48 26.79 23.01
CA THR B 138 -6.65 27.89 22.55
C THR B 138 -5.77 28.37 23.70
N VAL B 139 -4.81 29.23 23.37
CA VAL B 139 -3.91 29.75 24.40
C VAL B 139 -4.67 30.60 25.39
N ASP B 140 -5.63 31.40 24.92
CA ASP B 140 -6.42 32.24 25.82
C ASP B 140 -7.24 31.39 26.78
N GLU B 141 -7.90 30.35 26.27
CA GLU B 141 -8.68 29.47 27.15
C GLU B 141 -7.78 28.82 28.18
N LEU B 142 -6.61 28.35 27.77
CA LEU B 142 -5.70 27.70 28.71
C LEU B 142 -5.20 28.68 29.76
N LEU B 143 -4.92 29.92 29.36
CA LEU B 143 -4.38 30.91 30.27
C LEU B 143 -5.46 31.61 31.08
N GLU B 144 -6.73 31.30 30.84
CA GLU B 144 -7.85 31.87 31.59
C GLU B 144 -8.77 30.76 32.11
N MET B 145 -8.19 29.72 32.71
CA MET B 145 -8.94 28.63 33.30
C MET B 145 -8.44 28.33 34.71
N GLY B 146 -8.27 29.36 35.52
CA GLY B 146 -7.95 29.18 36.93
C GLY B 146 -6.55 28.66 37.21
N ASP B 147 -6.46 27.53 37.89
CA ASP B 147 -5.18 27.02 38.36
C ASP B 147 -4.43 26.32 37.24
N TYR B 148 -3.14 26.60 37.12
CA TYR B 148 -2.26 25.92 36.16
C TYR B 148 -1.55 24.74 36.82
N SER B 149 -2.31 23.86 37.45
CA SER B 149 -1.73 22.73 38.17
C SER B 149 -1.44 21.55 37.25
N SER B 150 -2.24 21.35 36.21
CA SER B 150 -2.07 20.22 35.30
C SER B 150 -1.16 20.54 34.13
N PHE B 151 -0.68 21.78 34.00
CA PHE B 151 0.15 22.14 32.86
C PHE B 151 1.43 21.31 32.81
N PRO B 152 2.19 21.14 33.89
CA PRO B 152 3.41 20.32 33.80
C PRO B 152 3.14 18.90 33.35
N ASN B 153 2.01 18.32 33.74
CA ASN B 153 1.75 16.92 33.41
C ASN B 153 1.40 16.74 31.93
N LEU B 154 0.67 17.70 31.36
CA LEU B 154 0.18 17.56 29.99
C LEU B 154 1.12 18.17 28.96
N LEU B 155 1.70 19.33 29.24
CA LEU B 155 2.54 20.02 28.28
C LEU B 155 3.99 19.55 28.32
N VAL B 156 4.38 18.74 29.29
CA VAL B 156 5.72 18.19 29.39
C VAL B 156 5.61 16.68 29.36
N TYR B 157 6.31 16.05 28.42
CA TYR B 157 6.39 14.60 28.34
C TYR B 157 7.59 14.14 29.15
N HIS B 158 7.35 13.37 30.21
CA HIS B 158 8.39 12.98 31.14
C HIS B 158 8.38 11.48 31.36
N GLN B 159 9.55 10.86 31.26
CA GLN B 159 9.75 9.49 31.71
C GLN B 159 11.03 9.44 32.54
N PRO B 160 11.05 8.69 33.64
CA PRO B 160 12.28 8.61 34.43
C PRO B 160 13.37 7.83 33.72
N ILE B 161 14.60 8.06 34.16
CA ILE B 161 15.70 7.20 33.75
C ILE B 161 15.50 5.81 34.34
N GLY B 162 15.63 4.79 33.49
CA GLY B 162 15.46 3.42 33.93
C GLY B 162 14.09 2.88 33.55
N PRO B 163 13.82 1.63 33.92
CA PRO B 163 14.68 0.70 34.68
C PRO B 163 15.87 0.19 33.89
N ASP B 164 15.97 0.51 32.60
CA ASP B 164 17.11 0.16 31.77
C ASP B 164 17.87 1.45 31.43
N LEU B 165 19.02 1.64 32.06
CA LEU B 165 19.75 2.90 31.92
C LEU B 165 20.18 3.15 30.49
N ALA B 166 20.59 2.10 29.78
CA ALA B 166 21.22 2.27 28.47
C ALA B 166 20.26 2.79 27.41
N PHE B 167 18.97 2.84 27.67
CA PHE B 167 17.97 3.22 26.67
C PHE B 167 17.00 4.25 27.23
N SER B 168 17.50 5.16 28.04
CA SER B 168 16.67 6.20 28.66
C SER B 168 17.23 7.57 28.31
N PRO B 169 16.59 8.35 27.45
CA PRO B 169 17.08 9.69 27.15
C PRO B 169 16.95 10.61 28.35
N PRO B 170 17.98 11.41 28.65
CA PRO B 170 17.86 12.36 29.77
C PRO B 170 17.08 13.62 29.44
N ILE B 171 16.71 13.86 28.18
CA ILE B 171 15.96 15.05 27.80
C ILE B 171 14.75 14.63 26.96
N TYR B 172 13.58 15.12 27.36
CA TYR B 172 12.37 15.04 26.56
C TYR B 172 11.93 16.46 26.23
N LEU B 173 11.69 16.73 24.95
CA LEU B 173 11.14 18.00 24.50
C LEU B 173 9.77 17.73 23.88
N GLN B 174 8.82 18.61 24.13
CA GLN B 174 7.47 18.46 23.60
C GLN B 174 7.00 19.80 23.04
N VAL B 175 6.49 19.78 21.82
CA VAL B 175 5.91 20.96 21.17
C VAL B 175 4.43 20.68 20.97
N THR B 176 3.60 21.52 21.58
CA THR B 176 2.14 21.41 21.49
C THR B 176 1.61 22.56 20.65
N TRP B 177 0.77 22.23 19.68
CA TRP B 177 0.14 23.20 18.80
C TRP B 177 -1.31 23.38 19.22
N PHE B 178 -1.72 24.63 19.44
CA PHE B 178 -3.08 24.95 19.85
C PHE B 178 -3.90 25.41 18.64
N LYS B 179 -5.22 25.41 18.81
CA LYS B 179 -6.11 25.74 17.71
C LYS B 179 -5.91 27.17 17.23
N CYS B 180 -5.73 28.10 18.16
CA CYS B 180 -5.54 29.49 17.78
C CYS B 180 -4.24 29.75 17.05
N GLY B 181 -3.33 28.79 17.03
CA GLY B 181 -2.02 28.96 16.43
C GLY B 181 -0.89 29.16 17.41
N GLY B 182 -1.20 29.34 18.70
CA GLY B 182 -0.17 29.45 19.71
C GLY B 182 0.55 28.12 19.89
N MET B 183 1.61 28.15 20.70
CA MET B 183 2.48 26.99 20.81
C MET B 183 3.04 26.88 22.22
N SER B 184 3.15 25.65 22.69
CA SER B 184 3.79 25.36 23.97
C SER B 184 5.03 24.52 23.74
N LEU B 185 6.09 24.84 24.49
CA LEU B 185 7.34 24.09 24.47
C LEU B 185 7.64 23.64 25.90
N GLY B 186 7.63 22.34 26.13
CA GLY B 186 7.94 21.78 27.44
C GLY B 186 9.18 20.91 27.37
N MET B 187 9.91 20.89 28.48
CA MET B 187 11.14 20.10 28.57
C MET B 187 11.19 19.40 29.92
N SER B 188 11.43 18.09 29.86
CA SER B 188 11.80 17.29 31.02
C SER B 188 13.30 17.03 30.95
N TRP B 189 14.01 17.38 32.02
CA TRP B 189 15.46 17.47 32.02
C TRP B 189 16.01 16.74 33.23
N ALA B 190 16.82 15.72 33.00
CA ALA B 190 17.40 14.96 34.11
C ALA B 190 18.35 15.85 34.90
N HIS B 191 18.27 15.76 36.22
CA HIS B 191 19.08 16.62 37.07
C HIS B 191 20.54 16.21 37.10
N ILE B 192 20.90 15.05 36.53
CA ILE B 192 22.31 14.72 36.38
C ILE B 192 22.97 15.69 35.41
N LEU B 193 22.20 16.24 34.47
CA LEU B 193 22.73 17.14 33.46
C LEU B 193 23.03 18.53 33.99
N GLY B 194 22.35 18.96 35.05
CA GLY B 194 22.55 20.29 35.59
C GLY B 194 21.35 20.70 36.42
N ASP B 195 21.39 21.96 36.85
CA ASP B 195 20.35 22.55 37.69
C ASP B 195 19.45 23.45 36.85
N ALA B 196 18.47 24.06 37.51
CA ALA B 196 17.45 24.82 36.80
C ALA B 196 18.06 25.93 35.95
N PHE B 197 19.12 26.56 36.45
CA PHE B 197 19.76 27.61 35.68
C PHE B 197 20.40 27.06 34.41
N SER B 198 21.00 25.87 34.50
CA SER B 198 21.55 25.24 33.31
C SER B 198 20.46 24.91 32.30
N ALA B 199 19.33 24.40 32.77
CA ALA B 199 18.22 24.09 31.87
C ALA B 199 17.67 25.34 31.20
N CYS B 200 17.53 26.42 31.97
CA CYS B 200 17.07 27.69 31.38
C CYS B 200 18.06 28.21 30.35
N GLU B 201 19.35 28.11 30.64
CA GLU B 201 20.36 28.51 29.66
C GLU B 201 20.27 27.65 28.40
N PHE B 202 20.03 26.35 28.58
CA PHE B 202 19.89 25.46 27.43
C PHE B 202 18.70 25.88 26.56
N ILE B 203 17.57 26.19 27.18
CA ILE B 203 16.39 26.57 26.41
C ILE B 203 16.60 27.93 25.73
N ASN B 204 17.24 28.87 26.42
CA ASN B 204 17.55 30.16 25.82
C ASN B 204 18.47 30.00 24.63
N LYS B 205 19.46 29.10 24.74
CA LYS B 205 20.34 28.81 23.61
C LYS B 205 19.55 28.19 22.46
N MET B 206 18.57 27.34 22.77
CA MET B 206 17.69 26.81 21.72
C MET B 206 17.00 27.94 20.97
N GLY B 207 16.42 28.88 21.72
CA GLY B 207 15.77 30.01 21.08
C GLY B 207 16.72 30.85 20.25
N GLN B 208 17.92 31.10 20.78
CA GLN B 208 18.92 31.88 20.05
C GLN B 208 19.31 31.19 18.75
N VAL B 209 19.52 29.88 18.81
CA VAL B 209 19.89 29.12 17.62
C VAL B 209 18.77 29.19 16.59
N LEU B 210 17.52 29.05 17.03
CA LEU B 210 16.40 29.13 16.12
C LEU B 210 16.35 30.49 15.42
N THR B 211 16.49 31.56 16.19
CA THR B 211 16.46 32.90 15.61
C THR B 211 17.61 33.10 14.64
N ALA B 212 18.81 32.65 15.00
CA ALA B 212 19.96 32.82 14.13
C ALA B 212 19.80 32.04 12.84
N ILE B 213 19.23 30.84 12.92
CA ILE B 213 18.98 30.06 11.71
C ILE B 213 17.97 30.76 10.82
N LYS B 214 16.91 31.31 11.42
CA LYS B 214 15.94 32.05 10.63
C LYS B 214 16.56 33.27 9.97
N ALA B 215 17.53 33.90 10.63
CA ALA B 215 18.06 35.17 10.14
C ALA B 215 19.15 34.96 9.09
N ASN B 216 20.09 34.03 9.32
CA ASN B 216 21.26 33.88 8.48
C ASN B 216 21.44 32.46 7.97
N GLY B 217 20.41 31.63 8.02
CA GLY B 217 20.50 30.26 7.59
C GLY B 217 21.26 29.40 8.59
N PRO B 218 21.47 28.13 8.25
CA PRO B 218 22.17 27.23 9.17
C PRO B 218 23.57 27.74 9.49
N PRO B 219 24.05 27.54 10.74
CA PRO B 219 25.40 27.98 11.09
C PRO B 219 26.47 27.39 10.16
N LYS B 243 32.89 14.56 57.65
CA LYS B 243 31.65 14.88 58.35
C LYS B 243 30.44 14.53 57.48
N ASP B 244 29.43 13.95 58.09
CA ASP B 244 28.26 13.50 57.34
C ASP B 244 27.45 14.70 56.86
N PRO B 245 27.20 14.85 55.56
CA PRO B 245 26.36 15.96 55.10
C PRO B 245 24.96 15.87 55.68
N ILE B 246 24.37 17.03 55.94
CA ILE B 246 23.03 17.11 56.52
C ILE B 246 21.96 17.37 55.46
N SER B 247 22.33 17.82 54.27
CA SER B 247 21.36 18.18 53.26
C SER B 247 20.90 17.01 52.40
N ILE B 248 21.62 15.88 52.42
CA ILE B 248 21.29 14.71 51.61
C ILE B 248 20.96 13.55 52.52
N LYS B 249 19.90 12.83 52.17
CA LYS B 249 19.43 11.68 52.94
C LYS B 249 19.68 10.41 52.15
N TRP B 250 20.24 9.39 52.82
CA TRP B 250 20.39 8.09 52.21
C TRP B 250 19.02 7.44 52.01
N VAL B 251 18.84 6.81 50.86
CA VAL B 251 17.55 6.23 50.47
C VAL B 251 17.77 4.78 50.07
N ASP B 252 16.67 4.02 50.10
CA ASP B 252 16.75 2.61 49.76
C ASP B 252 17.24 2.44 48.33
N PRO B 253 18.11 1.47 48.05
CA PRO B 253 18.68 1.35 46.71
C PRO B 253 17.59 1.19 45.65
N VAL B 254 17.80 1.84 44.51
CA VAL B 254 16.88 1.79 43.39
C VAL B 254 17.43 1.03 42.20
N GLY B 255 18.71 0.63 42.24
CA GLY B 255 19.30 -0.09 41.14
C GLY B 255 19.44 0.76 39.89
N ASP B 256 18.67 0.43 38.85
CA ASP B 256 18.73 1.13 37.59
C ASP B 256 17.48 1.94 37.28
N HIS B 257 16.52 1.99 38.21
CA HIS B 257 15.31 2.79 38.04
C HIS B 257 15.43 4.00 38.96
N TRP B 258 15.88 5.12 38.41
CA TRP B 258 16.18 6.31 39.21
C TRP B 258 14.89 7.11 39.38
N VAL B 259 14.14 6.77 40.43
CA VAL B 259 12.91 7.46 40.78
C VAL B 259 12.88 7.65 42.29
N THR B 260 12.41 8.82 42.72
CA THR B 260 12.28 9.09 44.15
C THR B 260 11.03 8.41 44.68
N ALA B 261 11.20 7.58 45.72
CA ALA B 261 10.10 6.83 46.30
C ALA B 261 9.55 7.59 47.50
N ASN B 262 8.23 7.82 47.49
CA ASN B 262 7.55 8.52 48.56
C ASN B 262 6.42 7.66 49.09
N ASN B 263 6.39 7.47 50.41
CA ASN B 263 5.32 6.72 51.06
C ASN B 263 4.14 7.62 51.38
N SER B 264 3.67 8.34 50.37
CA SER B 264 2.55 9.28 50.51
C SER B 264 2.18 9.76 49.12
N LYS B 265 1.25 10.72 49.08
CA LYS B 265 0.79 11.31 47.83
C LYS B 265 1.24 12.76 47.80
N MET B 266 2.40 13.01 47.18
CA MET B 266 2.91 14.36 47.07
C MET B 266 2.04 15.19 46.14
N ASP B 267 1.80 16.44 46.52
CA ASP B 267 0.96 17.35 45.76
C ASP B 267 1.58 18.74 45.78
N THR B 268 1.26 19.52 44.75
CA THR B 268 1.80 20.85 44.55
C THR B 268 0.74 21.90 44.85
N PHE B 269 1.20 23.12 45.12
CA PHE B 269 0.29 24.21 45.46
C PHE B 269 1.03 25.48 45.06
N SER B 270 0.53 26.19 44.06
CA SER B 270 1.19 27.37 43.52
C SER B 270 0.34 28.61 43.75
N PHE B 271 1.00 29.72 44.07
CA PHE B 271 0.32 31.00 44.23
C PHE B 271 1.30 32.12 43.94
N HIS B 272 0.77 33.34 43.87
CA HIS B 272 1.42 34.47 43.21
C HIS B 272 1.53 35.66 44.16
N LEU B 273 2.09 35.43 45.33
CA LEU B 273 2.41 36.53 46.25
C LEU B 273 2.91 37.75 45.48
N THR B 274 2.23 38.87 45.68
CA THR B 274 2.49 40.07 44.92
C THR B 274 3.56 40.92 45.62
N ASP B 275 3.98 41.99 44.95
CA ASP B 275 4.99 42.88 45.51
C ASP B 275 4.50 43.65 46.72
N SER B 276 3.20 43.64 47.01
CA SER B 276 2.64 44.34 48.16
C SER B 276 2.59 43.46 49.40
N ARG B 277 2.02 42.26 49.29
CA ARG B 277 1.92 41.39 50.46
C ARG B 277 3.29 40.96 50.98
N ILE B 278 4.32 41.02 50.14
CA ILE B 278 5.66 40.68 50.60
C ILE B 278 6.09 41.63 51.72
N SER B 279 5.96 42.94 51.49
CA SER B 279 6.29 43.91 52.53
C SER B 279 5.32 43.82 53.71
N HIS B 280 4.05 43.51 53.44
CA HIS B 280 3.08 43.38 54.51
C HIS B 280 3.48 42.27 55.48
N LEU B 281 3.93 41.13 54.94
CA LEU B 281 4.39 40.05 55.80
C LEU B 281 5.76 40.35 56.41
N GLN B 282 6.61 41.07 55.69
CA GLN B 282 7.92 41.44 56.22
C GLN B 282 7.78 42.32 57.46
N SER B 283 6.82 43.26 57.43
CA SER B 283 6.63 44.18 58.54
C SER B 283 6.15 43.47 59.81
N ASN B 284 5.74 42.21 59.72
CA ASN B 284 5.33 41.48 60.91
C ASN B 284 6.45 41.36 61.93
N PHE B 285 7.70 41.53 61.51
CA PHE B 285 8.83 41.49 62.42
C PHE B 285 9.67 42.76 62.28
N ILE B 291 17.19 42.58 50.46
CA ILE B 291 17.96 41.45 49.95
C ILE B 291 17.39 40.11 50.45
N PRO B 292 17.09 39.99 51.77
CA PRO B 292 16.54 38.74 52.30
C PRO B 292 15.03 38.61 52.13
N VAL B 293 14.55 38.86 50.91
CA VAL B 293 13.13 38.72 50.63
C VAL B 293 12.73 37.24 50.65
N PHE B 294 13.40 36.44 49.82
CA PHE B 294 13.15 35.01 49.84
C PHE B 294 13.48 34.41 51.20
N GLU B 295 14.44 35.01 51.93
CA GLU B 295 14.73 34.56 53.28
C GLU B 295 13.51 34.70 54.18
N SER B 296 12.87 35.86 54.14
CA SER B 296 11.68 36.08 54.96
C SER B 296 10.53 35.19 54.52
N LEU B 297 10.35 35.01 53.20
CA LEU B 297 9.31 34.11 52.73
C LEU B 297 9.55 32.69 53.23
N CYS B 298 10.81 32.23 53.18
CA CYS B 298 11.14 30.90 53.67
C CYS B 298 10.88 30.78 55.16
N ALA B 299 11.21 31.83 55.92
CA ALA B 299 10.94 31.80 57.36
C ALA B 299 9.44 31.69 57.61
N ILE B 300 8.63 32.45 56.87
CA ILE B 300 7.18 32.41 57.05
C ILE B 300 6.65 31.01 56.74
N ILE B 301 7.08 30.44 55.62
CA ILE B 301 6.59 29.12 55.23
C ILE B 301 7.07 28.07 56.23
N TRP B 302 8.29 28.21 56.74
CA TRP B 302 8.79 27.28 57.74
C TRP B 302 7.94 27.33 59.01
N GLN B 303 7.60 28.54 59.47
CA GLN B 303 6.74 28.65 60.64
C GLN B 303 5.36 28.05 60.38
N CYS B 304 4.82 28.31 59.19
CA CYS B 304 3.46 27.82 58.89
C CYS B 304 3.41 26.30 58.86
N VAL B 305 4.44 25.65 58.33
CA VAL B 305 4.44 24.19 58.19
C VAL B 305 4.93 23.48 59.44
N ALA B 306 5.27 24.21 60.50
CA ALA B 306 5.71 23.60 61.74
C ALA B 306 4.52 23.32 62.66
N ASN B 315 12.66 21.73 62.06
CA ASN B 315 13.84 21.13 62.67
C ASN B 315 15.00 21.14 61.70
N ASN B 316 14.93 20.28 60.69
CA ASN B 316 15.95 20.21 59.65
C ASN B 316 15.52 21.03 58.45
N VAL B 317 16.44 21.84 57.93
CA VAL B 317 16.15 22.75 56.84
C VAL B 317 17.27 22.66 55.81
N THR B 318 16.89 22.80 54.53
CA THR B 318 17.84 22.82 53.43
C THR B 318 17.54 24.02 52.54
N ILE B 319 18.61 24.68 52.08
CA ILE B 319 18.51 25.85 51.22
C ILE B 319 19.33 25.61 49.96
N CYS B 320 18.69 25.79 48.81
CA CYS B 320 19.33 25.75 47.52
C CYS B 320 19.24 27.14 46.89
N LYS B 321 20.38 27.65 46.43
CA LYS B 321 20.39 28.99 45.84
C LYS B 321 21.45 29.07 44.76
N LYS B 322 21.31 30.07 43.90
CA LYS B 322 22.22 30.22 42.78
C LYS B 322 23.64 30.44 43.27
N GLY B 323 24.59 29.81 42.58
CA GLY B 323 26.00 29.95 42.92
C GLY B 323 26.75 30.80 41.91
N ASN B 331 27.99 25.04 28.37
CA ASN B 331 28.50 24.71 29.69
C ASN B 331 27.35 24.52 30.69
N LEU B 332 27.14 23.27 31.10
CA LEU B 332 26.08 22.91 32.03
C LEU B 332 26.69 22.25 33.24
N SER B 333 26.27 22.67 34.44
CA SER B 333 26.81 22.09 35.67
C SER B 333 25.79 22.29 36.79
N ASN B 334 25.93 21.46 37.82
CA ASN B 334 25.12 21.58 39.03
C ASN B 334 25.84 22.53 39.98
N GLY B 335 25.78 23.82 39.65
CA GLY B 335 26.46 24.85 40.38
C GLY B 335 25.71 25.39 41.59
N GLN B 336 24.57 24.81 41.93
CA GLN B 336 23.77 25.33 43.03
C GLN B 336 24.54 25.25 44.34
N ILE B 337 24.41 26.31 45.14
CA ILE B 337 24.92 26.32 46.52
C ILE B 337 23.85 25.68 47.39
N ILE B 338 24.23 24.60 48.06
CA ILE B 338 23.33 23.81 48.89
C ILE B 338 23.84 23.85 50.32
N SER B 339 22.98 24.26 51.25
CA SER B 339 23.33 24.33 52.65
C SER B 339 22.21 23.72 53.49
N ALA B 340 22.55 23.34 54.72
CA ALA B 340 21.57 22.82 55.66
C ALA B 340 21.83 23.42 57.02
N PHE B 341 20.79 23.43 57.85
CA PHE B 341 20.87 24.04 59.18
C PHE B 341 19.95 23.24 60.11
N GLN B 342 20.56 22.41 60.96
CA GLN B 342 19.80 21.74 62.00
C GLN B 342 19.33 22.74 63.04
N ALA B 343 18.15 22.48 63.62
CA ALA B 343 17.53 23.39 64.56
C ALA B 343 17.13 22.65 65.82
N ASP B 344 17.18 23.36 66.93
CA ASP B 344 16.76 22.85 68.24
C ASP B 344 15.61 23.66 68.82
N PHE B 345 15.65 24.99 68.69
CA PHE B 345 14.52 25.82 69.10
C PHE B 345 13.27 25.41 68.32
N SER B 346 12.15 25.33 69.02
CA SER B 346 10.89 24.98 68.37
C SER B 346 10.50 26.06 67.37
N VAL B 347 10.32 25.66 66.12
CA VAL B 347 9.99 26.61 65.07
C VAL B 347 8.63 27.25 65.28
N MET B 348 7.66 26.50 65.82
CA MET B 348 6.31 27.03 65.97
C MET B 348 6.31 28.32 66.80
N GLU B 349 6.90 28.27 68.00
CA GLU B 349 6.93 29.41 68.90
C GLU B 349 8.24 30.17 68.76
N ALA B 350 8.50 30.65 67.55
CA ALA B 350 9.69 31.43 67.24
C ALA B 350 9.31 32.66 66.44
N ASP B 351 9.96 33.78 66.74
CA ASP B 351 9.70 35.01 66.00
C ASP B 351 10.13 34.86 64.55
N LEU B 352 9.44 35.60 63.67
CA LEU B 352 9.77 35.54 62.25
C LEU B 352 11.20 36.00 62.00
N GLU B 353 11.62 37.08 62.65
CA GLU B 353 12.98 37.58 62.47
C GLU B 353 14.01 36.60 63.00
N LYS B 354 13.68 35.88 64.08
CA LYS B 354 14.60 34.84 64.57
C LYS B 354 14.86 33.80 63.49
N LEU B 355 13.81 33.25 62.91
CA LEU B 355 13.96 32.25 61.87
C LEU B 355 14.64 32.81 60.62
N ALA B 356 14.35 34.06 60.27
CA ALA B 356 15.07 34.68 59.16
C ALA B 356 16.56 34.77 59.46
N LYS B 357 16.90 35.13 60.70
CA LYS B 357 18.31 35.23 61.08
C LYS B 357 19.00 33.88 60.99
N VAL B 358 18.37 32.82 61.50
CA VAL B 358 19.00 31.50 61.43
C VAL B 358 19.11 31.03 60.00
N LEU B 359 18.11 31.34 59.16
CA LEU B 359 18.16 30.98 57.76
C LEU B 359 19.32 31.65 57.04
N CYS B 360 19.31 32.99 57.01
CA CYS B 360 20.35 33.72 56.28
C CYS B 360 21.70 33.66 56.97
N TYR B 361 21.77 33.14 58.20
CA TYR B 361 23.05 33.03 58.91
C TYR B 361 23.05 31.79 59.79
N ASP B 366 27.74 26.36 51.96
CA ASP B 366 27.90 25.39 50.88
C ASP B 366 28.36 24.05 51.43
N GLU B 367 27.77 22.97 50.92
CA GLU B 367 28.08 21.61 51.36
C GLU B 367 28.58 20.73 50.22
N ARG B 368 29.07 21.33 49.14
CA ARG B 368 29.48 20.53 47.99
C ARG B 368 30.64 19.61 48.35
N SER B 369 31.61 20.10 49.13
CA SER B 369 32.78 19.30 49.43
C SER B 369 32.41 18.03 50.18
N ARG B 370 31.65 18.15 51.26
CA ARG B 370 31.28 16.96 52.04
C ARG B 370 30.37 16.03 51.25
N ILE B 371 29.47 16.57 50.44
CA ILE B 371 28.61 15.74 49.61
C ILE B 371 29.44 14.92 48.64
N GLU B 372 30.40 15.57 47.97
CA GLU B 372 31.28 14.86 47.05
C GLU B 372 32.09 13.80 47.79
N GLU B 373 32.56 14.11 49.00
CA GLU B 373 33.33 13.13 49.76
C GLU B 373 32.49 11.91 50.10
N THR B 374 31.26 12.11 50.56
CA THR B 374 30.43 10.95 50.89
C THR B 374 30.08 10.17 49.63
N MET B 375 29.85 10.86 48.51
CA MET B 375 29.58 10.16 47.27
C MET B 375 30.76 9.29 46.85
N GLU B 376 31.99 9.83 46.99
CA GLU B 376 33.17 9.05 46.67
C GLU B 376 33.36 7.88 47.62
N LYS B 377 32.99 8.06 48.89
CA LYS B 377 33.08 6.96 49.85
C LYS B 377 32.15 5.82 49.50
N GLY B 378 31.11 6.06 48.72
CA GLY B 378 30.22 5.04 48.23
C GLY B 378 30.50 4.57 46.82
N ASN B 379 31.59 5.06 46.21
CA ASN B 379 31.96 4.70 44.84
C ASN B 379 30.88 5.10 43.84
N GLY B 380 30.07 6.09 44.19
CA GLY B 380 29.01 6.54 43.30
C GLY B 380 27.94 5.50 43.07
N VAL B 381 27.82 4.51 43.95
CA VAL B 381 26.83 3.44 43.80
C VAL B 381 25.68 3.69 44.77
N ALA B 382 25.96 4.38 45.86
CA ALA B 382 24.92 4.70 46.84
C ALA B 382 23.94 5.72 46.26
N ASP B 383 22.71 5.68 46.79
CA ASP B 383 21.63 6.53 46.33
C ASP B 383 21.29 7.54 47.41
N TYR B 384 21.18 8.81 47.01
CA TYR B 384 20.87 9.90 47.92
C TYR B 384 19.83 10.80 47.30
N ILE B 385 19.05 11.46 48.15
CA ILE B 385 17.98 12.35 47.75
C ILE B 385 18.28 13.74 48.30
N VAL B 386 18.25 14.75 47.43
CA VAL B 386 18.55 16.12 47.84
C VAL B 386 17.26 16.85 48.18
N TYR B 387 16.38 17.00 47.18
CA TYR B 387 15.12 17.69 47.39
C TYR B 387 14.18 16.82 48.21
N GLY B 388 13.62 17.40 49.27
CA GLY B 388 12.76 16.67 50.16
C GLY B 388 13.47 15.82 51.20
N ALA B 389 14.81 15.83 51.22
CA ALA B 389 15.51 15.18 52.32
C ALA B 389 15.16 15.85 53.64
N ASN B 390 15.10 17.18 53.64
CA ASN B 390 14.53 17.95 54.73
C ASN B 390 13.56 18.95 54.12
N LEU B 391 13.04 19.89 54.92
CA LEU B 391 12.27 20.98 54.35
C LEU B 391 13.19 21.80 53.46
N THR B 392 12.97 21.71 52.14
CA THR B 392 13.85 22.34 51.17
C THR B 392 13.23 23.65 50.68
N PHE B 393 14.05 24.69 50.61
CA PHE B 393 13.68 25.96 49.98
C PHE B 393 14.64 26.21 48.83
N VAL B 394 14.09 26.33 47.63
CA VAL B 394 14.85 26.60 46.41
C VAL B 394 14.62 28.04 46.00
N ASN B 395 15.70 28.73 45.64
CA ASN B 395 15.64 30.14 45.26
C ASN B 395 15.92 30.23 43.75
N TRP B 396 14.84 30.21 42.97
CA TRP B 396 14.92 30.38 41.52
C TRP B 396 14.46 31.76 41.07
N GLU B 397 14.34 32.72 41.99
CA GLU B 397 13.93 34.06 41.61
C GLU B 397 14.91 34.66 40.60
N ASP B 398 16.17 34.25 40.63
CA ASP B 398 17.18 34.76 39.74
C ASP B 398 17.37 33.91 38.49
N ALA B 399 16.63 32.81 38.36
CA ALA B 399 16.69 32.02 37.14
C ALA B 399 16.02 32.76 35.99
N ASP B 400 16.54 32.54 34.79
CA ASP B 400 16.02 33.24 33.60
C ASP B 400 14.90 32.39 32.98
N VAL B 401 13.80 32.31 33.72
CA VAL B 401 12.66 31.52 33.26
C VAL B 401 12.08 32.11 31.98
N TYR B 402 11.93 33.42 31.91
CA TYR B 402 11.42 34.09 30.72
C TYR B 402 12.58 34.53 29.82
N GLY B 403 13.39 33.56 29.43
CA GLY B 403 14.55 33.81 28.61
C GLY B 403 14.35 33.38 27.17
N LEU B 404 13.46 32.42 26.95
CA LEU B 404 13.19 31.96 25.60
C LEU B 404 12.38 32.99 24.85
N GLU B 405 12.95 33.50 23.75
CA GLU B 405 12.29 34.47 22.89
C GLU B 405 12.16 33.89 21.49
N LEU B 406 10.93 33.84 20.99
CA LEU B 406 10.65 33.40 19.63
C LEU B 406 10.18 34.61 18.83
N ASN B 407 10.90 34.93 17.77
CA ASN B 407 10.63 36.13 16.97
C ASN B 407 10.65 37.38 17.85
N GLY B 408 11.53 37.38 18.85
CA GLY B 408 11.71 38.53 19.71
C GLY B 408 10.66 38.69 20.79
N GLU B 409 9.73 37.76 20.92
CA GLU B 409 8.65 37.85 21.90
C GLU B 409 8.88 36.80 22.99
N LYS B 410 8.83 37.23 24.24
CA LYS B 410 8.97 36.29 25.34
C LYS B 410 7.70 35.45 25.48
N ALA B 411 7.84 34.35 26.21
CA ALA B 411 6.71 33.44 26.40
C ALA B 411 5.61 34.12 27.19
N ASP B 412 4.38 33.95 26.72
CA ASP B 412 3.23 34.48 27.45
C ASP B 412 3.17 33.90 28.86
N PHE B 413 3.49 32.62 29.02
CA PHE B 413 3.50 32.04 30.37
C PHE B 413 4.58 30.96 30.46
N ALA B 414 5.53 31.14 31.36
CA ALA B 414 6.61 30.19 31.56
C ALA B 414 6.64 29.74 33.02
N SER B 415 6.96 28.46 33.24
CA SER B 415 7.03 27.94 34.59
C SER B 415 8.03 26.78 34.63
N PHE B 416 8.57 26.56 35.84
CA PHE B 416 9.50 25.47 36.10
C PHE B 416 9.13 24.82 37.43
N SER B 417 9.47 23.54 37.56
CA SER B 417 9.19 22.79 38.78
C SER B 417 10.07 21.56 38.82
N ILE B 418 10.04 20.87 39.96
CA ILE B 418 10.88 19.70 40.21
C ILE B 418 9.97 18.49 40.35
N GLN B 419 10.32 17.42 39.63
CA GLN B 419 9.66 16.13 39.75
C GLN B 419 10.60 15.17 40.48
N GLY B 420 10.10 14.57 41.56
CA GLY B 420 10.89 13.64 42.33
C GLY B 420 11.27 14.16 43.70
N VAL B 421 10.42 15.01 44.27
CA VAL B 421 10.70 15.59 45.58
C VAL B 421 10.42 14.55 46.67
N GLY B 422 11.17 14.65 47.76
CA GLY B 422 11.06 13.71 48.85
C GLY B 422 9.83 13.95 49.72
N ASP B 423 9.67 13.07 50.71
CA ASP B 423 8.48 13.13 51.56
C ASP B 423 8.41 14.42 52.36
N GLU B 424 9.56 15.00 52.73
CA GLU B 424 9.55 16.19 53.56
C GLU B 424 8.88 17.37 52.84
N GLY B 425 9.16 17.52 51.55
CA GLY B 425 8.56 18.57 50.75
C GLY B 425 9.59 19.61 50.34
N ALA B 426 9.11 20.57 49.54
CA ALA B 426 9.97 21.60 49.00
C ALA B 426 9.16 22.89 48.80
N VAL B 427 9.87 24.00 48.68
CA VAL B 427 9.25 25.30 48.48
C VAL B 427 10.08 26.09 47.48
N LEU B 428 9.64 26.14 46.23
CA LEU B 428 10.35 26.83 45.17
C LEU B 428 9.82 28.24 45.01
N VAL B 429 10.73 29.19 44.84
CA VAL B 429 10.40 30.59 44.64
C VAL B 429 10.87 30.99 43.25
N LEU B 430 9.94 31.41 42.41
CA LEU B 430 10.18 31.79 41.03
C LEU B 430 9.84 33.26 40.81
N PRO B 431 10.41 33.90 39.79
CA PRO B 431 10.16 35.32 39.59
C PRO B 431 8.78 35.58 38.99
N GLY B 432 8.10 36.59 39.52
CA GLY B 432 6.83 37.05 39.01
C GLY B 432 6.91 38.54 38.72
N GLY B 433 8.01 38.94 38.09
CA GLY B 433 8.26 40.35 37.87
C GLY B 433 8.51 41.06 39.18
N LYS B 434 7.63 41.99 39.54
CA LYS B 434 7.74 42.64 40.84
C LYS B 434 7.40 41.68 41.99
N GLY B 435 6.80 40.53 41.70
CA GLY B 435 6.39 39.59 42.71
C GLY B 435 7.13 38.27 42.65
N ARG B 436 6.59 37.30 43.38
CA ARG B 436 7.15 35.96 43.43
C ARG B 436 6.05 34.93 43.28
N ILE B 437 6.39 33.80 42.67
CA ILE B 437 5.52 32.64 42.58
C ILE B 437 6.07 31.57 43.50
N LEU B 438 5.23 31.04 44.37
CA LEU B 438 5.65 30.07 45.38
C LEU B 438 4.98 28.74 45.09
N LYS B 439 5.78 27.74 44.75
CA LYS B 439 5.30 26.38 44.56
C LYS B 439 5.70 25.54 45.77
N ILE B 440 4.72 25.08 46.52
CA ILE B 440 4.95 24.23 47.69
C ILE B 440 4.59 22.81 47.30
N ILE B 441 5.48 21.86 47.62
CA ILE B 441 5.28 20.45 47.33
C ILE B 441 5.31 19.71 48.67
N LEU B 442 4.18 19.09 49.01
CA LEU B 442 4.04 18.45 50.32
C LEU B 442 3.01 17.35 50.20
N PRO B 443 2.90 16.48 51.21
CA PRO B 443 1.80 15.51 51.22
C PRO B 443 0.46 16.22 51.17
N GLU B 444 -0.50 15.59 50.48
CA GLU B 444 -1.74 16.28 50.15
C GLU B 444 -2.45 16.79 51.40
N ASP B 445 -2.47 16.00 52.47
CA ASP B 445 -3.12 16.45 53.70
C ASP B 445 -2.45 17.72 54.24
N GLN B 446 -1.12 17.76 54.20
CA GLN B 446 -0.42 18.96 54.62
C GLN B 446 -0.72 20.13 53.68
N ILE B 447 -0.92 19.86 52.39
CA ILE B 447 -1.30 20.93 51.47
C ILE B 447 -2.67 21.50 51.86
N LEU B 448 -3.61 20.63 52.19
CA LEU B 448 -4.93 21.10 52.62
C LEU B 448 -4.82 21.92 53.89
N LYS B 449 -4.00 21.47 54.85
CA LYS B 449 -3.81 22.23 56.08
C LYS B 449 -3.20 23.61 55.78
N LEU B 450 -2.19 23.64 54.91
CA LEU B 450 -1.54 24.91 54.59
C LEU B 450 -2.49 25.85 53.86
N LYS B 451 -3.40 25.31 53.04
CA LYS B 451 -4.33 26.15 52.32
C LYS B 451 -5.07 27.09 53.26
N THR B 452 -5.41 26.62 54.46
CA THR B 452 -6.06 27.45 55.46
C THR B 452 -5.06 28.17 56.35
N GLU B 453 -3.95 27.52 56.69
CA GLU B 453 -2.98 28.14 57.60
C GLU B 453 -2.41 29.42 57.00
N LEU B 454 -2.12 29.41 55.70
CA LEU B 454 -1.49 30.58 55.08
C LEU B 454 -2.46 31.74 54.93
N LYS B 455 -3.76 31.45 54.74
CA LYS B 455 -4.73 32.53 54.55
C LYS B 455 -4.82 33.46 55.74
N MET B 456 -4.45 33.00 56.94
CA MET B 456 -4.53 33.84 58.12
C MET B 456 -3.55 35.01 58.07
N ASN B 457 -2.55 34.94 57.17
CA ASN B 457 -1.59 36.02 57.04
C ASN B 457 -1.33 36.34 55.57
N LEU C 101 39.68 3.55 -54.33
CA LEU C 101 39.94 2.48 -53.37
C LEU C 101 40.04 3.02 -51.95
N ILE C 102 40.51 4.26 -51.82
CA ILE C 102 40.65 4.87 -50.50
C ILE C 102 39.29 5.11 -49.86
N ILE C 103 38.30 5.51 -50.68
CA ILE C 103 36.99 5.85 -50.14
C ILE C 103 36.35 4.64 -49.48
N PHE C 104 36.31 3.50 -50.17
CA PHE C 104 35.63 2.34 -49.64
C PHE C 104 36.32 1.76 -48.41
N ILE C 105 37.56 2.16 -48.12
CA ILE C 105 38.24 1.71 -46.93
C ILE C 105 38.24 2.75 -45.82
N ALA C 106 37.97 4.02 -46.13
CA ALA C 106 37.96 5.09 -45.13
C ALA C 106 36.55 5.47 -44.70
N THR C 107 35.67 5.79 -45.66
CA THR C 107 34.32 6.21 -45.30
C THR C 107 33.53 5.08 -44.66
N VAL C 108 33.85 3.83 -45.00
CA VAL C 108 33.19 2.70 -44.36
C VAL C 108 33.48 2.72 -42.86
N TYR C 109 34.75 2.89 -42.50
CA TYR C 109 35.10 3.01 -41.08
C TYR C 109 34.47 4.25 -40.46
N PHE C 110 34.51 5.38 -41.17
CA PHE C 110 34.03 6.63 -40.60
C PHE C 110 32.52 6.61 -40.36
N MET C 111 31.77 5.88 -41.18
CA MET C 111 30.32 5.84 -41.03
C MET C 111 29.85 4.72 -40.12
N SER C 112 30.68 3.71 -39.87
CA SER C 112 30.34 2.63 -38.96
C SER C 112 30.90 2.85 -37.56
N LYS C 113 31.57 3.97 -37.32
CA LYS C 113 32.15 4.24 -36.02
C LYS C 113 31.07 4.67 -35.03
N PRO C 114 30.99 4.05 -33.85
CA PRO C 114 30.02 4.50 -32.86
C PRO C 114 30.30 5.93 -32.43
N ARG C 115 29.23 6.64 -32.09
CA ARG C 115 29.38 7.97 -31.50
C ARG C 115 30.01 7.88 -30.13
N HIS C 116 30.80 8.89 -29.79
CA HIS C 116 31.42 8.96 -28.48
C HIS C 116 30.41 9.51 -27.46
N VAL C 117 30.25 8.80 -26.35
CA VAL C 117 29.39 9.23 -25.27
C VAL C 117 30.28 9.75 -24.14
N TYR C 118 29.93 10.91 -23.61
CA TYR C 118 30.73 11.59 -22.61
C TYR C 118 29.90 11.82 -21.36
N LEU C 119 30.51 11.57 -20.21
CA LEU C 119 29.95 12.00 -18.93
C LEU C 119 30.42 13.43 -18.71
N VAL C 120 29.56 14.40 -19.05
CA VAL C 120 29.92 15.79 -18.91
C VAL C 120 30.12 16.15 -17.44
N ASP C 121 29.16 15.78 -16.60
CA ASP C 121 29.26 16.01 -15.17
C ASP C 121 28.18 15.21 -14.47
N TYR C 122 28.24 15.21 -13.15
CA TYR C 122 27.21 14.58 -12.33
C TYR C 122 27.19 15.25 -10.97
N ALA C 123 26.04 15.21 -10.34
CA ALA C 123 25.83 15.80 -9.02
C ALA C 123 25.26 14.73 -8.10
N CYS C 124 25.81 14.63 -6.90
CA CYS C 124 25.35 13.70 -5.88
C CYS C 124 24.62 14.46 -4.80
N TYR C 125 23.44 13.97 -4.42
CA TYR C 125 22.68 14.60 -3.35
C TYR C 125 23.41 14.46 -2.03
N LYS C 126 23.38 15.53 -1.23
CA LYS C 126 24.03 15.55 0.08
C LYS C 126 22.95 15.60 1.16
N PRO C 127 22.62 14.48 1.80
CA PRO C 127 21.55 14.50 2.81
C PRO C 127 21.88 15.44 3.95
N PRO C 128 20.89 16.15 4.48
CA PRO C 128 21.17 17.07 5.59
C PRO C 128 21.50 16.33 6.88
N VAL C 129 22.21 17.04 7.76
CA VAL C 129 22.56 16.45 9.06
C VAL C 129 21.32 16.16 9.89
N THR C 130 20.20 16.83 9.59
CA THR C 130 18.98 16.58 10.35
C THR C 130 18.39 15.21 10.08
N CYS C 131 18.81 14.54 9.00
CA CYS C 131 18.40 13.18 8.71
C CYS C 131 19.38 12.15 9.24
N ARG C 132 20.44 12.59 9.92
CA ARG C 132 21.46 11.68 10.43
C ARG C 132 20.87 10.68 11.41
N VAL C 133 21.40 9.46 11.38
CA VAL C 133 20.94 8.38 12.25
C VAL C 133 22.14 7.58 12.75
N PRO C 134 22.62 7.82 13.96
CA PRO C 134 23.71 7.01 14.50
C PRO C 134 23.23 5.61 14.90
N PHE C 135 24.21 4.74 15.16
CA PHE C 135 23.92 3.35 15.49
C PHE C 135 23.07 3.24 16.76
N ALA C 136 23.40 4.01 17.79
CA ALA C 136 22.68 3.92 19.05
C ALA C 136 21.22 4.33 18.87
N THR C 137 20.97 5.39 18.08
CA THR C 137 19.60 5.81 17.85
C THR C 137 18.82 4.76 17.08
N PHE C 138 19.44 4.17 16.05
CA PHE C 138 18.77 3.11 15.31
C PHE C 138 18.40 1.96 16.23
N MET C 139 19.30 1.57 17.12
CA MET C 139 19.02 0.43 18.00
C MET C 139 17.94 0.79 19.02
N GLU C 140 17.96 2.01 19.54
CA GLU C 140 16.93 2.42 20.48
C GLU C 140 15.55 2.45 19.83
N HIS C 141 15.47 3.00 18.63
CA HIS C 141 14.19 3.02 17.91
C HIS C 141 13.74 1.60 17.60
N SER C 142 14.67 0.73 17.23
CA SER C 142 14.32 -0.67 16.98
C SER C 142 13.77 -1.32 18.23
N ARG C 143 14.38 -1.06 19.38
CA ARG C 143 13.87 -1.62 20.63
C ARG C 143 12.47 -1.11 20.92
N LEU C 144 12.21 0.18 20.68
CA LEU C 144 10.88 0.72 20.96
C LEU C 144 9.83 0.21 19.99
N ILE C 145 10.22 -0.04 18.74
CA ILE C 145 9.25 -0.46 17.73
C ILE C 145 8.95 -1.95 17.86
N LEU C 146 9.99 -2.78 17.80
CA LEU C 146 9.85 -4.22 17.94
C LEU C 146 9.90 -4.64 19.40
N LYS C 147 9.03 -4.03 20.22
CA LYS C 147 9.05 -4.30 21.65
C LYS C 147 8.65 -5.73 21.96
N ASN C 148 7.84 -6.35 21.11
CA ASN C 148 7.36 -7.71 21.33
C ASN C 148 8.18 -8.77 20.61
N ASN C 149 9.24 -8.39 19.92
CA ASN C 149 10.07 -9.31 19.14
C ASN C 149 11.54 -9.09 19.49
N PRO C 150 11.98 -9.57 20.64
CA PRO C 150 13.39 -9.40 21.02
C PRO C 150 14.36 -9.98 20.01
N LYS C 151 14.00 -11.09 19.37
CA LYS C 151 14.91 -11.72 18.42
C LYS C 151 15.11 -10.87 17.18
N SER C 152 14.08 -10.14 16.75
CA SER C 152 14.24 -9.23 15.62
C SER C 152 15.20 -8.10 15.96
N VAL C 153 15.09 -7.55 17.17
CA VAL C 153 16.02 -6.51 17.60
C VAL C 153 17.44 -7.05 17.66
N GLU C 154 17.60 -8.26 18.18
CA GLU C 154 18.93 -8.87 18.23
C GLU C 154 19.48 -9.09 16.83
N PHE C 155 18.64 -9.53 15.90
CA PHE C 155 19.08 -9.73 14.53
C PHE C 155 19.54 -8.42 13.90
N GLN C 156 18.78 -7.35 14.11
CA GLN C 156 19.17 -6.05 13.56
C GLN C 156 20.48 -5.57 14.19
N MET C 157 20.65 -5.79 15.50
CA MET C 157 21.90 -5.47 16.15
C MET C 157 23.07 -6.20 15.50
N ARG C 158 22.92 -7.51 15.30
CA ARG C 158 24.00 -8.30 14.70
C ARG C 158 24.31 -7.83 13.30
N ILE C 159 23.27 -7.49 12.52
CA ILE C 159 23.49 -7.04 11.15
C ILE C 159 24.23 -5.71 11.13
N LEU C 160 23.79 -4.76 11.95
CA LEU C 160 24.39 -3.43 11.92
C LEU C 160 25.77 -3.39 12.55
N GLU C 161 26.09 -4.32 13.44
CA GLU C 161 27.41 -4.32 14.05
C GLU C 161 28.50 -4.50 13.01
N ARG C 162 28.30 -5.41 12.07
CA ARG C 162 29.31 -5.76 11.07
C ARG C 162 29.03 -5.15 9.70
N SER C 163 28.10 -4.20 9.62
CA SER C 163 27.67 -3.68 8.32
C SER C 163 28.74 -2.82 7.66
N GLY C 164 29.63 -2.21 8.45
CA GLY C 164 30.58 -1.26 7.93
C GLY C 164 30.04 0.15 7.80
N LEU C 165 28.82 0.40 8.23
CA LEU C 165 28.24 1.74 8.19
C LEU C 165 28.81 2.59 9.32
N GLY C 166 28.86 3.89 9.09
CA GLY C 166 29.36 4.85 10.06
C GLY C 166 28.24 5.49 10.85
N GLU C 167 28.54 6.67 11.39
CA GLU C 167 27.61 7.39 12.25
C GLU C 167 26.89 8.53 11.53
N GLU C 168 27.20 8.77 10.26
CA GLU C 168 26.69 9.94 9.54
C GLU C 168 25.73 9.59 8.42
N THR C 169 25.33 8.32 8.28
CA THR C 169 24.34 7.97 7.28
C THR C 169 22.98 8.54 7.68
N CYS C 170 22.09 8.68 6.70
CA CYS C 170 20.86 9.44 6.87
C CYS C 170 19.66 8.64 6.39
N LEU C 171 18.52 8.91 7.03
CA LEU C 171 17.21 8.37 6.66
C LEU C 171 16.22 9.51 6.55
N PRO C 172 15.18 9.37 5.73
CA PRO C 172 14.24 10.48 5.51
C PRO C 172 13.42 10.77 6.76
N PRO C 173 12.82 11.97 6.84
CA PRO C 173 12.14 12.35 8.09
C PRO C 173 11.08 11.38 8.57
N ALA C 174 10.29 10.81 7.65
CA ALA C 174 9.20 9.96 8.07
C ALA C 174 9.68 8.76 8.89
N ILE C 175 10.91 8.30 8.64
CA ILE C 175 11.44 7.14 9.35
C ILE C 175 11.99 7.50 10.72
N HIS C 176 12.01 8.78 11.09
CA HIS C 176 12.54 9.20 12.37
C HIS C 176 11.53 9.11 13.51
N TYR C 177 10.25 8.96 13.21
CA TYR C 177 9.24 8.84 14.25
C TYR C 177 9.25 7.42 14.80
N ILE C 178 9.04 7.30 16.11
CA ILE C 178 9.31 6.05 16.82
C ILE C 178 8.60 4.92 16.09
N PRO C 179 7.28 4.90 15.99
CA PRO C 179 6.64 4.10 14.94
C PRO C 179 6.56 4.88 13.65
N PRO C 180 7.35 4.53 12.64
CA PRO C 180 7.25 5.25 11.37
C PRO C 180 5.87 5.09 10.75
N THR C 181 5.40 6.15 10.12
CA THR C 181 4.09 6.16 9.46
C THR C 181 4.34 6.65 8.04
N PRO C 182 4.78 5.76 7.15
CA PRO C 182 5.02 6.18 5.75
C PRO C 182 3.72 6.49 5.04
N THR C 183 3.69 7.64 4.38
CA THR C 183 2.56 8.05 3.57
C THR C 183 3.07 8.41 2.17
N MET C 184 2.15 8.42 1.21
CA MET C 184 2.54 8.82 -0.14
C MET C 184 2.97 10.27 -0.19
N GLU C 185 2.40 11.12 0.67
CA GLU C 185 2.85 12.51 0.72
C GLU C 185 4.31 12.60 1.16
N ALA C 186 4.69 11.81 2.18
CA ALA C 186 6.08 11.82 2.63
C ALA C 186 7.02 11.29 1.56
N ALA C 187 6.62 10.22 0.86
CA ALA C 187 7.44 9.69 -0.21
C ALA C 187 7.61 10.70 -1.33
N ARG C 188 6.54 11.39 -1.70
CA ARG C 188 6.64 12.42 -2.73
C ARG C 188 7.54 13.55 -2.27
N GLY C 189 7.43 13.96 -1.01
CA GLY C 189 8.28 15.01 -0.50
C GLY C 189 9.75 14.63 -0.53
N GLU C 190 10.07 13.41 -0.12
CA GLU C 190 11.46 12.97 -0.15
C GLU C 190 11.97 12.86 -1.59
N ALA C 191 11.16 12.33 -2.50
CA ALA C 191 11.58 12.23 -3.89
C ALA C 191 11.84 13.61 -4.47
N GLU C 192 10.94 14.56 -4.23
CA GLU C 192 11.14 15.91 -4.72
C GLU C 192 12.41 16.50 -4.14
N LEU C 193 12.59 16.39 -2.83
CA LEU C 193 13.79 16.93 -2.19
C LEU C 193 15.05 16.40 -2.86
N VAL C 194 15.22 15.07 -2.87
CA VAL C 194 16.46 14.49 -3.36
C VAL C 194 16.67 14.82 -4.85
N ILE C 195 15.64 14.55 -5.67
CA ILE C 195 15.82 14.68 -7.11
C ILE C 195 16.01 16.12 -7.52
N PHE C 196 15.23 17.05 -6.93
CA PHE C 196 15.38 18.45 -7.29
C PHE C 196 16.71 19.00 -6.81
N SER C 197 17.18 18.58 -5.64
CA SER C 197 18.50 19.02 -5.19
C SER C 197 19.58 18.57 -6.17
N ALA C 198 19.57 17.29 -6.54
CA ALA C 198 20.58 16.79 -7.47
C ALA C 198 20.48 17.47 -8.82
N MET C 199 19.26 17.66 -9.33
CA MET C 199 19.08 18.29 -10.63
C MET C 199 19.53 19.74 -10.60
N ASP C 200 19.23 20.46 -9.52
CA ASP C 200 19.69 21.84 -9.40
C ASP C 200 21.20 21.91 -9.38
N SER C 201 21.85 21.01 -8.63
CA SER C 201 23.31 21.00 -8.62
C SER C 201 23.86 20.73 -10.01
N LEU C 202 23.28 19.77 -10.73
CA LEU C 202 23.76 19.43 -12.06
C LEU C 202 23.61 20.60 -13.02
N LEU C 203 22.42 21.22 -13.04
CA LEU C 203 22.20 22.34 -13.94
C LEU C 203 23.08 23.53 -13.57
N GLN C 204 23.41 23.69 -12.30
CA GLN C 204 24.26 24.80 -11.89
C GLN C 204 25.71 24.57 -12.29
N LYS C 205 26.21 23.33 -12.13
CA LYS C 205 27.62 23.06 -12.41
C LYS C 205 27.90 22.77 -13.86
N THR C 206 26.88 22.49 -14.68
CA THR C 206 27.09 22.28 -16.10
C THR C 206 26.68 23.48 -16.96
N GLY C 207 25.87 24.39 -16.43
CA GLY C 207 25.33 25.45 -17.25
C GLY C 207 24.31 24.98 -18.25
N LEU C 208 23.77 23.78 -18.07
CA LEU C 208 22.85 23.20 -19.03
C LEU C 208 21.48 23.85 -18.92
N LYS C 209 20.94 24.26 -20.06
CA LYS C 209 19.59 24.80 -20.07
C LYS C 209 18.57 23.66 -20.11
N PRO C 210 17.46 23.77 -19.38
CA PRO C 210 16.45 22.71 -19.45
C PRO C 210 15.92 22.45 -20.85
N LYS C 211 15.89 23.45 -21.71
CA LYS C 211 15.41 23.26 -23.08
C LYS C 211 16.39 22.48 -23.94
N ASP C 212 17.61 22.26 -23.47
CA ASP C 212 18.62 21.50 -24.20
C ASP C 212 18.65 20.03 -23.81
N ILE C 213 17.76 19.58 -22.95
CA ILE C 213 17.69 18.18 -22.54
C ILE C 213 16.79 17.45 -23.51
N ASP C 214 17.35 16.48 -24.23
CA ASP C 214 16.59 15.68 -25.18
C ASP C 214 16.18 14.32 -24.63
N ILE C 215 16.95 13.73 -23.72
CA ILE C 215 16.63 12.44 -23.13
C ILE C 215 16.63 12.58 -21.62
N LEU C 216 15.68 11.93 -20.96
CA LEU C 216 15.59 11.95 -19.50
C LEU C 216 15.21 10.56 -19.02
N ILE C 217 16.13 9.89 -18.32
CA ILE C 217 15.89 8.56 -17.78
C ILE C 217 15.97 8.66 -16.26
N VAL C 218 14.92 8.20 -15.58
CA VAL C 218 14.88 8.18 -14.12
C VAL C 218 14.70 6.74 -13.68
N ASN C 219 15.57 6.27 -12.79
CA ASN C 219 15.46 4.93 -12.23
C ASN C 219 15.39 5.01 -10.71
N CYS C 220 14.28 4.50 -10.17
CA CYS C 220 14.08 4.28 -8.75
C CYS C 220 13.31 2.98 -8.61
N SER C 221 13.83 2.06 -7.79
CA SER C 221 13.32 0.70 -7.80
C SER C 221 11.90 0.61 -7.27
N LEU C 222 11.67 1.07 -6.03
CA LEU C 222 10.41 0.76 -5.36
C LEU C 222 9.36 1.85 -5.52
N PHE C 223 9.73 3.12 -5.46
CA PHE C 223 8.76 4.19 -5.56
C PHE C 223 8.42 4.46 -7.01
N SER C 224 7.12 4.54 -7.31
CA SER C 224 6.66 4.70 -8.69
C SER C 224 5.27 5.32 -8.73
N PRO C 225 5.15 6.63 -8.52
CA PRO C 225 3.83 7.27 -8.56
C PRO C 225 3.26 7.30 -9.98
N THR C 226 1.94 7.47 -10.06
CA THR C 226 1.26 7.36 -11.35
C THR C 226 1.74 8.39 -12.35
N PRO C 227 1.86 9.68 -12.03
CA PRO C 227 2.70 10.55 -12.85
C PRO C 227 4.16 10.26 -12.54
N SER C 228 4.86 9.62 -13.47
CA SER C 228 6.19 9.09 -13.19
C SER C 228 7.13 10.17 -12.65
N LEU C 229 8.22 9.75 -12.02
CA LEU C 229 9.20 10.71 -11.51
C LEU C 229 9.82 11.52 -12.64
N SER C 230 9.94 10.92 -13.82
CA SER C 230 10.40 11.68 -14.98
C SER C 230 9.41 12.78 -15.33
N ALA C 231 8.11 12.50 -15.21
CA ALA C 231 7.11 13.54 -15.39
C ALA C 231 7.26 14.63 -14.34
N MET C 232 7.61 14.25 -13.11
CA MET C 232 7.85 15.24 -12.06
C MET C 232 9.02 16.15 -12.43
N VAL C 233 10.10 15.58 -12.96
CA VAL C 233 11.24 16.40 -13.38
C VAL C 233 10.85 17.31 -14.54
N ILE C 234 10.11 16.77 -15.51
CA ILE C 234 9.67 17.57 -16.65
C ILE C 234 8.83 18.74 -16.19
N ASN C 235 7.90 18.50 -15.27
CA ASN C 235 7.07 19.57 -14.73
C ASN C 235 7.91 20.59 -13.98
N LYS C 236 8.87 20.12 -13.18
CA LYS C 236 9.67 21.02 -12.37
C LYS C 236 10.49 21.97 -13.24
N TYR C 237 11.18 21.44 -14.24
CA TYR C 237 12.11 22.23 -15.03
C TYR C 237 11.57 22.64 -16.38
N LYS C 238 10.29 22.36 -16.66
CA LYS C 238 9.64 22.79 -17.90
C LYS C 238 10.43 22.32 -19.13
N LEU C 239 10.55 21.00 -19.26
CA LEU C 239 11.26 20.42 -20.37
C LEU C 239 10.36 20.36 -21.60
N ARG C 240 10.97 20.08 -22.75
CA ARG C 240 10.27 20.12 -24.02
C ARG C 240 9.19 19.04 -24.09
N SER C 241 8.21 19.27 -24.97
CA SER C 241 7.13 18.32 -25.12
C SER C 241 7.57 17.06 -25.85
N ASN C 242 8.58 17.15 -26.70
CA ASN C 242 9.08 16.00 -27.45
C ASN C 242 10.23 15.30 -26.74
N ILE C 243 10.41 15.54 -25.44
CA ILE C 243 11.49 14.90 -24.71
C ILE C 243 11.26 13.39 -24.66
N LYS C 244 12.34 12.63 -24.80
CA LYS C 244 12.30 11.18 -24.66
C LYS C 244 12.52 10.86 -23.20
N SER C 245 11.43 10.63 -22.48
CA SER C 245 11.46 10.36 -21.05
C SER C 245 11.18 8.89 -20.79
N PHE C 246 11.94 8.32 -19.85
CA PHE C 246 11.80 6.92 -19.47
C PHE C 246 11.88 6.81 -17.96
N ASN C 247 11.01 5.99 -17.40
CA ASN C 247 10.98 5.73 -15.96
C ASN C 247 11.18 4.23 -15.76
N LEU C 248 12.39 3.85 -15.36
CA LEU C 248 12.71 2.47 -15.06
C LEU C 248 12.42 2.20 -13.59
N SER C 249 11.59 1.19 -13.33
CA SER C 249 11.15 0.88 -11.98
C SER C 249 11.23 -0.61 -11.72
N GLY C 250 11.55 -0.96 -10.48
CA GLY C 250 11.57 -2.34 -10.06
C GLY C 250 12.78 -3.13 -10.50
N MET C 251 13.80 -2.48 -11.05
CA MET C 251 14.97 -3.16 -11.59
C MET C 251 16.13 -3.23 -10.60
N GLY C 252 15.96 -2.72 -9.39
CA GLY C 252 16.90 -2.98 -8.32
C GLY C 252 18.06 -1.99 -8.25
N CYS C 253 19.10 -2.42 -7.54
CA CYS C 253 20.25 -1.58 -7.24
C CYS C 253 21.24 -1.49 -8.39
N SER C 254 21.16 -2.37 -9.38
CA SER C 254 22.03 -2.31 -10.54
C SER C 254 21.42 -1.51 -11.69
N ALA C 255 20.24 -0.92 -11.49
CA ALA C 255 19.53 -0.25 -12.56
C ALA C 255 20.15 1.08 -12.97
N GLY C 256 21.06 1.64 -12.18
CA GLY C 256 21.74 2.85 -12.61
C GLY C 256 22.59 2.62 -13.85
N LEU C 257 23.30 1.50 -13.89
CA LEU C 257 24.07 1.18 -15.10
C LEU C 257 23.16 0.76 -16.24
N ILE C 258 21.97 0.23 -15.94
CA ILE C 258 20.98 0.00 -17.00
C ILE C 258 20.54 1.32 -17.61
N SER C 259 20.33 2.34 -16.77
CA SER C 259 20.01 3.66 -17.28
C SER C 259 21.14 4.22 -18.12
N ILE C 260 22.39 4.01 -17.68
CA ILE C 260 23.54 4.47 -18.44
C ILE C 260 23.59 3.79 -19.80
N ASP C 261 23.35 2.47 -19.84
CA ASP C 261 23.36 1.74 -21.10
C ASP C 261 22.26 2.22 -22.03
N LEU C 262 21.07 2.47 -21.48
CA LEU C 262 19.97 2.99 -22.29
C LEU C 262 20.32 4.35 -22.87
N ALA C 263 20.91 5.22 -22.05
CA ALA C 263 21.32 6.53 -22.54
C ALA C 263 22.37 6.40 -23.62
N ARG C 264 23.31 5.45 -23.47
CA ARG C 264 24.33 5.22 -24.48
C ARG C 264 23.69 4.85 -25.82
N ASP C 265 22.75 3.92 -25.80
CA ASP C 265 22.10 3.52 -27.05
C ASP C 265 21.30 4.68 -27.66
N LEU C 266 20.56 5.41 -26.83
CA LEU C 266 19.77 6.52 -27.35
C LEU C 266 20.66 7.62 -27.93
N LEU C 267 21.84 7.82 -27.33
CA LEU C 267 22.78 8.78 -27.89
C LEU C 267 23.45 8.25 -29.16
N GLN C 268 23.52 6.93 -29.32
CA GLN C 268 23.90 6.38 -30.62
C GLN C 268 22.87 6.75 -31.67
N VAL C 269 21.58 6.66 -31.33
CA VAL C 269 20.54 6.93 -32.33
C VAL C 269 20.44 8.42 -32.64
N HIS C 270 20.54 9.28 -31.64
CA HIS C 270 20.20 10.68 -31.79
C HIS C 270 21.44 11.56 -31.74
N PRO C 271 21.88 12.15 -32.85
CA PRO C 271 23.09 12.99 -32.81
C PRO C 271 22.83 14.34 -32.13
N ASN C 272 23.90 14.88 -31.56
CA ASN C 272 23.90 16.20 -30.94
C ASN C 272 22.75 16.34 -29.94
N SER C 273 22.80 15.51 -28.91
CA SER C 273 21.75 15.50 -27.89
C SER C 273 22.37 15.27 -26.52
N ASN C 274 21.62 15.66 -25.49
CA ASN C 274 21.98 15.47 -24.09
C ASN C 274 20.98 14.53 -23.44
N ALA C 275 21.50 13.67 -22.57
CA ALA C 275 20.68 12.78 -21.76
C ALA C 275 20.96 13.07 -20.29
N VAL C 276 19.92 13.06 -19.48
CA VAL C 276 20.05 13.22 -18.04
C VAL C 276 19.53 11.96 -17.38
N VAL C 277 20.36 11.36 -16.53
CA VAL C 277 20.02 10.13 -15.82
C VAL C 277 19.91 10.47 -14.34
N VAL C 278 18.76 10.19 -13.75
CA VAL C 278 18.52 10.40 -12.32
C VAL C 278 18.39 9.03 -11.68
N SER C 279 19.38 8.67 -10.87
CA SER C 279 19.39 7.39 -10.14
C SER C 279 19.11 7.67 -8.68
N THR C 280 18.05 7.05 -8.15
CA THR C 280 17.72 7.31 -6.75
C THR C 280 16.94 6.13 -6.18
N GLU C 281 16.86 6.11 -4.86
CA GLU C 281 16.01 5.18 -4.13
C GLU C 281 15.34 5.93 -3.00
N ILE C 282 14.01 6.01 -3.04
CA ILE C 282 13.25 6.69 -2.00
C ILE C 282 13.06 5.72 -0.85
N ILE C 283 13.52 6.11 0.34
CA ILE C 283 13.57 5.17 1.46
C ILE C 283 12.22 5.09 2.17
N THR C 284 11.44 6.16 2.17
CA THR C 284 10.19 6.18 2.92
C THR C 284 9.26 5.03 2.55
N PRO C 285 8.97 4.75 1.28
CA PRO C 285 8.15 3.57 0.96
C PRO C 285 8.91 2.26 1.06
N ASN C 286 10.24 2.29 1.04
CA ASN C 286 11.01 1.05 1.14
C ASN C 286 10.95 0.45 2.53
N TYR C 287 10.78 1.28 3.55
CA TYR C 287 10.89 0.80 4.92
C TYR C 287 9.90 -0.31 5.20
N TYR C 288 10.38 -1.38 5.84
CA TYR C 288 9.56 -2.53 6.17
C TYR C 288 9.02 -2.38 7.58
N GLN C 289 7.70 -2.52 7.73
CA GLN C 289 7.01 -2.21 8.97
C GLN C 289 6.68 -3.44 9.80
N GLY C 290 7.16 -4.62 9.42
CA GLY C 290 6.92 -5.84 10.16
C GLY C 290 8.08 -6.20 11.06
N ASN C 291 8.15 -7.49 11.40
CA ASN C 291 9.20 -7.97 12.28
C ASN C 291 9.84 -9.26 11.79
N GLU C 292 9.59 -9.68 10.55
CA GLU C 292 10.21 -10.89 10.02
C GLU C 292 11.68 -10.63 9.70
N ARG C 293 12.55 -11.52 10.17
CA ARG C 293 13.98 -11.25 10.10
C ARG C 293 14.48 -11.16 8.66
N ALA C 294 13.95 -12.01 7.78
CA ALA C 294 14.41 -12.00 6.40
C ALA C 294 14.13 -10.68 5.70
N MET C 295 13.15 -9.91 6.15
CA MET C 295 12.80 -8.64 5.55
C MET C 295 13.34 -7.44 6.31
N LEU C 296 14.05 -7.67 7.44
CA LEU C 296 14.55 -6.57 8.24
C LEU C 296 15.92 -6.07 7.80
N LEU C 297 16.69 -6.90 7.09
CA LEU C 297 18.03 -6.48 6.68
C LEU C 297 18.03 -5.23 5.82
N PRO C 298 17.13 -5.06 4.84
CA PRO C 298 17.14 -3.82 4.06
C PRO C 298 16.99 -2.56 4.89
N ASN C 299 16.22 -2.61 5.98
CA ASN C 299 16.06 -1.44 6.84
C ASN C 299 17.39 -1.05 7.48
N CYS C 300 18.26 -2.02 7.76
CA CYS C 300 19.50 -1.74 8.47
C CYS C 300 20.56 -1.09 7.60
N LEU C 301 20.43 -1.17 6.28
CA LEU C 301 21.50 -0.75 5.39
C LEU C 301 21.13 0.36 4.42
N PHE C 302 19.90 0.41 3.93
CA PHE C 302 19.56 1.38 2.89
C PHE C 302 19.43 2.77 3.49
N ARG C 303 20.10 3.74 2.84
CA ARG C 303 20.17 5.11 3.34
C ARG C 303 19.93 6.07 2.18
N MET C 304 19.74 7.34 2.52
CA MET C 304 19.37 8.35 1.55
C MET C 304 20.52 8.63 0.58
N GLY C 305 20.16 8.87 -0.67
CA GLY C 305 21.15 9.22 -1.67
C GLY C 305 20.48 9.39 -3.02
N GLY C 306 21.21 10.02 -3.93
CA GLY C 306 20.72 10.21 -5.28
C GLY C 306 21.80 10.81 -6.15
N ALA C 307 21.62 10.68 -7.46
CA ALA C 307 22.61 11.19 -8.39
C ALA C 307 21.92 11.63 -9.69
N ALA C 308 22.41 12.73 -10.26
CA ALA C 308 21.97 13.20 -11.57
C ALA C 308 23.19 13.34 -12.45
N ILE C 309 23.18 12.65 -13.59
CA ILE C 309 24.33 12.55 -14.49
C ILE C 309 23.94 13.12 -15.84
N LEU C 310 24.80 13.95 -16.41
CA LEU C 310 24.63 14.48 -17.75
C LEU C 310 25.55 13.72 -18.70
N LEU C 311 24.95 13.05 -19.68
CA LEU C 311 25.68 12.40 -20.77
C LEU C 311 25.40 13.15 -22.05
N SER C 312 26.36 13.12 -22.97
CA SER C 312 26.21 13.85 -24.22
C SER C 312 27.07 13.22 -25.29
N ASN C 313 26.69 13.47 -26.55
CA ASN C 313 27.50 13.09 -27.69
C ASN C 313 27.82 14.31 -28.56
N ARG C 314 27.65 15.51 -28.03
CA ARG C 314 28.00 16.72 -28.76
C ARG C 314 29.51 16.91 -28.80
N ARG C 315 29.99 17.41 -29.94
CA ARG C 315 31.43 17.66 -30.07
C ARG C 315 31.90 18.79 -29.17
N ARG C 316 31.01 19.70 -28.80
CA ARG C 316 31.39 20.79 -27.92
C ARG C 316 31.73 20.31 -26.51
N ASN C 317 31.24 19.13 -26.12
CA ASN C 317 31.54 18.55 -24.82
C ASN C 317 32.72 17.58 -24.88
N ARG C 318 33.41 17.50 -26.02
CA ARG C 318 34.49 16.53 -26.17
C ARG C 318 35.72 16.90 -25.35
N SER C 319 35.83 18.13 -24.88
CA SER C 319 37.02 18.58 -24.17
C SER C 319 36.78 18.90 -22.71
N ARG C 320 35.59 19.38 -22.34
CA ARG C 320 35.26 19.68 -20.96
C ARG C 320 34.60 18.52 -20.23
N ALA C 321 34.34 17.41 -20.92
CA ALA C 321 33.72 16.26 -20.27
C ALA C 321 34.68 15.60 -19.30
N LYS C 322 34.12 15.07 -18.22
CA LYS C 322 34.92 14.40 -17.20
C LYS C 322 35.37 13.01 -17.64
N TYR C 323 34.49 12.26 -18.30
CA TYR C 323 34.78 10.88 -18.68
C TYR C 323 34.21 10.59 -20.06
N ARG C 324 34.72 9.52 -20.66
CA ARG C 324 34.18 8.95 -21.88
C ARG C 324 33.78 7.52 -21.58
N LEU C 325 32.54 7.16 -21.92
CA LEU C 325 32.08 5.81 -21.71
C LEU C 325 32.78 4.85 -22.66
N VAL C 326 33.40 3.81 -22.10
CA VAL C 326 34.09 2.81 -22.89
C VAL C 326 33.20 1.59 -23.08
N HIS C 327 32.77 0.98 -21.98
CA HIS C 327 32.00 -0.26 -22.07
C HIS C 327 30.87 -0.27 -21.05
N VAL C 328 29.81 -1.01 -21.38
CA VAL C 328 28.80 -1.43 -20.42
C VAL C 328 28.46 -2.88 -20.69
N VAL C 329 28.50 -3.71 -19.66
CA VAL C 329 28.21 -5.13 -19.76
C VAL C 329 27.10 -5.46 -18.78
N ARG C 330 26.07 -6.15 -19.27
CA ARG C 330 24.93 -6.56 -18.47
C ARG C 330 24.90 -8.08 -18.37
N THR C 331 24.59 -8.59 -17.17
CA THR C 331 24.39 -10.00 -16.95
C THR C 331 23.07 -10.17 -16.20
N HIS C 332 22.29 -11.17 -16.60
CA HIS C 332 21.01 -11.45 -15.98
C HIS C 332 21.00 -12.91 -15.57
N LYS C 333 20.78 -13.16 -14.28
CA LYS C 333 20.70 -14.51 -13.74
C LYS C 333 19.27 -14.94 -13.45
N GLY C 334 18.30 -14.24 -14.02
CA GLY C 334 16.90 -14.54 -13.75
C GLY C 334 16.45 -15.89 -14.27
N ALA C 335 17.15 -16.43 -15.26
CA ALA C 335 16.77 -17.75 -15.78
C ALA C 335 16.89 -18.81 -14.70
N ASP C 336 17.88 -18.69 -13.82
CA ASP C 336 18.02 -19.60 -12.69
C ASP C 336 17.01 -19.23 -11.61
N ASP C 337 16.27 -20.24 -11.15
CA ASP C 337 15.21 -19.98 -10.17
C ASP C 337 15.78 -19.47 -8.85
N LYS C 338 16.90 -20.04 -8.40
CA LYS C 338 17.48 -19.59 -7.13
C LYS C 338 17.91 -18.14 -7.19
N ALA C 339 18.51 -17.73 -8.31
CA ALA C 339 18.93 -16.34 -8.46
C ALA C 339 17.72 -15.42 -8.61
N TYR C 340 16.67 -15.90 -9.25
CA TYR C 340 15.48 -15.07 -9.45
C TYR C 340 14.80 -14.73 -8.12
N ARG C 341 14.77 -15.68 -7.19
CA ARG C 341 14.00 -15.53 -5.96
C ARG C 341 14.87 -15.12 -4.76
N CYS C 342 16.14 -14.84 -4.96
CA CYS C 342 17.02 -14.56 -3.83
C CYS C 342 16.75 -13.18 -3.22
N VAL C 343 16.13 -12.27 -3.96
CA VAL C 343 15.70 -10.97 -3.46
C VAL C 343 14.28 -10.78 -3.96
N PHE C 344 13.29 -11.07 -3.12
CA PHE C 344 11.91 -11.13 -3.57
C PHE C 344 11.03 -10.27 -2.68
N GLU C 345 10.26 -9.38 -3.30
CA GLU C 345 9.31 -8.57 -2.54
C GLU C 345 8.01 -9.33 -2.36
N GLU C 346 7.54 -9.39 -1.12
CA GLU C 346 6.35 -10.18 -0.80
C GLU C 346 5.80 -9.74 0.54
N GLU C 347 4.65 -10.29 0.89
CA GLU C 347 4.02 -10.05 2.18
C GLU C 347 4.48 -11.09 3.19
N ASP C 348 4.53 -10.67 4.45
CA ASP C 348 4.86 -11.57 5.54
C ASP C 348 3.57 -12.17 6.09
N LYS C 349 3.66 -12.84 7.25
CA LYS C 349 2.48 -13.45 7.83
C LYS C 349 1.47 -12.42 8.31
N GLU C 350 1.90 -11.19 8.58
CA GLU C 350 1.00 -10.13 9.03
C GLU C 350 0.48 -9.28 7.88
N GLY C 351 0.79 -9.63 6.63
CA GLY C 351 0.32 -8.90 5.49
C GLY C 351 1.12 -7.68 5.12
N LYS C 352 2.21 -7.40 5.83
CA LYS C 352 3.05 -6.25 5.52
C LYS C 352 4.06 -6.62 4.44
N VAL C 353 4.25 -5.71 3.50
CA VAL C 353 5.11 -5.95 2.34
C VAL C 353 6.55 -5.60 2.70
N GLY C 354 7.47 -6.45 2.28
CA GLY C 354 8.88 -6.22 2.47
C GLY C 354 9.68 -6.98 1.42
N ILE C 355 11.00 -6.97 1.54
CA ILE C 355 11.88 -7.65 0.59
C ILE C 355 12.62 -8.73 1.36
N SER C 356 12.33 -9.99 1.04
CA SER C 356 12.99 -11.13 1.65
C SER C 356 14.25 -11.48 0.88
N LEU C 357 15.31 -11.77 1.64
CA LEU C 357 16.59 -12.21 1.11
C LEU C 357 16.81 -13.68 1.47
N SER C 358 17.26 -14.46 0.50
CA SER C 358 17.51 -15.87 0.75
C SER C 358 18.82 -16.07 1.49
N LYS C 359 18.94 -17.23 2.13
CA LYS C 359 20.17 -17.55 2.84
C LYS C 359 21.34 -17.67 1.87
N ASP C 360 21.10 -18.27 0.71
CA ASP C 360 22.13 -18.46 -0.30
C ASP C 360 22.43 -17.18 -1.08
N LEU C 361 21.88 -16.04 -0.67
CA LEU C 361 22.04 -14.81 -1.45
C LEU C 361 23.50 -14.56 -1.76
N MET C 362 24.37 -14.59 -0.75
CA MET C 362 25.78 -14.34 -0.99
C MET C 362 26.31 -15.22 -2.11
N ALA C 363 26.06 -16.53 -2.03
CA ALA C 363 26.54 -17.41 -3.09
C ALA C 363 26.10 -16.91 -4.45
N ILE C 364 24.79 -16.65 -4.59
CA ILE C 364 24.29 -16.18 -5.88
C ILE C 364 25.07 -14.95 -6.32
N ALA C 365 25.24 -13.99 -5.42
CA ALA C 365 25.97 -12.78 -5.79
C ALA C 365 27.33 -13.15 -6.35
N GLY C 366 28.09 -13.96 -5.63
CA GLY C 366 29.37 -14.38 -6.15
C GLY C 366 29.26 -14.82 -7.59
N GLU C 367 28.38 -15.80 -7.86
CA GLU C 367 28.28 -16.32 -9.21
C GLU C 367 28.05 -15.20 -10.20
N ALA C 368 27.05 -14.35 -9.95
CA ALA C 368 26.75 -13.28 -10.88
C ALA C 368 27.99 -12.45 -11.15
N LEU C 369 28.66 -12.01 -10.09
CA LEU C 369 29.85 -11.19 -10.27
C LEU C 369 30.83 -11.90 -11.18
N LYS C 370 31.12 -13.17 -10.88
CA LYS C 370 32.06 -13.91 -11.71
C LYS C 370 31.66 -13.83 -13.17
N SER C 371 30.40 -14.13 -13.47
CA SER C 371 29.97 -14.09 -14.86
C SER C 371 30.29 -12.75 -15.49
N ASN C 372 29.92 -11.66 -14.81
CA ASN C 372 30.15 -10.35 -15.38
C ASN C 372 31.63 -10.16 -15.69
N ILE C 373 32.50 -10.53 -14.76
CA ILE C 373 33.93 -10.36 -14.98
C ILE C 373 34.37 -11.18 -16.18
N THR C 374 33.90 -12.42 -16.27
CA THR C 374 34.27 -13.28 -17.38
C THR C 374 33.81 -12.70 -18.72
N THR C 375 32.77 -11.86 -18.70
CA THR C 375 32.31 -11.26 -19.94
C THR C 375 33.10 -10.01 -20.27
N ILE C 376 33.64 -9.33 -19.24
CA ILE C 376 34.36 -8.08 -19.46
C ILE C 376 35.87 -8.26 -19.48
N GLY C 377 36.37 -9.45 -19.22
CA GLY C 377 37.78 -9.72 -19.29
C GLY C 377 38.35 -9.58 -20.68
N PRO C 378 37.70 -10.18 -21.67
CA PRO C 378 38.21 -10.07 -23.05
C PRO C 378 38.06 -8.69 -23.67
N LEU C 379 37.34 -7.77 -23.02
CA LEU C 379 37.14 -6.43 -23.57
C LEU C 379 38.13 -5.41 -23.05
N VAL C 380 38.81 -5.69 -21.95
CA VAL C 380 39.70 -4.71 -21.32
C VAL C 380 41.11 -5.28 -21.16
N LEU C 381 41.21 -6.60 -21.05
CA LEU C 381 42.51 -7.21 -20.79
C LEU C 381 43.37 -7.14 -22.05
N PRO C 382 44.70 -6.94 -21.91
CA PRO C 382 45.59 -6.89 -23.08
C PRO C 382 45.46 -8.10 -24.00
N ASP C 409 45.24 -11.00 -15.53
CA ASP C 409 45.11 -10.29 -14.27
C ASP C 409 44.15 -9.11 -14.42
N PHE C 410 43.01 -9.18 -13.74
CA PHE C 410 41.94 -8.22 -13.95
C PHE C 410 42.30 -6.85 -13.39
N LYS C 411 42.96 -6.81 -12.22
CA LYS C 411 43.16 -5.54 -11.53
C LYS C 411 44.17 -4.65 -12.23
N GLN C 412 44.92 -5.17 -13.20
CA GLN C 412 45.91 -4.36 -13.90
C GLN C 412 45.34 -3.64 -15.12
N ALA C 413 44.11 -3.95 -15.51
CA ALA C 413 43.48 -3.25 -16.61
C ALA C 413 42.82 -1.94 -16.20
N PHE C 414 42.71 -1.68 -14.90
CA PHE C 414 41.99 -0.51 -14.41
C PHE C 414 42.84 0.22 -13.37
N GLU C 415 42.72 1.55 -13.36
CA GLU C 415 43.32 2.34 -12.30
C GLU C 415 42.41 2.43 -11.10
N HIS C 416 41.09 2.48 -11.31
CA HIS C 416 40.15 2.71 -10.23
C HIS C 416 39.00 1.71 -10.30
N PHE C 417 38.48 1.37 -9.13
CA PHE C 417 37.38 0.42 -8.98
C PHE C 417 36.28 1.06 -8.15
N CYS C 418 35.04 0.85 -8.57
CA CYS C 418 33.86 1.33 -7.85
C CYS C 418 32.92 0.14 -7.69
N ILE C 419 32.99 -0.51 -6.54
CA ILE C 419 32.12 -1.63 -6.22
C ILE C 419 30.90 -1.10 -5.49
N HIS C 420 29.71 -1.44 -5.98
CA HIS C 420 28.49 -0.97 -5.37
C HIS C 420 28.47 -1.35 -3.90
N ALA C 421 28.10 -0.39 -3.05
CA ALA C 421 28.14 -0.56 -1.60
C ALA C 421 26.89 -1.25 -1.09
N GLY C 422 26.62 -2.42 -1.67
CA GLY C 422 25.50 -3.25 -1.30
C GLY C 422 25.77 -4.21 -0.17
N GLY C 423 26.94 -4.12 0.46
CA GLY C 423 27.27 -5.02 1.55
C GLY C 423 28.76 -5.13 1.78
N ARG C 424 29.16 -5.17 3.05
CA ARG C 424 30.57 -5.31 3.39
C ARG C 424 31.11 -6.66 2.91
N ALA C 425 30.30 -7.72 3.04
CA ALA C 425 30.77 -9.05 2.68
C ALA C 425 31.05 -9.15 1.18
N VAL C 426 30.26 -8.49 0.35
CA VAL C 426 30.49 -8.55 -1.09
C VAL C 426 31.80 -7.85 -1.45
N ILE C 427 32.07 -6.71 -0.82
CA ILE C 427 33.34 -6.03 -1.06
C ILE C 427 34.49 -6.92 -0.61
N ASP C 428 34.34 -7.58 0.55
CA ASP C 428 35.38 -8.48 1.00
C ASP C 428 35.63 -9.59 -0.01
N GLU C 429 34.55 -10.19 -0.52
CA GLU C 429 34.67 -11.29 -1.46
C GLU C 429 35.36 -10.84 -2.75
N LEU C 430 34.95 -9.68 -3.28
CA LEU C 430 35.57 -9.18 -4.50
C LEU C 430 37.04 -8.85 -4.29
N GLN C 431 37.37 -8.24 -3.15
CA GLN C 431 38.77 -7.93 -2.86
C GLN C 431 39.59 -9.20 -2.78
N LYS C 432 39.05 -10.25 -2.16
CA LYS C 432 39.77 -11.51 -2.05
C LYS C 432 39.95 -12.17 -3.41
N ASN C 433 38.89 -12.20 -4.23
CA ASN C 433 38.96 -12.90 -5.50
C ASN C 433 39.84 -12.18 -6.50
N LEU C 434 39.68 -10.88 -6.63
CA LEU C 434 40.44 -10.10 -7.59
C LEU C 434 41.80 -9.65 -7.05
N GLN C 435 42.12 -10.00 -5.80
CA GLN C 435 43.40 -9.67 -5.20
C GLN C 435 43.61 -8.15 -5.17
N LEU C 436 42.53 -7.42 -4.92
CA LEU C 436 42.62 -5.97 -4.83
C LEU C 436 43.27 -5.57 -3.50
N SER C 437 43.87 -4.39 -3.50
CA SER C 437 44.53 -3.86 -2.32
C SER C 437 43.57 -2.98 -1.52
N ALA C 438 44.02 -2.61 -0.32
CA ALA C 438 43.20 -1.74 0.52
C ALA C 438 42.99 -0.38 -0.15
N GLU C 439 43.98 0.10 -0.91
CA GLU C 439 43.83 1.37 -1.61
C GLU C 439 42.83 1.26 -2.76
N GLN C 440 42.76 0.09 -3.41
CA GLN C 440 41.89 -0.05 -4.57
C GLN C 440 40.43 -0.19 -4.19
N VAL C 441 40.13 -0.76 -3.03
CA VAL C 441 38.76 -0.85 -2.53
C VAL C 441 38.44 0.27 -1.54
N GLU C 442 39.31 1.28 -1.45
CA GLU C 442 39.12 2.32 -0.44
C GLU C 442 37.86 3.12 -0.69
N ALA C 443 37.59 3.48 -1.95
CA ALA C 443 36.43 4.31 -2.24
C ALA C 443 35.13 3.61 -1.87
N SER C 444 35.02 2.31 -2.17
CA SER C 444 33.81 1.57 -1.87
C SER C 444 33.59 1.46 -0.37
N ARG C 445 34.64 1.14 0.38
CA ARG C 445 34.50 1.02 1.83
C ARG C 445 34.16 2.35 2.46
N MET C 446 34.79 3.43 2.00
CA MET C 446 34.52 4.74 2.57
C MET C 446 33.13 5.22 2.21
N THR C 447 32.64 4.91 1.00
CA THR C 447 31.26 5.25 0.65
C THR C 447 30.28 4.48 1.50
N LEU C 448 30.53 3.19 1.74
CA LEU C 448 29.67 2.43 2.63
C LEU C 448 29.67 3.01 4.03
N HIS C 449 30.83 3.45 4.51
CA HIS C 449 30.93 4.01 5.85
C HIS C 449 30.24 5.36 5.96
N ARG C 450 30.38 6.21 4.93
CA ARG C 450 29.88 7.58 5.02
C ARG C 450 28.40 7.68 4.70
N PHE C 451 27.97 7.02 3.63
CA PHE C 451 26.60 7.18 3.13
C PHE C 451 25.78 5.91 3.27
N GLY C 452 26.38 4.79 3.63
CA GLY C 452 25.65 3.54 3.69
C GLY C 452 25.39 2.97 2.30
N ASN C 453 24.31 2.21 2.20
CA ASN C 453 23.88 1.59 0.95
C ASN C 453 22.81 2.47 0.32
N THR C 454 23.22 3.36 -0.59
CA THR C 454 22.31 4.27 -1.25
C THR C 454 21.79 3.71 -2.58
N SER C 455 21.89 2.40 -2.79
CA SER C 455 21.34 1.76 -3.97
C SER C 455 22.09 2.17 -5.23
N SER C 456 21.36 2.41 -6.33
CA SER C 456 22.01 2.61 -7.61
C SER C 456 22.92 3.82 -7.64
N SER C 457 22.68 4.82 -6.79
CA SER C 457 23.52 6.01 -6.77
C SER C 457 24.85 5.79 -6.08
N SER C 458 25.02 4.65 -5.40
CA SER C 458 26.26 4.39 -4.66
C SER C 458 27.49 4.60 -5.54
N LEU C 459 27.46 4.07 -6.77
CA LEU C 459 28.62 4.13 -7.65
C LEU C 459 29.06 5.56 -7.90
N TRP C 460 28.17 6.54 -7.77
CA TRP C 460 28.54 7.92 -8.05
C TRP C 460 29.09 8.64 -6.84
N TYR C 461 28.78 8.18 -5.62
CA TYR C 461 29.49 8.68 -4.46
C TYR C 461 30.93 8.19 -4.47
N GLU C 462 31.12 6.90 -4.71
CA GLU C 462 32.47 6.34 -4.78
C GLU C 462 33.31 7.08 -5.81
N MET C 463 32.77 7.27 -7.01
CA MET C 463 33.47 8.06 -8.01
C MET C 463 33.88 9.41 -7.46
N SER C 464 32.93 10.12 -6.83
CA SER C 464 33.26 11.42 -6.26
C SER C 464 34.43 11.32 -5.31
N TYR C 465 34.45 10.26 -4.50
CA TYR C 465 35.56 10.09 -3.55
C TYR C 465 36.89 10.14 -4.27
N ILE C 466 37.03 9.36 -5.36
CA ILE C 466 38.29 9.32 -6.07
C ILE C 466 38.61 10.69 -6.63
N GLU C 467 37.59 11.46 -7.03
CA GLU C 467 37.83 12.79 -7.56
C GLU C 467 38.21 13.77 -6.45
N GLU C 468 37.76 13.53 -5.23
CA GLU C 468 37.98 14.48 -4.15
C GLU C 468 39.33 14.27 -3.47
N LYS C 469 39.97 13.13 -3.68
CA LYS C 469 41.33 12.90 -3.23
C LYS C 469 42.36 13.36 -4.25
N GLY C 470 41.92 13.87 -5.39
CA GLY C 470 42.84 14.25 -6.46
C GLY C 470 43.55 13.07 -7.07
N ARG C 471 42.85 11.95 -7.26
CA ARG C 471 43.45 10.73 -7.77
C ARG C 471 42.97 10.37 -9.16
N MET C 472 42.05 11.14 -9.75
CA MET C 472 41.49 10.85 -11.05
C MET C 472 42.26 11.66 -12.09
N LYS C 473 43.19 11.00 -12.78
CA LYS C 473 44.05 11.63 -13.78
C LYS C 473 43.56 11.27 -15.17
N LYS C 474 43.94 12.12 -16.13
CA LYS C 474 43.55 11.89 -17.51
C LYS C 474 44.09 10.55 -18.01
N GLY C 475 43.23 9.79 -18.67
CA GLY C 475 43.57 8.48 -19.19
C GLY C 475 43.33 7.34 -18.23
N ASP C 476 42.97 7.63 -16.98
CA ASP C 476 42.74 6.58 -16.00
C ASP C 476 41.46 5.82 -16.34
N ARG C 477 41.48 4.51 -16.13
CA ARG C 477 40.34 3.65 -16.40
C ARG C 477 39.65 3.30 -15.09
N VAL C 478 38.33 3.44 -15.08
CA VAL C 478 37.50 3.17 -13.91
C VAL C 478 36.55 2.03 -14.27
N TRP C 479 36.46 1.06 -13.37
CA TRP C 479 35.55 -0.07 -13.52
C TRP C 479 34.51 0.01 -12.40
N GLN C 480 33.25 0.27 -12.77
CA GLN C 480 32.14 0.26 -11.83
C GLN C 480 31.37 -1.05 -11.98
N ILE C 481 30.94 -1.60 -10.85
CA ILE C 481 30.13 -2.82 -10.87
C ILE C 481 28.99 -2.67 -9.87
N ALA C 482 27.79 -3.08 -10.27
CA ALA C 482 26.60 -3.01 -9.43
C ALA C 482 25.78 -4.29 -9.59
N PHE C 483 25.00 -4.60 -8.57
CA PHE C 483 24.21 -5.82 -8.52
C PHE C 483 22.93 -5.57 -7.73
N GLY C 484 21.93 -6.40 -7.97
CA GLY C 484 20.63 -6.18 -7.33
C GLY C 484 19.61 -7.29 -7.50
N SER C 485 18.32 -6.92 -7.54
CA SER C 485 17.23 -7.87 -7.58
C SER C 485 17.08 -8.50 -8.97
N GLY C 486 16.40 -9.64 -9.02
CA GLY C 486 16.51 -10.55 -10.14
C GLY C 486 17.92 -11.04 -10.36
N PHE C 487 18.84 -10.59 -9.53
CA PHE C 487 20.27 -10.56 -9.75
C PHE C 487 20.65 -10.34 -11.21
N LYS C 488 20.27 -9.18 -11.70
CA LYS C 488 21.07 -8.50 -12.70
C LYS C 488 22.39 -8.06 -12.06
N CYS C 489 23.47 -8.20 -12.81
CA CYS C 489 24.78 -7.69 -12.41
C CYS C 489 25.37 -6.96 -13.61
N ASN C 490 25.61 -5.66 -13.45
CA ASN C 490 26.07 -4.83 -14.54
C ASN C 490 27.38 -4.17 -14.17
N SER C 491 28.17 -3.85 -15.18
CA SER C 491 29.42 -3.14 -14.97
C SER C 491 29.64 -2.17 -16.12
N ALA C 492 30.43 -1.14 -15.84
CA ALA C 492 30.73 -0.10 -16.81
C ALA C 492 32.19 0.30 -16.70
N VAL C 493 32.84 0.45 -17.84
CA VAL C 493 34.23 0.90 -17.90
C VAL C 493 34.21 2.31 -18.47
N TRP C 494 34.78 3.25 -17.72
CA TRP C 494 34.95 4.64 -18.11
C TRP C 494 36.43 4.95 -18.25
N LYS C 495 36.72 5.96 -19.05
CA LYS C 495 38.06 6.52 -19.19
C LYS C 495 38.02 7.99 -18.83
N CYS C 496 39.01 8.45 -18.07
CA CYS C 496 39.06 9.85 -17.69
C CYS C 496 39.47 10.69 -18.89
N ASN C 497 38.70 11.74 -19.15
CA ASN C 497 38.92 12.61 -20.29
C ASN C 497 39.79 13.80 -19.98
N LYS C 498 39.89 14.18 -18.71
CA LYS C 498 40.70 15.31 -18.29
C LYS C 498 40.97 15.17 -16.80
N THR C 499 42.16 15.58 -16.37
CA THR C 499 42.46 15.54 -14.94
C THR C 499 41.44 16.38 -14.19
N ILE C 500 40.88 15.80 -13.14
CA ILE C 500 39.78 16.41 -12.40
C ILE C 500 40.33 17.05 -11.14
N LYS C 501 40.09 18.34 -10.98
CA LYS C 501 40.58 19.08 -9.82
C LYS C 501 39.56 19.02 -8.69
N THR C 502 40.06 19.01 -7.47
CA THR C 502 39.19 18.98 -6.31
C THR C 502 38.32 20.24 -6.27
N THR C 503 37.08 20.07 -5.82
CA THR C 503 36.10 21.14 -5.75
C THR C 503 35.45 21.13 -4.36
N THR C 504 34.52 22.06 -4.15
CA THR C 504 33.81 22.17 -2.89
C THR C 504 32.31 21.95 -3.04
N ASP C 505 31.84 21.55 -4.22
CA ASP C 505 30.42 21.33 -4.50
C ASP C 505 30.10 19.86 -4.69
N ASN C 506 30.71 19.00 -3.87
CA ASN C 506 30.52 17.56 -3.94
C ASN C 506 30.20 17.05 -2.54
N PRO C 507 29.59 15.86 -2.44
CA PRO C 507 29.12 15.39 -1.12
C PRO C 507 30.23 15.06 -0.14
N TRP C 508 31.47 14.94 -0.59
CA TRP C 508 32.59 14.60 0.27
C TRP C 508 33.33 15.83 0.78
N SER C 509 32.87 17.03 0.44
CA SER C 509 33.67 18.23 0.66
C SER C 509 33.96 18.45 2.15
N ASP C 510 32.97 18.23 3.00
CA ASP C 510 33.08 18.56 4.42
C ASP C 510 33.70 17.45 5.26
N CYS C 511 34.07 16.32 4.65
CA CYS C 511 34.63 15.21 5.41
C CYS C 511 35.78 14.51 4.71
N ILE C 512 36.22 14.96 3.53
CA ILE C 512 37.23 14.21 2.79
C ILE C 512 38.58 14.26 3.49
N ASP C 513 38.89 15.35 4.18
CA ASP C 513 40.22 15.53 4.76
C ASP C 513 40.53 14.51 5.85
N ARG C 514 39.53 13.79 6.35
CA ARG C 514 39.76 12.78 7.39
C ARG C 514 39.27 11.40 7.01
N TYR C 515 38.54 11.25 5.91
CA TYR C 515 37.73 10.06 5.75
C TYR C 515 38.44 8.73 5.52
N PRO C 516 39.68 8.67 5.05
CA PRO C 516 40.33 7.34 5.02
C PRO C 516 40.56 6.84 6.43
N VAL C 517 39.50 6.34 7.04
CA VAL C 517 39.48 6.03 8.45
C VAL C 517 39.59 4.52 8.64
N HIS C 518 39.85 4.11 9.88
CA HIS C 518 39.86 2.70 10.23
C HIS C 518 38.45 2.27 10.60
N ILE C 519 37.96 1.22 9.95
CA ILE C 519 36.60 0.72 10.15
C ILE C 519 36.71 -0.59 10.93
N PRO C 520 36.34 -0.61 12.21
CA PRO C 520 36.49 -1.84 12.99
C PRO C 520 35.59 -2.94 12.47
N GLU C 521 36.07 -4.19 12.63
CA GLU C 521 35.30 -5.34 12.17
C GLU C 521 33.94 -5.40 12.85
N ILE C 522 33.87 -5.01 14.12
CA ILE C 522 32.63 -5.01 14.90
C ILE C 522 32.53 -3.67 15.62
N VAL C 523 31.43 -2.98 15.40
CA VAL C 523 31.14 -1.71 16.08
C VAL C 523 30.39 -2.04 17.37
N LYS C 524 30.99 -1.68 18.50
CA LYS C 524 30.43 -2.00 19.80
C LYS C 524 29.44 -0.93 20.21
N LEU C 525 28.24 -1.35 20.63
CA LEU C 525 27.20 -0.44 21.08
C LEU C 525 27.32 -0.19 22.57
N LYS D 44 4.17 26.25 -33.42
CA LYS D 44 5.00 25.60 -32.42
C LYS D 44 5.12 24.10 -32.70
N TYR D 45 3.98 23.41 -32.67
CA TYR D 45 3.97 21.99 -32.99
C TYR D 45 4.08 21.74 -34.49
N VAL D 46 3.56 22.66 -35.31
CA VAL D 46 3.84 22.62 -36.75
C VAL D 46 5.34 22.73 -36.98
N LYS D 47 6.01 23.57 -36.19
CA LYS D 47 7.46 23.70 -36.32
C LYS D 47 8.16 22.41 -35.95
N LEU D 48 7.70 21.72 -34.90
CA LEU D 48 8.28 20.43 -34.55
C LEU D 48 8.10 19.42 -35.68
N GLY D 49 6.89 19.36 -36.24
CA GLY D 49 6.64 18.44 -37.33
C GLY D 49 7.54 18.70 -38.52
N TYR D 50 7.70 19.97 -38.90
CA TYR D 50 8.54 20.29 -40.04
C TYR D 50 10.02 20.10 -39.73
N GLN D 51 10.43 20.36 -38.50
CA GLN D 51 11.82 20.08 -38.12
C GLN D 51 12.13 18.60 -38.27
N TYR D 52 11.23 17.74 -37.80
CA TYR D 52 11.46 16.30 -37.99
C TYR D 52 11.42 15.93 -39.47
N LEU D 53 10.47 16.50 -40.22
CA LEU D 53 10.35 16.17 -41.63
C LEU D 53 11.61 16.56 -42.40
N VAL D 54 12.30 17.63 -41.96
CA VAL D 54 13.53 18.03 -42.64
C VAL D 54 14.55 16.90 -42.59
N ASN D 55 14.62 16.18 -41.47
CA ASN D 55 15.57 15.10 -41.28
C ASN D 55 14.98 13.73 -41.63
N HIS D 56 13.82 13.70 -42.27
CA HIS D 56 13.18 12.44 -42.66
C HIS D 56 13.03 12.28 -44.16
N ILE D 57 12.70 13.35 -44.89
CA ILE D 57 12.54 13.24 -46.33
C ILE D 57 13.85 12.89 -47.02
N LEU D 58 14.98 13.13 -46.35
CA LEU D 58 16.26 12.74 -46.93
C LEU D 58 16.34 11.25 -47.18
N TYR D 59 15.59 10.46 -46.41
CA TYR D 59 15.56 9.01 -46.57
C TYR D 59 14.13 8.53 -46.80
N LEU D 101 32.81 6.97 -58.49
CA LEU D 101 31.80 7.90 -58.00
C LEU D 101 30.54 7.15 -57.58
N ILE D 102 30.22 6.07 -58.29
CA ILE D 102 29.02 5.30 -57.99
C ILE D 102 29.11 4.69 -56.60
N ILE D 103 30.27 4.11 -56.27
CA ILE D 103 30.42 3.43 -54.98
C ILE D 103 30.25 4.44 -53.84
N PHE D 104 30.86 5.61 -53.95
CA PHE D 104 30.80 6.59 -52.88
C PHE D 104 29.36 7.06 -52.66
N ILE D 105 28.65 7.39 -53.73
CA ILE D 105 27.29 7.89 -53.59
C ILE D 105 26.37 6.80 -53.07
N ALA D 106 26.61 5.55 -53.47
CA ALA D 106 25.81 4.45 -52.94
C ALA D 106 26.06 4.24 -51.46
N THR D 107 27.33 4.31 -51.03
CA THR D 107 27.66 4.00 -49.64
C THR D 107 27.23 5.11 -48.70
N VAL D 108 27.35 6.37 -49.12
CA VAL D 108 26.94 7.47 -48.26
C VAL D 108 25.45 7.40 -47.95
N TYR D 109 24.69 6.65 -48.73
CA TYR D 109 23.26 6.46 -48.49
C TYR D 109 22.96 5.15 -47.78
N PHE D 110 23.51 4.02 -48.26
CA PHE D 110 23.18 2.74 -47.68
C PHE D 110 23.66 2.62 -46.23
N MET D 111 24.71 3.34 -45.87
CA MET D 111 25.26 3.28 -44.52
C MET D 111 24.68 4.34 -43.61
N SER D 112 23.78 5.20 -44.10
CA SER D 112 23.11 6.19 -43.28
C SER D 112 21.61 6.01 -43.23
N LYS D 113 21.06 5.04 -43.96
CA LYS D 113 19.61 4.83 -43.94
C LYS D 113 19.20 4.17 -42.62
N PRO D 114 18.04 4.52 -42.08
CA PRO D 114 17.55 3.83 -40.89
C PRO D 114 17.23 2.37 -41.18
N ARG D 115 17.40 1.54 -40.15
CA ARG D 115 16.94 0.16 -40.23
C ARG D 115 15.42 0.11 -40.21
N HIS D 116 14.86 -0.80 -41.01
CA HIS D 116 13.43 -1.01 -40.99
C HIS D 116 13.03 -1.81 -39.78
N VAL D 117 12.05 -1.32 -39.04
CA VAL D 117 11.47 -2.04 -37.90
C VAL D 117 10.15 -2.65 -38.36
N TYR D 118 9.98 -3.93 -38.07
CA TYR D 118 8.83 -4.70 -38.52
C TYR D 118 8.07 -5.23 -37.32
N LEU D 119 6.75 -5.07 -37.33
CA LEU D 119 5.89 -5.76 -36.38
C LEU D 119 5.65 -7.16 -36.93
N VAL D 120 6.42 -8.12 -36.46
CA VAL D 120 6.30 -9.48 -36.97
C VAL D 120 4.95 -10.07 -36.61
N ASP D 121 4.54 -9.94 -35.36
CA ASP D 121 3.25 -10.45 -34.90
C ASP D 121 3.01 -9.93 -33.48
N TYR D 122 1.80 -10.20 -32.99
CA TYR D 122 1.44 -9.83 -31.63
C TYR D 122 0.29 -10.72 -31.17
N ALA D 123 0.23 -10.91 -29.87
CA ALA D 123 -0.82 -11.71 -29.24
C ALA D 123 -1.49 -10.89 -28.15
N CYS D 124 -2.82 -10.88 -28.17
CA CYS D 124 -3.62 -10.22 -27.15
C CYS D 124 -4.16 -11.26 -26.18
N TYR D 125 -4.17 -10.92 -24.91
CA TYR D 125 -4.73 -11.80 -23.89
C TYR D 125 -6.25 -11.78 -23.96
N LYS D 126 -6.86 -12.96 -23.83
CA LYS D 126 -8.31 -13.08 -23.83
C LYS D 126 -8.77 -13.49 -22.43
N PRO D 127 -9.29 -12.58 -21.61
CA PRO D 127 -9.67 -12.93 -20.25
C PRO D 127 -10.75 -14.00 -20.23
N PRO D 128 -10.71 -14.92 -19.28
CA PRO D 128 -11.72 -15.99 -19.25
C PRO D 128 -13.09 -15.46 -18.88
N VAL D 129 -14.12 -16.22 -19.29
CA VAL D 129 -15.49 -15.84 -19.01
C VAL D 129 -15.78 -15.87 -17.51
N THR D 130 -14.97 -16.57 -16.73
CA THR D 130 -15.16 -16.59 -15.28
C THR D 130 -14.84 -15.26 -14.63
N CYS D 131 -14.27 -14.32 -15.38
CA CYS D 131 -13.95 -13.00 -14.86
C CYS D 131 -14.88 -11.91 -15.35
N ARG D 132 -15.91 -12.23 -16.14
CA ARG D 132 -16.76 -11.20 -16.69
C ARG D 132 -17.54 -10.49 -15.60
N VAL D 133 -17.90 -9.24 -15.86
CA VAL D 133 -18.55 -8.38 -14.88
C VAL D 133 -19.67 -7.62 -15.57
N PRO D 134 -20.91 -8.12 -15.55
CA PRO D 134 -22.01 -7.34 -16.12
C PRO D 134 -22.33 -6.11 -15.29
N PHE D 135 -23.10 -5.21 -15.91
CA PHE D 135 -23.44 -3.95 -15.28
C PHE D 135 -24.14 -4.15 -13.95
N ALA D 136 -25.13 -5.05 -13.92
CA ALA D 136 -25.92 -5.24 -12.71
C ALA D 136 -25.06 -5.78 -11.57
N THR D 137 -24.16 -6.70 -11.85
CA THR D 137 -23.29 -7.23 -10.80
C THR D 137 -22.37 -6.15 -10.25
N PHE D 138 -21.80 -5.34 -11.13
CA PHE D 138 -20.97 -4.23 -10.68
C PHE D 138 -21.74 -3.30 -9.76
N MET D 139 -22.97 -2.97 -10.14
CA MET D 139 -23.74 -2.03 -9.32
C MET D 139 -24.18 -2.66 -8.01
N GLU D 140 -24.50 -3.94 -8.01
CA GLU D 140 -24.85 -4.61 -6.76
C GLU D 140 -23.65 -4.65 -5.81
N HIS D 141 -22.47 -4.95 -6.34
CA HIS D 141 -21.28 -4.97 -5.50
C HIS D 141 -20.96 -3.57 -4.98
N SER D 142 -21.16 -2.55 -5.80
CA SER D 142 -20.98 -1.17 -5.33
C SER D 142 -21.95 -0.85 -4.20
N ARG D 143 -23.20 -1.24 -4.36
CA ARG D 143 -24.19 -0.99 -3.32
C ARG D 143 -23.80 -1.69 -2.02
N LEU D 144 -23.24 -2.90 -2.12
CA LEU D 144 -22.86 -3.63 -0.92
C LEU D 144 -21.60 -3.08 -0.28
N ILE D 145 -20.66 -2.59 -1.08
CA ILE D 145 -19.38 -2.11 -0.55
C ILE D 145 -19.55 -0.72 0.05
N LEU D 146 -19.97 0.24 -0.77
CA LEU D 146 -20.18 1.62 -0.33
C LEU D 146 -21.57 1.78 0.29
N LYS D 147 -21.88 0.94 1.27
CA LYS D 147 -23.21 0.97 1.88
C LYS D 147 -23.44 2.28 2.62
N ASN D 148 -22.39 2.88 3.17
CA ASN D 148 -22.50 4.12 3.92
C ASN D 148 -22.29 5.37 3.07
N ASN D 149 -22.10 5.22 1.76
CA ASN D 149 -21.85 6.35 0.86
C ASN D 149 -22.76 6.23 -0.36
N PRO D 150 -24.05 6.49 -0.20
CA PRO D 150 -24.97 6.39 -1.34
C PRO D 150 -24.58 7.27 -2.51
N LYS D 151 -24.02 8.45 -2.25
CA LYS D 151 -23.66 9.36 -3.34
C LYS D 151 -22.56 8.76 -4.20
N SER D 152 -21.63 8.03 -3.59
CA SER D 152 -20.58 7.37 -4.37
C SER D 152 -21.19 6.30 -5.29
N VAL D 153 -22.16 5.54 -4.79
CA VAL D 153 -22.82 4.54 -5.62
C VAL D 153 -23.55 5.21 -6.76
N GLU D 154 -24.24 6.32 -6.49
CA GLU D 154 -24.94 7.05 -7.54
C GLU D 154 -23.96 7.56 -8.59
N PHE D 155 -22.82 8.08 -8.15
CA PHE D 155 -21.80 8.56 -9.08
C PHE D 155 -21.29 7.44 -9.95
N GLN D 156 -21.02 6.28 -9.36
CA GLN D 156 -20.54 5.15 -10.14
C GLN D 156 -21.58 4.70 -11.15
N MET D 157 -22.86 4.70 -10.75
CA MET D 157 -23.92 4.34 -11.67
C MET D 157 -23.97 5.31 -12.85
N ARG D 158 -23.88 6.61 -12.57
CA ARG D 158 -23.90 7.58 -13.64
C ARG D 158 -22.70 7.42 -14.58
N ILE D 159 -21.52 7.17 -14.02
CA ILE D 159 -20.33 7.01 -14.84
C ILE D 159 -20.45 5.78 -15.73
N LEU D 160 -20.89 4.65 -15.16
CA LEU D 160 -20.91 3.40 -15.89
C LEU D 160 -22.09 3.28 -16.84
N GLU D 161 -23.15 4.07 -16.65
CA GLU D 161 -24.27 4.05 -17.59
C GLU D 161 -23.86 4.53 -18.97
N ARG D 162 -23.05 5.58 -19.03
CA ARG D 162 -22.65 6.21 -20.27
C ARG D 162 -21.26 5.83 -20.73
N SER D 163 -20.63 4.86 -20.07
CA SER D 163 -19.24 4.53 -20.37
C SER D 163 -19.07 3.91 -21.74
N GLY D 164 -20.11 3.24 -22.24
CA GLY D 164 -20.00 2.49 -23.47
C GLY D 164 -19.48 1.08 -23.31
N LEU D 165 -19.28 0.62 -22.09
CA LEU D 165 -18.83 -0.74 -21.84
C LEU D 165 -19.96 -1.73 -22.07
N GLY D 166 -19.58 -2.97 -22.35
CA GLY D 166 -20.52 -4.04 -22.58
C GLY D 166 -20.69 -4.93 -21.36
N GLU D 167 -21.23 -6.12 -21.61
CA GLU D 167 -21.48 -7.09 -20.55
C GLU D 167 -20.41 -8.16 -20.43
N GLU D 168 -19.39 -8.13 -21.27
CA GLU D 168 -18.37 -9.17 -21.31
C GLU D 168 -16.99 -8.68 -20.87
N THR D 169 -16.89 -7.47 -20.33
CA THR D 169 -15.62 -7.00 -19.80
C THR D 169 -15.29 -7.73 -18.50
N CYS D 170 -14.01 -7.88 -18.23
CA CYS D 170 -13.54 -8.77 -17.17
C CYS D 170 -12.71 -8.02 -16.14
N LEU D 171 -12.78 -8.50 -14.90
CA LEU D 171 -11.95 -8.04 -13.79
C LEU D 171 -11.28 -9.24 -13.14
N PRO D 172 -10.12 -9.05 -12.52
CA PRO D 172 -9.38 -10.19 -11.95
C PRO D 172 -10.11 -10.80 -10.78
N PRO D 173 -9.80 -12.05 -10.42
CA PRO D 173 -10.58 -12.74 -9.38
C PRO D 173 -10.64 -12.00 -8.06
N ALA D 174 -9.55 -11.38 -7.63
CA ALA D 174 -9.53 -10.74 -6.31
C ALA D 174 -10.59 -9.67 -6.18
N ILE D 175 -10.98 -9.05 -7.30
CA ILE D 175 -11.96 -7.96 -7.27
C ILE D 175 -13.39 -8.48 -7.29
N HIS D 176 -13.60 -9.79 -7.37
CA HIS D 176 -14.93 -10.36 -7.42
C HIS D 176 -15.54 -10.58 -6.04
N TYR D 177 -14.75 -10.45 -4.98
CA TYR D 177 -15.26 -10.62 -3.63
C TYR D 177 -15.93 -9.34 -3.16
N ILE D 178 -16.99 -9.48 -2.37
CA ILE D 178 -17.83 -8.33 -2.06
C ILE D 178 -17.01 -7.22 -1.42
N PRO D 179 -16.29 -7.43 -0.33
CA PRO D 179 -15.11 -6.59 -0.07
C PRO D 179 -13.90 -7.14 -0.79
N PRO D 180 -13.43 -6.49 -1.85
CA PRO D 180 -12.16 -6.93 -2.45
C PRO D 180 -11.03 -6.82 -1.45
N THR D 181 -10.11 -7.78 -1.49
CA THR D 181 -8.96 -7.82 -0.61
C THR D 181 -7.73 -7.98 -1.51
N PRO D 182 -7.24 -6.90 -2.09
CA PRO D 182 -6.10 -6.99 -3.01
C PRO D 182 -4.81 -7.23 -2.24
N THR D 183 -4.20 -8.39 -2.47
CA THR D 183 -2.89 -8.73 -1.93
C THR D 183 -1.86 -8.76 -3.06
N MET D 184 -0.59 -8.75 -2.67
CA MET D 184 0.46 -8.83 -3.67
C MET D 184 0.54 -10.22 -4.28
N GLU D 185 0.12 -11.25 -3.53
CA GLU D 185 0.04 -12.59 -4.10
C GLU D 185 -0.97 -12.63 -5.24
N ALA D 186 -2.14 -12.01 -5.04
CA ALA D 186 -3.14 -11.94 -6.10
C ALA D 186 -2.64 -11.13 -7.29
N ALA D 187 -1.96 -10.02 -7.02
CA ALA D 187 -1.42 -9.20 -8.10
C ALA D 187 -0.40 -9.98 -8.91
N ARG D 188 0.48 -10.71 -8.24
CA ARG D 188 1.46 -11.54 -8.94
C ARG D 188 0.77 -12.64 -9.74
N GLY D 189 -0.28 -13.25 -9.18
CA GLY D 189 -1.01 -14.27 -9.91
C GLY D 189 -1.64 -13.73 -11.18
N GLU D 190 -2.28 -12.56 -11.09
CA GLU D 190 -2.88 -11.95 -12.26
C GLU D 190 -1.82 -11.57 -13.29
N ALA D 191 -0.71 -11.00 -12.84
CA ALA D 191 0.36 -10.62 -13.76
C ALA D 191 0.90 -11.85 -14.48
N GLU D 192 1.16 -12.92 -13.74
CA GLU D 192 1.64 -14.15 -14.36
C GLU D 192 0.64 -14.68 -15.37
N LEU D 193 -0.64 -14.75 -14.98
CA LEU D 193 -1.65 -15.28 -15.89
C LEU D 193 -1.66 -14.49 -17.20
N VAL D 194 -1.83 -13.17 -17.11
CA VAL D 194 -1.98 -12.37 -18.31
C VAL D 194 -0.71 -12.42 -19.15
N ILE D 195 0.44 -12.16 -18.53
CA ILE D 195 1.66 -12.00 -19.29
C ILE D 195 2.11 -13.32 -19.88
N PHE D 196 2.01 -14.41 -19.12
CA PHE D 196 2.44 -15.70 -19.64
C PHE D 196 1.49 -16.20 -20.71
N SER D 197 0.18 -15.93 -20.59
CA SER D 197 -0.72 -16.29 -21.67
C SER D 197 -0.36 -15.55 -22.95
N ALA D 198 -0.14 -14.24 -22.85
CA ALA D 198 0.21 -13.46 -24.03
C ALA D 198 1.53 -13.92 -24.63
N MET D 199 2.53 -14.18 -23.80
CA MET D 199 3.83 -14.60 -24.30
C MET D 199 3.77 -15.98 -24.92
N ASP D 200 3.00 -16.90 -24.33
CA ASP D 200 2.83 -18.23 -24.92
C ASP D 200 2.17 -18.12 -26.28
N SER D 201 1.11 -17.30 -26.39
CA SER D 201 0.46 -17.12 -27.68
C SER D 201 1.42 -16.54 -28.70
N LEU D 202 2.21 -15.55 -28.31
CA LEU D 202 3.16 -14.93 -29.24
C LEU D 202 4.19 -15.95 -29.73
N LEU D 203 4.77 -16.71 -28.80
CA LEU D 203 5.81 -17.67 -29.18
C LEU D 203 5.24 -18.77 -30.06
N GLN D 204 4.01 -19.23 -29.76
CA GLN D 204 3.37 -20.22 -30.62
C GLN D 204 3.10 -19.65 -32.01
N LYS D 205 2.66 -18.39 -32.07
CA LYS D 205 2.30 -17.80 -33.36
C LYS D 205 3.53 -17.61 -34.24
N THR D 206 4.60 -17.03 -33.70
CA THR D 206 5.73 -16.64 -34.51
C THR D 206 6.80 -17.74 -34.61
N GLY D 207 6.67 -18.82 -33.86
CA GLY D 207 7.74 -19.80 -33.82
C GLY D 207 9.02 -19.28 -33.22
N LEU D 208 8.95 -18.16 -32.51
CA LEU D 208 10.15 -17.54 -31.95
C LEU D 208 10.71 -18.40 -30.83
N LYS D 209 12.04 -18.54 -30.82
CA LYS D 209 12.69 -19.22 -29.72
C LYS D 209 13.09 -18.22 -28.65
N PRO D 210 12.96 -18.56 -27.37
CA PRO D 210 13.36 -17.61 -26.33
C PRO D 210 14.81 -17.19 -26.41
N LYS D 211 15.70 -18.08 -26.85
CA LYS D 211 17.11 -17.74 -26.99
C LYS D 211 17.36 -16.71 -28.08
N ASP D 212 16.39 -16.45 -28.94
CA ASP D 212 16.53 -15.47 -30.01
C ASP D 212 15.98 -14.10 -29.64
N ILE D 213 15.44 -13.94 -28.43
CA ILE D 213 14.97 -12.64 -27.98
C ILE D 213 16.17 -11.85 -27.47
N ASP D 214 16.41 -10.69 -28.08
CA ASP D 214 17.53 -9.84 -27.73
C ASP D 214 17.15 -8.68 -26.83
N ILE D 215 15.93 -8.16 -26.98
CA ILE D 215 15.44 -7.03 -26.21
C ILE D 215 14.09 -7.40 -25.62
N LEU D 216 13.84 -6.97 -24.38
CA LEU D 216 12.56 -7.19 -23.72
C LEU D 216 12.18 -5.92 -22.99
N ILE D 217 11.02 -5.35 -23.33
CA ILE D 217 10.50 -4.16 -22.68
C ILE D 217 9.12 -4.49 -22.16
N VAL D 218 8.90 -4.24 -20.87
CA VAL D 218 7.61 -4.49 -20.23
C VAL D 218 7.13 -3.18 -19.63
N ASN D 219 5.89 -2.79 -19.94
CA ASN D 219 5.30 -1.58 -19.38
C ASN D 219 3.98 -1.94 -18.69
N CYS D 220 3.93 -1.69 -17.39
CA CYS D 220 2.71 -1.72 -16.59
C CYS D 220 2.79 -0.54 -15.63
N SER D 221 1.73 0.26 -15.58
CA SER D 221 1.83 1.56 -14.93
C SER D 221 1.94 1.44 -13.41
N LEU D 222 1.11 0.61 -12.78
CA LEU D 222 0.99 0.63 -11.34
C LEU D 222 1.74 -0.51 -10.65
N PHE D 223 1.65 -1.72 -11.16
CA PHE D 223 2.29 -2.86 -10.52
C PHE D 223 3.79 -2.87 -10.83
N SER D 224 4.61 -3.00 -9.81
CA SER D 224 6.06 -2.95 -9.96
C SER D 224 6.73 -3.71 -8.81
N PRO D 225 6.73 -5.04 -8.88
CA PRO D 225 7.42 -5.82 -7.84
C PRO D 225 8.93 -5.67 -7.94
N THR D 226 9.60 -6.01 -6.83
CA THR D 226 11.04 -5.77 -6.74
C THR D 226 11.82 -6.53 -7.80
N PRO D 227 11.63 -7.84 -7.99
CA PRO D 227 12.11 -8.45 -9.24
C PRO D 227 11.15 -8.07 -10.36
N SER D 228 11.67 -7.41 -11.38
CA SER D 228 10.84 -6.79 -12.41
C SER D 228 9.87 -7.79 -13.02
N LEU D 229 8.84 -7.27 -13.70
CA LEU D 229 8.02 -8.13 -14.54
C LEU D 229 8.83 -8.68 -15.71
N SER D 230 9.76 -7.88 -16.23
CA SER D 230 10.68 -8.38 -17.24
C SER D 230 11.57 -9.48 -16.67
N ALA D 231 12.01 -9.34 -15.42
CA ALA D 231 12.75 -10.42 -14.77
C ALA D 231 11.88 -11.67 -14.63
N MET D 232 10.59 -11.48 -14.36
CA MET D 232 9.67 -12.61 -14.29
C MET D 232 9.57 -13.33 -15.62
N VAL D 233 9.48 -12.58 -16.72
CA VAL D 233 9.44 -13.19 -18.04
C VAL D 233 10.75 -13.93 -18.33
N ILE D 234 11.87 -13.30 -17.98
CA ILE D 234 13.18 -13.92 -18.23
C ILE D 234 13.31 -15.22 -17.47
N ASN D 235 12.84 -15.25 -16.22
CA ASN D 235 12.85 -16.48 -15.45
C ASN D 235 11.93 -17.52 -16.06
N LYS D 236 10.74 -17.11 -16.49
CA LYS D 236 9.77 -18.06 -17.02
C LYS D 236 10.31 -18.74 -18.27
N TYR D 237 10.86 -17.96 -19.21
CA TYR D 237 11.24 -18.49 -20.51
C TYR D 237 12.73 -18.68 -20.68
N LYS D 238 13.53 -18.46 -19.63
CA LYS D 238 14.97 -18.72 -19.65
C LYS D 238 15.65 -17.96 -20.79
N LEU D 239 15.54 -16.64 -20.74
CA LEU D 239 16.18 -15.81 -21.74
C LEU D 239 17.67 -15.66 -21.45
N ARG D 240 18.40 -15.17 -22.44
CA ARG D 240 19.85 -15.08 -22.33
C ARG D 240 20.25 -14.10 -21.24
N SER D 241 21.46 -14.30 -20.69
CA SER D 241 21.93 -13.46 -19.61
C SER D 241 22.25 -12.04 -20.09
N ASN D 242 22.63 -11.89 -21.36
CA ASN D 242 22.87 -10.57 -21.93
C ASN D 242 21.60 -9.95 -22.52
N ILE D 243 20.43 -10.41 -22.09
CA ILE D 243 19.18 -9.81 -22.52
C ILE D 243 19.16 -8.33 -22.12
N LYS D 244 18.75 -7.48 -23.06
CA LYS D 244 18.54 -6.07 -22.78
C LYS D 244 17.10 -5.91 -22.31
N SER D 245 16.91 -5.87 -21.00
CA SER D 245 15.60 -5.85 -20.39
C SER D 245 15.31 -4.48 -19.79
N PHE D 246 14.06 -4.04 -19.90
CA PHE D 246 13.63 -2.75 -19.42
C PHE D 246 12.22 -2.87 -18.86
N ASN D 247 12.00 -2.24 -17.71
CA ASN D 247 10.70 -2.22 -17.05
C ASN D 247 10.29 -0.77 -16.87
N LEU D 248 9.29 -0.34 -17.63
CA LEU D 248 8.76 1.01 -17.55
C LEU D 248 7.50 1.01 -16.69
N SER D 249 7.51 1.82 -15.63
CA SER D 249 6.41 1.86 -14.70
C SER D 249 6.03 3.30 -14.39
N GLY D 250 4.75 3.50 -14.12
CA GLY D 250 4.24 4.81 -13.75
C GLY D 250 4.04 5.76 -14.90
N MET D 251 4.06 5.27 -16.13
CA MET D 251 4.00 6.12 -17.32
C MET D 251 2.61 6.12 -17.97
N GLY D 252 1.61 5.57 -17.30
CA GLY D 252 0.24 5.72 -17.74
C GLY D 252 -0.15 4.79 -18.88
N CYS D 253 -1.28 5.14 -19.49
CA CYS D 253 -1.88 4.32 -20.54
C CYS D 253 -1.24 4.55 -21.90
N SER D 254 -0.46 5.60 -22.07
CA SER D 254 0.22 5.87 -23.34
C SER D 254 1.60 5.24 -23.40
N ALA D 255 2.00 4.48 -22.37
CA ALA D 255 3.35 3.94 -22.31
C ALA D 255 3.59 2.78 -23.26
N GLY D 256 2.53 2.21 -23.85
CA GLY D 256 2.73 1.18 -24.86
C GLY D 256 3.48 1.70 -26.07
N LEU D 257 3.10 2.89 -26.55
CA LEU D 257 3.83 3.48 -27.65
C LEU D 257 5.19 4.00 -27.22
N ILE D 258 5.38 4.30 -25.93
CA ILE D 258 6.72 4.60 -25.43
C ILE D 258 7.60 3.36 -25.55
N SER D 259 7.06 2.21 -25.18
CA SER D 259 7.79 0.96 -25.33
C SER D 259 8.10 0.68 -26.80
N ILE D 260 7.14 0.95 -27.68
CA ILE D 260 7.36 0.75 -29.12
C ILE D 260 8.48 1.66 -29.61
N ASP D 261 8.47 2.92 -29.21
CA ASP D 261 9.51 3.85 -29.61
C ASP D 261 10.88 3.43 -29.09
N LEU D 262 10.94 2.99 -27.84
CA LEU D 262 12.20 2.51 -27.28
C LEU D 262 12.71 1.30 -28.05
N ALA D 263 11.82 0.36 -28.40
CA ALA D 263 12.23 -0.79 -29.19
C ALA D 263 12.72 -0.37 -30.56
N ARG D 264 12.07 0.63 -31.16
CA ARG D 264 12.51 1.14 -32.46
C ARG D 264 13.94 1.65 -32.38
N ASP D 265 14.24 2.46 -31.36
CA ASP D 265 15.59 3.00 -31.21
C ASP D 265 16.60 1.87 -30.96
N LEU D 266 16.26 0.94 -30.07
CA LEU D 266 17.20 -0.13 -29.76
C LEU D 266 17.45 -1.02 -30.98
N LEU D 267 16.45 -1.19 -31.83
CA LEU D 267 16.66 -1.93 -33.07
C LEU D 267 17.43 -1.11 -34.09
N GLN D 268 17.38 0.22 -34.01
CA GLN D 268 18.30 1.03 -34.79
C GLN D 268 19.74 0.75 -34.37
N VAL D 269 19.98 0.58 -33.08
CA VAL D 269 21.35 0.43 -32.60
C VAL D 269 21.88 -0.98 -32.83
N HIS D 270 21.04 -2.01 -32.65
CA HIS D 270 21.49 -3.39 -32.63
C HIS D 270 20.99 -4.14 -33.84
N PRO D 271 21.84 -4.45 -34.83
CA PRO D 271 21.37 -5.14 -36.03
C PRO D 271 21.02 -6.60 -35.77
N ASN D 272 20.10 -7.11 -36.60
CA ASN D 272 19.75 -8.52 -36.63
C ASN D 272 19.35 -9.02 -35.24
N SER D 273 18.32 -8.37 -34.68
CA SER D 273 17.89 -8.66 -33.33
C SER D 273 16.37 -8.59 -33.26
N ASN D 274 15.83 -9.22 -32.21
CA ASN D 274 14.40 -9.25 -31.94
C ASN D 274 14.13 -8.53 -30.63
N ALA D 275 13.02 -7.80 -30.58
CA ALA D 275 12.55 -7.14 -29.37
C ALA D 275 11.13 -7.61 -29.08
N VAL D 276 10.85 -7.85 -27.81
CA VAL D 276 9.52 -8.23 -27.35
C VAL D 276 9.01 -7.16 -26.41
N VAL D 277 7.83 -6.62 -26.70
CA VAL D 277 7.22 -5.57 -25.91
C VAL D 277 5.95 -6.14 -25.29
N VAL D 278 5.89 -6.13 -23.96
CA VAL D 278 4.71 -6.56 -23.21
C VAL D 278 4.06 -5.31 -22.63
N SER D 279 2.80 -5.10 -22.96
CA SER D 279 2.02 -3.98 -22.46
C SER D 279 0.87 -4.51 -21.65
N THR D 280 0.74 -4.07 -20.40
CA THR D 280 -0.34 -4.58 -19.57
C THR D 280 -0.63 -3.60 -18.44
N GLU D 281 -1.77 -3.81 -17.79
CA GLU D 281 -2.12 -3.10 -16.57
C GLU D 281 -2.76 -4.11 -15.63
N ILE D 282 -2.11 -4.38 -14.51
CA ILE D 282 -2.63 -5.32 -13.52
C ILE D 282 -3.65 -4.58 -12.67
N ILE D 283 -4.88 -5.09 -12.66
CA ILE D 283 -5.98 -4.34 -12.05
C ILE D 283 -6.03 -4.55 -10.54
N THR D 284 -5.58 -5.69 -10.04
CA THR D 284 -5.72 -5.96 -8.61
C THR D 284 -5.13 -4.87 -7.74
N PRO D 285 -3.88 -4.44 -7.94
CA PRO D 285 -3.38 -3.30 -7.15
C PRO D 285 -3.92 -1.96 -7.60
N ASN D 286 -4.42 -1.86 -8.83
CA ASN D 286 -4.99 -0.61 -9.33
C ASN D 286 -6.34 -0.30 -8.70
N TYR D 287 -6.98 -1.27 -8.07
CA TYR D 287 -8.32 -1.06 -7.54
C TYR D 287 -8.29 -0.13 -6.34
N TYR D 288 -9.24 0.78 -6.29
CA TYR D 288 -9.33 1.82 -5.26
C TYR D 288 -10.35 1.39 -4.21
N GLN D 289 -9.93 1.43 -2.94
CA GLN D 289 -10.71 0.88 -1.85
C GLN D 289 -11.48 1.94 -1.06
N GLY D 290 -11.44 3.20 -1.47
CA GLY D 290 -12.14 4.25 -0.77
C GLY D 290 -13.50 4.54 -1.37
N ASN D 291 -14.01 5.73 -1.09
CA ASN D 291 -15.34 6.13 -1.53
C ASN D 291 -15.38 7.54 -2.11
N GLU D 292 -14.22 8.12 -2.45
CA GLU D 292 -14.19 9.46 -3.02
C GLU D 292 -14.54 9.40 -4.49
N ARG D 293 -15.45 10.28 -4.92
CA ARG D 293 -15.95 10.23 -6.29
C ARG D 293 -14.86 10.53 -7.31
N ALA D 294 -13.90 11.39 -6.94
CA ALA D 294 -12.82 11.70 -7.88
C ALA D 294 -11.91 10.52 -8.14
N MET D 295 -11.97 9.48 -7.31
CA MET D 295 -11.07 8.35 -7.39
C MET D 295 -11.75 7.06 -7.83
N LEU D 296 -13.05 7.10 -8.12
CA LEU D 296 -13.81 5.89 -8.40
C LEU D 296 -13.95 5.57 -9.88
N LEU D 297 -13.71 6.55 -10.76
CA LEU D 297 -13.85 6.30 -12.19
C LEU D 297 -12.94 5.21 -12.72
N PRO D 298 -11.66 5.14 -12.33
CA PRO D 298 -10.83 4.01 -12.78
C PRO D 298 -11.40 2.66 -12.40
N ASN D 299 -12.06 2.54 -11.26
CA ASN D 299 -12.73 1.30 -10.91
C ASN D 299 -13.83 0.98 -11.91
N CYS D 300 -14.54 2.01 -12.37
CA CYS D 300 -15.64 1.79 -13.29
C CYS D 300 -15.16 1.40 -14.68
N LEU D 301 -14.01 1.92 -15.12
CA LEU D 301 -13.62 1.76 -16.52
C LEU D 301 -12.53 0.73 -16.77
N PHE D 302 -11.52 0.63 -15.92
CA PHE D 302 -10.37 -0.22 -16.22
C PHE D 302 -10.73 -1.70 -16.11
N ARG D 303 -10.32 -2.48 -17.10
CA ARG D 303 -10.64 -3.91 -17.19
C ARG D 303 -9.39 -4.68 -17.59
N MET D 304 -9.50 -6.00 -17.57
CA MET D 304 -8.37 -6.89 -17.80
C MET D 304 -7.97 -6.89 -19.27
N GLY D 305 -6.67 -7.03 -19.51
CA GLY D 305 -6.14 -7.12 -20.85
C GLY D 305 -4.62 -7.07 -20.89
N GLY D 306 -4.04 -7.51 -21.99
CA GLY D 306 -2.59 -7.46 -22.15
C GLY D 306 -2.22 -7.77 -23.58
N ALA D 307 -0.98 -7.43 -23.93
CA ALA D 307 -0.51 -7.65 -25.28
C ALA D 307 0.99 -7.92 -25.27
N ALA D 308 1.42 -8.83 -26.14
CA ALA D 308 2.84 -9.09 -26.38
C ALA D 308 3.11 -8.93 -27.87
N ILE D 309 4.10 -8.11 -28.21
CA ILE D 309 4.40 -7.73 -29.58
C ILE D 309 5.84 -8.10 -29.89
N LEU D 310 6.07 -8.68 -31.07
CA LEU D 310 7.40 -9.01 -31.54
C LEU D 310 7.79 -8.02 -32.63
N LEU D 311 8.88 -7.30 -32.41
CA LEU D 311 9.46 -6.39 -33.39
C LEU D 311 10.82 -6.90 -33.81
N SER D 312 11.20 -6.62 -35.04
CA SER D 312 12.47 -7.13 -35.56
C SER D 312 13.00 -6.21 -36.64
N ASN D 313 14.30 -6.30 -36.86
CA ASN D 313 14.95 -5.67 -38.00
C ASN D 313 15.68 -6.68 -38.86
N ARG D 314 15.43 -7.98 -38.65
CA ARG D 314 16.05 -9.00 -39.47
C ARG D 314 15.47 -9.00 -40.87
N ARG D 315 16.32 -9.30 -41.85
CA ARG D 315 15.89 -9.35 -43.24
C ARG D 315 14.94 -10.52 -43.49
N ARG D 316 15.09 -11.61 -42.74
CA ARG D 316 14.20 -12.75 -42.94
C ARG D 316 12.76 -12.40 -42.58
N ASN D 317 12.56 -11.63 -41.51
CA ASN D 317 11.23 -11.24 -41.09
C ASN D 317 10.58 -10.23 -42.02
N ARG D 318 11.33 -9.70 -42.99
CA ARG D 318 10.78 -8.63 -43.83
C ARG D 318 9.60 -9.09 -44.67
N SER D 319 9.53 -10.39 -44.98
CA SER D 319 8.47 -10.89 -45.84
C SER D 319 7.23 -11.31 -45.07
N ARG D 320 7.40 -11.93 -43.90
CA ARG D 320 6.27 -12.40 -43.11
C ARG D 320 5.79 -11.39 -42.07
N ALA D 321 6.42 -10.23 -41.99
CA ALA D 321 6.00 -9.23 -41.02
C ALA D 321 4.61 -8.72 -41.34
N LYS D 322 3.83 -8.46 -40.29
CA LYS D 322 2.49 -7.92 -40.47
C LYS D 322 2.50 -6.43 -40.79
N TYR D 323 3.43 -5.68 -40.20
CA TYR D 323 3.48 -4.24 -40.37
C TYR D 323 4.92 -3.77 -40.42
N ARG D 324 5.08 -2.55 -40.90
CA ARG D 324 6.34 -1.81 -40.84
C ARG D 324 6.10 -0.54 -40.06
N LEU D 325 6.90 -0.30 -39.04
CA LEU D 325 6.78 0.93 -38.27
C LEU D 325 7.24 2.11 -39.11
N VAL D 326 6.35 3.09 -39.26
CA VAL D 326 6.64 4.27 -40.07
C VAL D 326 7.03 5.43 -39.16
N HIS D 327 6.17 5.77 -38.20
CA HIS D 327 6.42 6.94 -37.36
C HIS D 327 6.01 6.68 -35.92
N VAL D 328 6.69 7.35 -35.00
CA VAL D 328 6.25 7.47 -33.62
C VAL D 328 6.48 8.92 -33.19
N VAL D 329 5.43 9.54 -32.66
CA VAL D 329 5.47 10.93 -32.19
C VAL D 329 5.06 10.96 -30.73
N ARG D 330 5.89 11.57 -29.90
CA ARG D 330 5.64 11.69 -28.47
C ARG D 330 5.37 13.14 -28.11
N THR D 331 4.40 13.35 -27.22
CA THR D 331 4.06 14.66 -26.71
C THR D 331 3.96 14.57 -25.20
N HIS D 332 4.54 15.52 -24.49
CA HIS D 332 4.51 15.55 -23.03
C HIS D 332 4.08 16.94 -22.60
N LYS D 333 2.88 17.03 -22.04
CA LYS D 333 2.35 18.28 -21.51
C LYS D 333 2.63 18.44 -20.02
N GLY D 334 3.65 17.75 -19.51
CA GLY D 334 3.96 17.81 -18.09
C GLY D 334 4.48 19.15 -17.62
N ALA D 335 4.99 19.97 -18.54
CA ALA D 335 5.47 21.30 -18.15
C ALA D 335 4.34 22.15 -17.59
N ASP D 336 3.16 22.06 -18.20
CA ASP D 336 1.99 22.76 -17.68
C ASP D 336 1.55 22.13 -16.36
N ASP D 337 1.32 22.97 -15.35
CA ASP D 337 0.95 22.46 -14.04
C ASP D 337 -0.41 21.76 -14.08
N LYS D 338 -1.38 22.34 -14.78
CA LYS D 338 -2.72 21.73 -14.84
C LYS D 338 -2.67 20.36 -15.50
N ALA D 339 -1.91 20.23 -16.59
CA ALA D 339 -1.80 18.94 -17.25
C ALA D 339 -1.07 17.93 -16.37
N TYR D 340 -0.07 18.39 -15.62
CA TYR D 340 0.69 17.48 -14.77
C TYR D 340 -0.19 16.85 -13.71
N ARG D 341 -1.11 17.62 -13.14
CA ARG D 341 -1.92 17.19 -12.00
C ARG D 341 -3.29 16.66 -12.40
N CYS D 342 -3.56 16.51 -13.70
CA CYS D 342 -4.90 16.10 -14.12
C CYS D 342 -5.20 14.65 -13.79
N VAL D 343 -4.17 13.81 -13.69
CA VAL D 343 -4.30 12.42 -13.27
C VAL D 343 -3.20 12.18 -12.25
N PHE D 344 -3.56 12.10 -10.97
CA PHE D 344 -2.57 12.11 -9.89
C PHE D 344 -2.87 11.02 -8.89
N GLU D 345 -1.89 10.15 -8.63
CA GLU D 345 -2.05 9.14 -7.58
C GLU D 345 -1.77 9.77 -6.23
N GLU D 346 -2.65 9.51 -5.27
CA GLU D 346 -2.52 10.13 -3.96
C GLU D 346 -3.47 9.44 -2.99
N GLU D 347 -3.32 9.76 -1.71
CA GLU D 347 -4.19 9.26 -0.67
C GLU D 347 -5.39 10.19 -0.51
N ASP D 348 -6.52 9.61 -0.11
CA ASP D 348 -7.72 10.38 0.16
C ASP D 348 -7.75 10.75 1.64
N LYS D 349 -8.90 11.25 2.11
CA LYS D 349 -9.02 11.67 3.51
C LYS D 349 -8.89 10.50 4.47
N GLU D 350 -9.17 9.27 4.02
CA GLU D 350 -9.06 8.10 4.87
C GLU D 350 -7.74 7.36 4.70
N GLY D 351 -6.82 7.89 3.89
CA GLY D 351 -5.51 7.29 3.75
C GLY D 351 -5.41 6.17 2.75
N LYS D 352 -6.40 6.01 1.88
CA LYS D 352 -6.38 5.00 0.84
C LYS D 352 -5.90 5.61 -0.47
N VAL D 353 -5.00 4.91 -1.15
CA VAL D 353 -4.37 5.43 -2.36
C VAL D 353 -5.27 5.19 -3.55
N GLY D 354 -5.32 6.16 -4.45
CA GLY D 354 -6.09 6.03 -5.68
C GLY D 354 -5.70 7.14 -6.64
N ILE D 355 -6.25 7.05 -7.84
CA ILE D 355 -5.97 8.00 -8.91
C ILE D 355 -7.07 9.06 -8.92
N SER D 356 -6.73 10.27 -8.52
CA SER D 356 -7.63 11.40 -8.60
C SER D 356 -7.58 12.01 -10.00
N LEU D 357 -8.75 12.28 -10.56
CA LEU D 357 -8.89 12.95 -11.84
C LEU D 357 -9.43 14.35 -11.62
N SER D 358 -8.85 15.32 -12.33
CA SER D 358 -9.26 16.71 -12.19
C SER D 358 -10.55 16.97 -12.96
N LYS D 359 -11.17 18.12 -12.66
CA LYS D 359 -12.35 18.52 -13.40
C LYS D 359 -12.01 18.95 -14.82
N ASP D 360 -10.81 19.51 -15.02
CA ASP D 360 -10.37 19.95 -16.33
C ASP D 360 -9.60 18.88 -17.09
N LEU D 361 -9.88 17.61 -16.83
CA LEU D 361 -9.20 16.54 -17.54
C LEU D 361 -9.51 16.58 -19.04
N MET D 362 -10.76 16.91 -19.39
CA MET D 362 -11.14 16.91 -20.80
C MET D 362 -10.44 18.01 -21.58
N ALA D 363 -10.29 19.19 -20.97
CA ALA D 363 -9.58 20.27 -21.65
C ALA D 363 -8.11 19.91 -21.88
N ILE D 364 -7.47 19.34 -20.86
CA ILE D 364 -6.08 18.91 -21.01
C ILE D 364 -5.96 17.85 -22.09
N ALA D 365 -6.90 16.90 -22.11
CA ALA D 365 -6.85 15.84 -23.11
C ALA D 365 -7.03 16.40 -24.50
N GLY D 366 -7.98 17.32 -24.68
CA GLY D 366 -8.16 17.92 -25.99
C GLY D 366 -6.92 18.66 -26.45
N GLU D 367 -6.30 19.44 -25.55
CA GLU D 367 -5.10 20.18 -25.93
C GLU D 367 -3.96 19.24 -26.29
N ALA D 368 -3.76 18.17 -25.51
CA ALA D 368 -2.68 17.24 -25.80
C ALA D 368 -2.91 16.52 -27.12
N LEU D 369 -4.15 16.08 -27.37
CA LEU D 369 -4.46 15.43 -28.63
C LEU D 369 -4.24 16.37 -29.81
N LYS D 370 -4.65 17.63 -29.66
CA LYS D 370 -4.44 18.61 -30.73
C LYS D 370 -2.95 18.83 -30.98
N SER D 371 -2.17 18.93 -29.91
CA SER D 371 -0.73 19.13 -30.08
C SER D 371 -0.08 17.94 -30.80
N ASN D 372 -0.45 16.73 -30.39
CA ASN D 372 0.11 15.54 -31.04
C ASN D 372 -0.29 15.49 -32.51
N ILE D 373 -1.55 15.78 -32.81
CA ILE D 373 -2.02 15.76 -34.18
C ILE D 373 -1.32 16.82 -35.02
N THR D 374 -1.13 18.01 -34.46
CA THR D 374 -0.43 19.06 -35.19
C THR D 374 1.02 18.66 -35.46
N THR D 375 1.68 18.05 -34.49
CA THR D 375 3.06 17.61 -34.71
C THR D 375 3.13 16.53 -35.79
N ILE D 376 2.20 15.59 -35.79
CA ILE D 376 2.27 14.48 -36.73
C ILE D 376 1.72 14.81 -38.11
N GLY D 377 0.96 15.90 -38.25
CA GLY D 377 0.36 16.24 -39.52
C GLY D 377 1.35 16.40 -40.65
N PRO D 378 2.43 17.15 -40.43
CA PRO D 378 3.42 17.34 -41.50
C PRO D 378 4.08 16.05 -41.96
N LEU D 379 4.10 15.01 -41.14
CA LEU D 379 4.79 13.77 -41.51
C LEU D 379 3.92 12.81 -42.31
N VAL D 380 2.61 13.01 -42.34
CA VAL D 380 1.70 12.04 -42.95
C VAL D 380 0.77 12.65 -43.98
N LEU D 381 0.50 13.95 -43.94
CA LEU D 381 -0.49 14.51 -44.84
C LEU D 381 0.06 14.61 -46.26
N PRO D 382 -0.78 14.46 -47.27
CA PRO D 382 -0.31 14.67 -48.65
C PRO D 382 0.17 16.09 -48.84
N ALA D 383 1.16 16.24 -49.74
CA ALA D 383 1.71 17.56 -49.99
C ALA D 383 0.63 18.56 -50.40
N SER D 384 -0.44 18.09 -51.04
CA SER D 384 -1.54 18.97 -51.40
C SER D 384 -2.17 19.60 -50.16
N GLU D 385 -2.48 18.76 -49.15
CA GLU D 385 -3.09 19.27 -47.93
C GLU D 385 -2.15 20.21 -47.19
N GLN D 386 -0.86 19.87 -47.17
CA GLN D 386 0.11 20.74 -46.50
C GLN D 386 0.21 22.09 -47.18
N LEU D 387 0.24 22.10 -48.52
CA LEU D 387 0.28 23.37 -49.24
C LEU D 387 -0.99 24.17 -49.01
N LEU D 388 -2.15 23.50 -48.98
CA LEU D 388 -3.39 24.20 -48.68
C LEU D 388 -3.33 24.83 -47.29
N PHE D 389 -2.82 24.09 -46.31
CA PHE D 389 -2.70 24.64 -44.96
C PHE D 389 -1.77 25.84 -44.94
N LEU D 390 -0.61 25.74 -45.63
CA LEU D 390 0.34 26.84 -45.63
C LEU D 390 -0.24 28.08 -46.30
N MET D 391 -0.99 27.89 -47.38
CA MET D 391 -1.54 29.04 -48.10
C MET D 391 -2.47 29.86 -47.20
N THR D 392 -3.42 29.20 -46.55
CA THR D 392 -4.36 29.88 -45.65
C THR D 392 -3.76 30.03 -44.25
N LEU D 393 -2.60 30.68 -44.21
CA LEU D 393 -1.87 30.86 -42.97
C LEU D 393 -1.12 32.18 -42.97
N PRO D 408 -5.67 20.18 -41.60
CA PRO D 408 -6.25 19.65 -42.84
C PRO D 408 -7.08 18.39 -42.60
N ASP D 409 -7.23 17.58 -43.65
CA ASP D 409 -8.03 16.36 -43.60
C ASP D 409 -7.10 15.18 -43.36
N PHE D 410 -7.15 14.64 -42.14
CA PHE D 410 -6.35 13.47 -41.80
C PHE D 410 -6.98 12.16 -42.26
N LYS D 411 -8.26 12.18 -42.64
CA LYS D 411 -8.88 10.96 -43.17
C LYS D 411 -8.17 10.50 -44.43
N GLN D 412 -7.56 11.42 -45.17
CA GLN D 412 -6.85 11.06 -46.39
C GLN D 412 -5.45 10.55 -46.12
N ALA D 413 -4.91 10.80 -44.92
CA ALA D 413 -3.56 10.35 -44.61
C ALA D 413 -3.52 8.91 -44.09
N PHE D 414 -4.66 8.37 -43.67
CA PHE D 414 -4.69 7.05 -43.05
C PHE D 414 -5.89 6.27 -43.54
N GLU D 415 -5.75 4.95 -43.59
CA GLU D 415 -6.87 4.06 -43.85
C GLU D 415 -7.53 3.61 -42.56
N HIS D 416 -6.77 3.40 -41.49
CA HIS D 416 -7.29 2.85 -40.25
C HIS D 416 -6.89 3.71 -39.07
N PHE D 417 -7.78 3.79 -38.09
CA PHE D 417 -7.58 4.57 -36.88
C PHE D 417 -7.77 3.68 -35.67
N CYS D 418 -6.88 3.84 -34.69
CA CYS D 418 -6.96 3.12 -33.41
C CYS D 418 -6.83 4.17 -32.32
N ILE D 419 -7.97 4.66 -31.85
CA ILE D 419 -8.03 5.62 -30.76
C ILE D 419 -8.09 4.85 -29.46
N HIS D 420 -7.19 5.19 -28.54
CA HIS D 420 -7.13 4.49 -27.25
C HIS D 420 -8.50 4.54 -26.59
N ALA D 421 -8.94 3.39 -26.07
CA ALA D 421 -10.27 3.28 -25.50
C ALA D 421 -10.27 3.76 -24.05
N GLY D 422 -9.77 4.97 -23.82
CA GLY D 422 -9.71 5.56 -22.50
C GLY D 422 -10.94 6.34 -22.11
N GLY D 423 -11.97 6.33 -22.94
CA GLY D 423 -13.19 7.05 -22.63
C GLY D 423 -14.09 7.24 -23.84
N ARG D 424 -15.39 7.12 -23.64
CA ARG D 424 -16.33 7.34 -24.72
C ARG D 424 -16.28 8.78 -25.22
N ALA D 425 -16.16 9.73 -24.29
CA ALA D 425 -16.18 11.14 -24.67
C ALA D 425 -14.99 11.50 -25.55
N VAL D 426 -13.82 10.91 -25.29
CA VAL D 426 -12.64 11.22 -26.10
C VAL D 426 -12.85 10.73 -27.53
N ILE D 427 -13.39 9.53 -27.70
CA ILE D 427 -13.69 9.04 -29.05
C ILE D 427 -14.72 9.93 -29.72
N ASP D 428 -15.75 10.34 -28.97
CA ASP D 428 -16.76 11.24 -29.53
C ASP D 428 -16.12 12.52 -30.04
N GLU D 429 -15.26 13.13 -29.22
CA GLU D 429 -14.67 14.42 -29.57
C GLU D 429 -13.69 14.27 -30.74
N LEU D 430 -12.89 13.22 -30.76
CA LEU D 430 -12.01 13.01 -31.90
C LEU D 430 -12.80 12.80 -33.18
N GLN D 431 -13.88 12.02 -33.12
CA GLN D 431 -14.71 11.82 -34.30
C GLN D 431 -15.32 13.13 -34.77
N LYS D 432 -15.77 13.97 -33.84
CA LYS D 432 -16.37 15.24 -34.21
C LYS D 432 -15.34 16.18 -34.85
N ASN D 433 -14.17 16.28 -34.24
CA ASN D 433 -13.18 17.26 -34.70
C ASN D 433 -12.52 16.82 -36.01
N LEU D 434 -12.16 15.54 -36.11
CA LEU D 434 -11.55 15.03 -37.33
C LEU D 434 -12.58 14.64 -38.38
N GLN D 435 -13.87 14.73 -38.07
CA GLN D 435 -14.93 14.38 -39.02
C GLN D 435 -14.82 12.92 -39.45
N LEU D 436 -14.41 12.06 -38.53
CA LEU D 436 -14.32 10.64 -38.83
C LEU D 436 -15.71 10.04 -38.98
N SER D 437 -15.82 9.05 -39.86
CA SER D 437 -17.08 8.36 -40.07
C SER D 437 -17.31 7.33 -38.97
N ALA D 438 -18.52 6.77 -38.95
CA ALA D 438 -18.84 5.75 -37.96
C ALA D 438 -17.98 4.51 -38.14
N GLU D 439 -17.62 4.18 -39.39
CA GLU D 439 -16.81 3.00 -39.66
C GLU D 439 -15.34 3.23 -39.33
N GLN D 440 -14.89 4.48 -39.26
CA GLN D 440 -13.49 4.75 -38.96
C GLN D 440 -13.20 4.73 -37.47
N VAL D 441 -14.21 4.93 -36.62
CA VAL D 441 -14.07 4.77 -35.18
C VAL D 441 -14.70 3.47 -34.70
N GLU D 442 -15.10 2.59 -35.62
CA GLU D 442 -15.79 1.37 -35.24
C GLU D 442 -14.92 0.48 -34.37
N ALA D 443 -13.64 0.34 -34.73
CA ALA D 443 -12.77 -0.53 -33.96
C ALA D 443 -12.61 -0.05 -32.53
N SER D 444 -12.43 1.25 -32.34
CA SER D 444 -12.26 1.80 -30.99
C SER D 444 -13.52 1.62 -30.15
N ARG D 445 -14.68 1.96 -30.72
CA ARG D 445 -15.92 1.81 -29.98
C ARG D 445 -16.19 0.35 -29.63
N MET D 446 -15.96 -0.55 -30.58
CA MET D 446 -16.19 -1.96 -30.34
C MET D 446 -15.22 -2.50 -29.30
N THR D 447 -13.96 -2.04 -29.32
CA THR D 447 -13.00 -2.48 -28.31
C THR D 447 -13.41 -2.00 -26.94
N LEU D 448 -13.87 -0.75 -26.83
CA LEU D 448 -14.35 -0.26 -25.54
C LEU D 448 -15.55 -1.08 -25.07
N HIS D 449 -16.46 -1.41 -25.98
CA HIS D 449 -17.64 -2.18 -25.61
C HIS D 449 -17.27 -3.60 -25.18
N ARG D 450 -16.30 -4.22 -25.85
CA ARG D 450 -16.01 -5.63 -25.63
C ARG D 450 -15.08 -5.84 -24.45
N PHE D 451 -13.98 -5.09 -24.40
CA PHE D 451 -12.92 -5.31 -23.41
C PHE D 451 -12.81 -4.17 -22.41
N GLY D 452 -13.64 -3.14 -22.52
CA GLY D 452 -13.51 -2.02 -21.61
C GLY D 452 -12.24 -1.25 -21.86
N ASN D 453 -11.71 -0.65 -20.80
CA ASN D 453 -10.50 0.17 -20.87
C ASN D 453 -9.32 -0.67 -20.37
N THR D 454 -8.67 -1.37 -21.28
CA THR D 454 -7.39 -2.01 -21.01
C THR D 454 -6.31 -0.99 -21.31
N SER D 455 -5.55 -0.61 -20.28
CA SER D 455 -4.86 0.68 -20.30
C SER D 455 -4.00 0.87 -21.53
N SER D 456 -2.93 0.09 -21.69
CA SER D 456 -1.98 0.30 -22.77
C SER D 456 -2.07 -0.75 -23.86
N SER D 457 -2.91 -1.77 -23.71
CA SER D 457 -3.05 -2.81 -24.69
C SER D 457 -4.29 -2.64 -25.57
N SER D 458 -5.10 -1.62 -25.33
CA SER D 458 -6.33 -1.46 -26.10
C SER D 458 -6.05 -1.21 -27.57
N LEU D 459 -4.95 -0.54 -27.89
CA LEU D 459 -4.59 -0.31 -29.29
C LEU D 459 -4.45 -1.62 -30.04
N TRP D 460 -3.92 -2.65 -29.38
CA TRP D 460 -3.72 -3.93 -30.04
C TRP D 460 -5.02 -4.71 -30.16
N TYR D 461 -5.95 -4.55 -29.24
CA TYR D 461 -7.29 -5.10 -29.42
C TYR D 461 -7.98 -4.44 -30.60
N GLU D 462 -7.81 -3.13 -30.77
CA GLU D 462 -8.38 -2.45 -31.93
C GLU D 462 -7.76 -2.92 -33.23
N MET D 463 -6.44 -3.10 -33.23
CA MET D 463 -5.76 -3.66 -34.40
C MET D 463 -6.28 -5.05 -34.73
N SER D 464 -6.48 -5.89 -33.70
CA SER D 464 -7.02 -7.21 -33.92
C SER D 464 -8.44 -7.15 -34.48
N TYR D 465 -9.24 -6.21 -34.00
CA TYR D 465 -10.59 -6.04 -34.53
C TYR D 465 -10.54 -5.71 -36.00
N ILE D 466 -9.67 -4.79 -36.40
CA ILE D 466 -9.58 -4.44 -37.81
C ILE D 466 -9.12 -5.65 -38.62
N GLU D 467 -8.15 -6.40 -38.10
CA GLU D 467 -7.63 -7.56 -38.83
C GLU D 467 -8.69 -8.64 -38.99
N GLU D 468 -9.51 -8.86 -37.97
CA GLU D 468 -10.46 -9.97 -37.98
C GLU D 468 -11.70 -9.70 -38.82
N LYS D 469 -11.95 -8.45 -39.21
CA LYS D 469 -12.98 -8.15 -40.19
C LYS D 469 -12.46 -8.26 -41.62
N GLY D 470 -11.20 -8.62 -41.79
CA GLY D 470 -10.59 -8.71 -43.11
C GLY D 470 -10.46 -7.37 -43.80
N ARG D 471 -10.16 -6.31 -43.05
CA ARG D 471 -10.11 -4.97 -43.58
C ARG D 471 -8.70 -4.41 -43.67
N MET D 472 -7.68 -5.16 -43.26
CA MET D 472 -6.30 -4.69 -43.28
C MET D 472 -5.62 -5.26 -44.52
N LYS D 473 -5.48 -4.43 -45.55
CA LYS D 473 -4.88 -4.81 -46.81
C LYS D 473 -3.43 -4.32 -46.87
N LYS D 474 -2.65 -4.95 -47.75
CA LYS D 474 -1.27 -4.55 -47.93
C LYS D 474 -1.18 -3.10 -48.36
N GLY D 475 -0.31 -2.34 -47.70
CA GLY D 475 -0.10 -0.95 -48.01
C GLY D 475 -0.98 0.02 -47.25
N ASP D 476 -1.93 -0.47 -46.45
CA ASP D 476 -2.78 0.41 -45.68
C ASP D 476 -2.00 1.09 -44.57
N ARG D 477 -2.43 2.28 -44.20
CA ARG D 477 -1.78 3.08 -43.16
C ARG D 477 -2.67 3.13 -41.93
N VAL D 478 -2.08 2.86 -40.77
CA VAL D 478 -2.78 2.78 -39.51
C VAL D 478 -2.22 3.84 -38.57
N TRP D 479 -3.10 4.61 -37.96
CA TRP D 479 -2.75 5.64 -37.00
C TRP D 479 -3.27 5.24 -35.63
N GLN D 480 -2.36 4.91 -34.71
CA GLN D 480 -2.70 4.62 -33.32
C GLN D 480 -2.40 5.84 -32.47
N ILE D 481 -3.32 6.20 -31.58
CA ILE D 481 -3.12 7.32 -30.67
C ILE D 481 -3.49 6.90 -29.26
N ALA D 482 -2.63 7.20 -28.30
CA ALA D 482 -2.86 6.88 -26.89
C ALA D 482 -2.52 8.10 -26.03
N PHE D 483 -3.10 8.13 -24.83
CA PHE D 483 -2.92 9.25 -23.92
C PHE D 483 -3.04 8.75 -22.49
N GLY D 484 -2.41 9.47 -21.57
CA GLY D 484 -2.45 9.05 -20.19
C GLY D 484 -1.65 9.98 -19.29
N SER D 485 -1.52 9.58 -18.03
CA SER D 485 -1.05 10.45 -16.94
C SER D 485 0.28 11.14 -17.22
N GLY D 486 0.55 12.22 -16.49
CA GLY D 486 1.58 13.20 -16.83
C GLY D 486 1.06 14.03 -17.98
N PHE D 487 -0.14 13.64 -18.39
CA PHE D 487 -0.66 13.76 -19.74
C PHE D 487 0.43 13.69 -20.81
N LYS D 488 1.06 12.54 -20.90
CA LYS D 488 1.69 12.14 -22.14
C LYS D 488 0.63 11.78 -23.16
N CYS D 489 0.91 12.12 -24.43
CA CYS D 489 0.07 11.73 -25.56
C CYS D 489 0.98 11.28 -26.67
N ASN D 490 0.84 10.03 -27.08
CA ASN D 490 1.75 9.43 -28.04
C ASN D 490 0.96 8.88 -29.23
N SER D 491 1.64 8.79 -30.37
CA SER D 491 1.01 8.35 -31.60
C SER D 491 2.00 7.53 -32.40
N ALA D 492 1.47 6.59 -33.17
CA ALA D 492 2.27 5.73 -34.02
C ALA D 492 1.58 5.58 -35.36
N VAL D 493 2.37 5.49 -36.41
CA VAL D 493 1.90 5.26 -37.77
C VAL D 493 2.57 3.98 -38.27
N TRP D 494 1.75 3.00 -38.65
CA TRP D 494 2.18 1.73 -39.20
C TRP D 494 1.72 1.61 -40.64
N LYS D 495 2.42 0.77 -41.41
CA LYS D 495 2.03 0.44 -42.78
C LYS D 495 1.93 -1.07 -42.89
N CYS D 496 0.76 -1.55 -43.29
CA CYS D 496 0.57 -2.98 -43.48
C CYS D 496 1.56 -3.50 -44.51
N ASN D 497 2.26 -4.58 -44.14
CA ASN D 497 3.28 -5.17 -45.01
C ASN D 497 2.74 -6.29 -45.87
N LYS D 498 1.66 -6.95 -45.44
CA LYS D 498 1.02 -8.00 -46.22
C LYS D 498 -0.44 -8.04 -45.83
N THR D 499 -1.30 -8.40 -46.78
CA THR D 499 -2.72 -8.53 -46.48
C THR D 499 -2.90 -9.58 -45.40
N ILE D 500 -3.67 -9.23 -44.37
CA ILE D 500 -3.83 -10.07 -43.19
C ILE D 500 -5.03 -10.98 -43.38
N LYS D 501 -4.80 -12.29 -43.29
CA LYS D 501 -5.87 -13.27 -43.32
C LYS D 501 -6.40 -13.49 -41.92
N THR D 502 -7.71 -13.70 -41.81
CA THR D 502 -8.31 -13.94 -40.51
C THR D 502 -7.82 -15.26 -39.92
N THR D 503 -7.72 -15.29 -38.59
CA THR D 503 -7.29 -16.48 -37.89
C THR D 503 -8.28 -16.84 -36.79
N THR D 504 -7.92 -17.78 -35.92
CA THR D 504 -8.78 -18.18 -34.82
C THR D 504 -8.15 -17.94 -33.46
N ASP D 505 -6.85 -17.69 -33.38
CA ASP D 505 -6.17 -17.43 -32.11
C ASP D 505 -6.04 -15.91 -31.90
N ASN D 506 -7.18 -15.27 -31.76
CA ASN D 506 -7.27 -13.84 -31.50
C ASN D 506 -8.35 -13.60 -30.45
N PRO D 507 -8.31 -12.47 -29.75
CA PRO D 507 -9.33 -12.20 -28.74
C PRO D 507 -10.74 -12.05 -29.31
N TRP D 508 -10.88 -11.76 -30.60
CA TRP D 508 -12.18 -11.51 -31.21
C TRP D 508 -12.77 -12.74 -31.90
N SER D 509 -12.11 -13.89 -31.80
CA SER D 509 -12.51 -15.03 -32.63
C SER D 509 -13.94 -15.47 -32.32
N ASP D 510 -14.35 -15.41 -31.06
CA ASP D 510 -15.63 -15.96 -30.65
C ASP D 510 -16.76 -14.94 -30.66
N CYS D 511 -16.51 -13.69 -31.05
CA CYS D 511 -17.53 -12.67 -31.05
C CYS D 511 -17.51 -11.75 -32.27
N ILE D 512 -16.55 -11.92 -33.19
CA ILE D 512 -16.42 -10.96 -34.28
C ILE D 512 -17.62 -11.04 -35.21
N ASP D 513 -18.24 -12.20 -35.35
CA ASP D 513 -19.32 -12.36 -36.31
C ASP D 513 -20.55 -11.52 -35.98
N ARG D 514 -20.64 -10.98 -34.77
CA ARG D 514 -21.76 -10.15 -34.37
C ARG D 514 -21.39 -8.78 -33.86
N TYR D 515 -20.11 -8.52 -33.57
CA TYR D 515 -19.77 -7.40 -32.71
C TYR D 515 -19.98 -6.00 -33.26
N PRO D 516 -20.10 -5.76 -34.56
CA PRO D 516 -20.53 -4.41 -34.96
C PRO D 516 -21.96 -4.16 -34.50
N VAL D 517 -22.09 -3.85 -33.21
CA VAL D 517 -23.37 -3.82 -32.53
C VAL D 517 -23.76 -2.37 -32.26
N HIS D 518 -25.01 -2.17 -31.86
CA HIS D 518 -25.50 -0.86 -31.49
C HIS D 518 -25.23 -0.62 -30.01
N ILE D 519 -24.58 0.50 -29.71
CA ILE D 519 -24.22 0.88 -28.35
C ILE D 519 -25.16 2.02 -27.93
N PRO D 520 -26.12 1.79 -27.03
CA PRO D 520 -27.02 2.87 -26.65
C PRO D 520 -26.32 3.95 -25.85
N GLU D 521 -26.88 5.16 -25.93
CA GLU D 521 -26.29 6.28 -25.19
C GLU D 521 -26.33 6.05 -23.68
N ILE D 522 -27.46 5.54 -23.18
CA ILE D 522 -27.63 5.25 -21.76
C ILE D 522 -28.00 3.78 -21.62
N VAL D 523 -27.27 3.07 -20.78
CA VAL D 523 -27.56 1.68 -20.47
C VAL D 523 -28.40 1.65 -19.20
N LYS D 524 -29.65 1.22 -19.32
CA LYS D 524 -30.57 1.22 -18.18
C LYS D 524 -30.34 -0.03 -17.33
N LEU D 525 -30.29 0.16 -16.02
CA LEU D 525 -30.18 -0.96 -15.10
C LEU D 525 -31.58 -1.45 -14.72
#